data_2KCY
#
_entry.id   2KCY
#
_entity_poly.entity_id   1
_entity_poly.type   'polypeptide(L)'
_entity_poly.pdbx_seq_one_letter_code
;GDRRVRLIRTRGGNTKVRLASDTRINVVDPETGKVEIAEIRNVVENTANPHFVRRNIITRGAVVETNLGNVRVTSRPGQD
GVINGVLIRELEHHHHHH
;
_entity_poly.pdbx_strand_id   A
#
# COMPACT_ATOMS: atom_id res chain seq x y z
N GLY A 1 -31.26 10.62 -14.76
CA GLY A 1 -32.25 10.22 -13.75
C GLY A 1 -31.68 10.30 -12.34
N ASP A 2 -31.23 9.14 -11.82
CA ASP A 2 -30.59 9.04 -10.50
C ASP A 2 -29.23 9.76 -10.52
N ARG A 3 -29.10 10.82 -9.71
CA ARG A 3 -27.88 11.64 -9.60
C ARG A 3 -26.92 11.00 -8.59
N ARG A 4 -26.27 9.93 -9.05
CA ARG A 4 -25.36 9.10 -8.26
C ARG A 4 -24.00 9.81 -8.07
N VAL A 5 -23.81 10.40 -6.88
CA VAL A 5 -22.57 11.11 -6.50
C VAL A 5 -21.57 10.11 -5.91
N ARG A 6 -20.40 9.96 -6.56
CA ARG A 6 -19.28 9.15 -6.08
C ARG A 6 -18.10 10.11 -5.83
N LEU A 7 -18.16 10.84 -4.70
CA LEU A 7 -17.12 11.83 -4.36
C LEU A 7 -15.86 11.12 -3.84
N ILE A 8 -14.89 10.94 -4.74
CA ILE A 8 -13.57 10.41 -4.40
C ILE A 8 -12.60 11.60 -4.27
N ARG A 9 -12.55 12.17 -3.05
CA ARG A 9 -11.70 13.33 -2.74
C ARG A 9 -10.21 12.95 -2.95
N THR A 10 -9.48 13.78 -3.70
CA THR A 10 -8.07 13.52 -4.04
C THR A 10 -7.17 13.84 -2.81
N ARG A 11 -7.18 12.92 -1.84
CA ARG A 11 -6.41 13.05 -0.59
C ARG A 11 -5.00 12.47 -0.87
N GLY A 12 -3.99 13.35 -0.86
CA GLY A 12 -2.61 12.95 -1.17
C GLY A 12 -1.66 14.14 -1.20
N GLY A 13 -1.04 14.42 -0.05
CA GLY A 13 0.02 15.43 0.06
C GLY A 13 1.37 14.81 0.37
N ASN A 14 2.14 15.43 1.26
CA ASN A 14 3.47 14.93 1.72
C ASN A 14 3.44 14.73 3.25
N THR A 15 2.23 14.45 3.79
CA THR A 15 2.01 14.27 5.22
C THR A 15 2.74 13.02 5.76
N LYS A 16 3.81 13.25 6.53
CA LYS A 16 4.60 12.20 7.18
C LYS A 16 3.90 11.75 8.48
N VAL A 17 3.52 10.47 8.52
CA VAL A 17 2.79 9.86 9.65
C VAL A 17 2.83 8.33 9.51
N ARG A 18 2.69 7.60 10.63
CA ARG A 18 2.56 6.13 10.62
C ARG A 18 1.14 5.75 10.13
N LEU A 19 1.06 4.58 9.47
CA LEU A 19 -0.17 4.07 8.82
C LEU A 19 -1.43 4.13 9.76
N ALA A 20 -2.23 5.16 9.54
CA ALA A 20 -3.50 5.41 10.24
C ALA A 20 -4.29 6.45 9.44
N SER A 21 -3.66 7.61 9.22
CA SER A 21 -4.19 8.68 8.34
C SER A 21 -3.59 8.59 6.93
N ASP A 22 -2.55 7.75 6.79
CA ASP A 22 -1.86 7.47 5.50
C ASP A 22 -1.37 6.03 5.54
N THR A 23 -2.17 5.11 5.00
CA THR A 23 -1.85 3.68 4.96
C THR A 23 -0.65 3.45 4.00
N ARG A 24 0.49 3.02 4.55
CA ARG A 24 1.72 2.80 3.77
C ARG A 24 1.96 1.29 3.62
N ILE A 25 2.50 0.90 2.46
CA ILE A 25 2.76 -0.51 2.13
C ILE A 25 4.03 -0.62 1.26
N ASN A 26 4.86 -1.63 1.52
CA ASN A 26 6.05 -1.92 0.72
C ASN A 26 5.62 -2.87 -0.39
N VAL A 27 5.43 -2.32 -1.59
CA VAL A 27 4.98 -3.06 -2.75
C VAL A 27 6.20 -3.65 -3.46
N VAL A 28 6.33 -4.98 -3.38
CA VAL A 28 7.41 -5.72 -4.02
C VAL A 28 6.91 -6.29 -5.34
N ASP A 29 7.26 -5.60 -6.44
CA ASP A 29 6.95 -6.03 -7.80
C ASP A 29 7.62 -7.41 -8.04
N PRO A 30 6.83 -8.52 -8.20
CA PRO A 30 7.38 -9.89 -8.19
C PRO A 30 8.08 -10.27 -9.52
N GLU A 31 7.79 -9.52 -10.61
CA GLU A 31 8.40 -9.78 -11.93
C GLU A 31 9.61 -8.84 -12.16
N THR A 32 9.44 -7.53 -11.91
CA THR A 32 10.43 -6.50 -12.23
C THR A 32 11.40 -6.24 -11.05
N GLY A 33 10.89 -6.42 -9.81
CA GLY A 33 11.70 -6.25 -8.59
C GLY A 33 11.59 -4.87 -7.96
N LYS A 34 10.69 -4.01 -8.51
CA LYS A 34 10.45 -2.65 -7.97
C LYS A 34 9.88 -2.72 -6.53
N VAL A 35 10.72 -2.37 -5.54
CA VAL A 35 10.30 -2.31 -4.13
C VAL A 35 10.13 -0.83 -3.74
N GLU A 36 8.87 -0.39 -3.60
CA GLU A 36 8.50 1.01 -3.37
C GLU A 36 7.40 1.10 -2.32
N ILE A 37 7.51 2.09 -1.42
CA ILE A 37 6.51 2.34 -0.40
C ILE A 37 5.38 3.19 -1.02
N ALA A 38 4.29 2.52 -1.38
CA ALA A 38 3.09 3.16 -1.92
C ALA A 38 2.05 3.38 -0.80
N GLU A 39 0.96 4.08 -1.13
CA GLU A 39 -0.16 4.31 -0.20
C GLU A 39 -1.33 3.45 -0.66
N ILE A 40 -1.99 2.74 0.28
CA ILE A 40 -3.22 2.01 -0.02
C ILE A 40 -4.37 3.04 -0.15
N ARG A 41 -4.83 3.20 -1.40
CA ARG A 41 -5.81 4.22 -1.80
C ARG A 41 -7.23 3.72 -1.49
N ASN A 42 -7.51 2.50 -1.88
CA ASN A 42 -8.78 1.80 -1.59
C ASN A 42 -8.47 0.37 -1.17
N VAL A 43 -9.36 -0.23 -0.37
CA VAL A 43 -9.27 -1.66 0.02
C VAL A 43 -10.42 -2.39 -0.70
N VAL A 44 -10.61 -2.02 -1.99
CA VAL A 44 -11.59 -2.62 -2.88
C VAL A 44 -11.17 -4.06 -3.26
N GLU A 45 -11.59 -4.99 -2.39
CA GLU A 45 -11.46 -6.44 -2.63
C GLU A 45 -12.87 -6.94 -2.95
N ASN A 46 -13.83 -6.56 -2.08
CA ASN A 46 -15.25 -6.92 -2.22
C ASN A 46 -16.13 -5.66 -2.09
N THR A 47 -15.66 -4.65 -1.33
CA THR A 47 -16.35 -3.34 -1.21
C THR A 47 -16.12 -2.48 -2.49
N ALA A 48 -16.92 -2.80 -3.52
CA ALA A 48 -16.84 -2.14 -4.84
C ALA A 48 -17.70 -0.87 -4.84
N ASN A 49 -17.14 0.21 -5.46
CA ASN A 49 -17.72 1.57 -5.53
C ASN A 49 -17.80 2.22 -4.12
N PRO A 50 -17.12 3.40 -3.92
CA PRO A 50 -17.24 4.19 -2.66
C PRO A 50 -18.71 4.47 -2.24
N HIS A 51 -19.21 3.68 -1.27
CA HIS A 51 -20.55 3.87 -0.68
C HIS A 51 -20.43 4.10 0.84
N PHE A 52 -19.95 5.30 1.22
CA PHE A 52 -19.71 5.72 2.63
C PHE A 52 -18.66 4.79 3.31
N VAL A 53 -17.80 4.16 2.49
CA VAL A 53 -16.81 3.19 2.98
C VAL A 53 -15.41 3.82 3.11
N ARG A 54 -14.74 3.50 4.22
CA ARG A 54 -13.35 3.89 4.50
C ARG A 54 -12.65 2.74 5.24
N ARG A 55 -13.14 1.51 4.95
CA ARG A 55 -12.72 0.27 5.62
C ARG A 55 -11.21 0.02 5.46
N ASN A 56 -10.47 0.12 6.56
CA ASN A 56 -9.02 -0.17 6.61
C ASN A 56 -8.79 -1.51 7.36
N ILE A 57 -9.78 -2.43 7.23
CA ILE A 57 -9.63 -3.82 7.68
C ILE A 57 -8.89 -4.59 6.56
N ILE A 58 -7.56 -4.49 6.63
CA ILE A 58 -6.63 -5.03 5.63
C ILE A 58 -6.02 -6.32 6.18
N THR A 59 -6.30 -7.45 5.52
CA THR A 59 -5.84 -8.78 5.96
C THR A 59 -4.91 -9.42 4.92
N ARG A 60 -4.15 -10.45 5.33
CA ARG A 60 -3.27 -11.20 4.43
C ARG A 60 -4.11 -11.99 3.39
N GLY A 61 -3.67 -11.94 2.12
CA GLY A 61 -4.39 -12.55 1.01
C GLY A 61 -5.42 -11.63 0.38
N ALA A 62 -5.60 -10.43 0.95
CA ALA A 62 -6.56 -9.43 0.43
C ALA A 62 -5.96 -8.66 -0.75
N VAL A 63 -6.81 -8.30 -1.72
CA VAL A 63 -6.44 -7.41 -2.82
C VAL A 63 -6.73 -5.95 -2.39
N VAL A 64 -5.67 -5.18 -2.23
CA VAL A 64 -5.76 -3.74 -1.94
C VAL A 64 -5.33 -2.96 -3.19
N GLU A 65 -5.73 -1.71 -3.28
CA GLU A 65 -5.28 -0.78 -4.34
C GLU A 65 -4.21 0.16 -3.77
N THR A 66 -3.14 0.41 -4.53
CA THR A 66 -2.04 1.30 -4.13
C THR A 66 -1.68 2.25 -5.28
N ASN A 67 -0.62 3.07 -5.08
CA ASN A 67 -0.07 3.97 -6.13
C ASN A 67 0.41 3.20 -7.37
N LEU A 68 0.82 1.93 -7.18
CA LEU A 68 1.39 1.08 -8.24
C LEU A 68 0.32 0.12 -8.81
N GLY A 69 -0.91 0.17 -8.25
CA GLY A 69 -2.01 -0.70 -8.65
C GLY A 69 -2.39 -1.67 -7.54
N ASN A 70 -3.10 -2.75 -7.88
CA ASN A 70 -3.56 -3.75 -6.90
C ASN A 70 -2.40 -4.63 -6.40
N VAL A 71 -2.38 -4.89 -5.08
CA VAL A 71 -1.31 -5.67 -4.40
C VAL A 71 -1.95 -6.77 -3.51
N ARG A 72 -1.26 -7.92 -3.38
CA ARG A 72 -1.59 -8.95 -2.37
C ARG A 72 -0.89 -8.56 -1.08
N VAL A 73 -1.64 -8.49 0.01
CA VAL A 73 -1.07 -8.27 1.34
C VAL A 73 -0.40 -9.59 1.77
N THR A 74 0.94 -9.62 1.86
CA THR A 74 1.70 -10.85 2.18
C THR A 74 1.99 -10.93 3.68
N SER A 75 1.95 -9.75 4.33
CA SER A 75 2.21 -9.59 5.76
C SER A 75 0.90 -9.29 6.52
N ARG A 76 1.03 -8.94 7.81
CA ARG A 76 -0.06 -8.41 8.62
C ARG A 76 0.26 -6.92 8.92
N PRO A 77 -0.74 -5.99 8.83
CA PRO A 77 -0.56 -4.57 9.24
C PRO A 77 -0.17 -4.47 10.73
N GLY A 78 1.11 -4.21 11.00
CA GLY A 78 1.63 -4.11 12.37
C GLY A 78 2.88 -4.96 12.61
N GLN A 79 3.29 -5.77 11.60
CA GLN A 79 4.52 -6.59 11.70
C GLN A 79 5.77 -5.69 11.72
N ASP A 80 6.10 -5.10 10.56
CA ASP A 80 7.17 -4.08 10.44
C ASP A 80 6.58 -2.68 10.71
N GLY A 81 5.54 -2.61 11.56
CA GLY A 81 4.62 -1.48 11.60
C GLY A 81 3.84 -1.36 10.30
N VAL A 82 4.55 -0.89 9.26
CA VAL A 82 4.07 -0.80 7.88
C VAL A 82 3.63 -2.18 7.31
N ILE A 83 2.75 -2.13 6.30
CA ILE A 83 2.28 -3.32 5.54
C ILE A 83 3.32 -3.62 4.44
N ASN A 84 3.44 -4.89 4.03
CA ASN A 84 4.19 -5.25 2.80
C ASN A 84 3.44 -6.32 2.01
N GLY A 85 3.74 -6.39 0.70
CA GLY A 85 3.03 -7.27 -0.21
C GLY A 85 3.71 -7.40 -1.56
N VAL A 86 3.03 -8.06 -2.52
CA VAL A 86 3.53 -8.23 -3.91
C VAL A 86 2.53 -7.66 -4.91
N LEU A 87 3.02 -6.91 -5.91
CA LEU A 87 2.17 -6.26 -6.93
C LEU A 87 1.52 -7.31 -7.84
N ILE A 88 0.21 -7.18 -8.09
CA ILE A 88 -0.59 -8.15 -8.87
C ILE A 88 -1.44 -7.44 -9.94
N ARG A 89 -2.00 -8.25 -10.87
CA ARG A 89 -2.75 -7.75 -12.03
C ARG A 89 -4.20 -8.25 -11.97
N GLU A 90 -4.87 -8.08 -10.80
CA GLU A 90 -6.30 -8.46 -10.61
C GLU A 90 -7.22 -7.56 -11.45
N LEU A 91 -7.14 -6.25 -11.17
CA LEU A 91 -7.93 -5.23 -11.88
C LEU A 91 -7.12 -4.59 -13.03
N GLU A 92 -7.86 -3.88 -13.88
CA GLU A 92 -7.35 -3.06 -15.00
C GLU A 92 -6.50 -3.89 -15.99
N HIS A 93 -7.19 -4.72 -16.78
CA HIS A 93 -6.58 -5.51 -17.88
C HIS A 93 -6.80 -4.77 -19.21
N HIS A 94 -8.06 -4.73 -19.67
CA HIS A 94 -8.44 -4.04 -20.92
C HIS A 94 -8.59 -2.54 -20.63
N HIS A 95 -9.58 -2.18 -19.79
CA HIS A 95 -9.73 -0.78 -19.30
C HIS A 95 -8.72 -0.54 -18.18
N HIS A 96 -8.11 0.65 -18.17
CA HIS A 96 -7.21 1.09 -17.09
C HIS A 96 -7.79 2.36 -16.45
N HIS A 97 -9.14 2.39 -16.39
CA HIS A 97 -9.92 3.48 -15.80
C HIS A 97 -11.09 2.87 -15.00
N HIS A 98 -11.38 3.46 -13.83
CA HIS A 98 -12.48 3.05 -12.94
C HIS A 98 -12.73 4.15 -11.88
N GLY A 1 -1.14 -5.22 -25.79
CA GLY A 1 -1.17 -4.37 -24.57
C GLY A 1 -0.40 -3.07 -24.76
N ASP A 2 0.80 -2.98 -24.14
CA ASP A 2 1.63 -1.75 -24.17
C ASP A 2 3.09 -2.10 -23.86
N ARG A 3 4.01 -1.27 -24.36
CA ARG A 3 5.46 -1.45 -24.19
C ARG A 3 5.87 -0.98 -22.78
N ARG A 4 5.72 -1.87 -21.79
CA ARG A 4 6.18 -1.62 -20.43
C ARG A 4 7.66 -2.01 -20.34
N VAL A 5 8.50 -1.05 -19.95
CA VAL A 5 9.95 -1.26 -19.82
C VAL A 5 10.26 -2.05 -18.53
N ARG A 6 11.18 -3.04 -18.65
CA ARG A 6 11.67 -3.81 -17.51
C ARG A 6 12.77 -2.99 -16.82
N LEU A 7 12.34 -2.09 -15.93
CA LEU A 7 13.24 -1.24 -15.16
C LEU A 7 13.55 -1.96 -13.84
N ILE A 8 14.70 -2.68 -13.81
CA ILE A 8 15.19 -3.35 -12.60
C ILE A 8 15.75 -2.28 -11.65
N ARG A 9 14.85 -1.62 -10.91
CA ARG A 9 15.22 -0.59 -9.93
C ARG A 9 15.47 -1.26 -8.58
N THR A 10 16.76 -1.53 -8.30
CA THR A 10 17.20 -2.08 -7.03
C THR A 10 17.41 -0.92 -6.05
N ARG A 11 16.50 -0.81 -5.07
CA ARG A 11 16.44 0.35 -4.15
C ARG A 11 17.63 0.41 -3.15
N GLY A 12 18.34 -0.72 -3.00
CA GLY A 12 19.48 -0.82 -2.08
C GLY A 12 19.10 -0.54 -0.64
N GLY A 13 19.86 0.39 0.00
CA GLY A 13 19.53 0.87 1.34
C GLY A 13 18.52 2.01 1.28
N ASN A 14 17.25 1.64 1.00
CA ASN A 14 16.15 2.61 0.82
C ASN A 14 15.77 3.28 2.17
N THR A 15 16.44 4.39 2.47
CA THR A 15 16.20 5.20 3.67
C THR A 15 14.88 5.98 3.50
N LYS A 16 13.79 5.36 4.00
CA LYS A 16 12.43 5.89 3.87
C LYS A 16 11.56 5.34 5.00
N VAL A 17 10.72 6.20 5.60
CA VAL A 17 9.71 5.78 6.57
C VAL A 17 8.61 4.98 5.82
N ARG A 18 8.27 3.80 6.34
CA ARG A 18 7.40 2.82 5.64
C ARG A 18 5.94 3.30 5.61
N LEU A 19 5.56 4.16 6.58
CA LEU A 19 4.34 4.98 6.52
C LEU A 19 4.46 6.23 7.39
N ALA A 20 3.97 7.35 6.83
CA ALA A 20 3.85 8.63 7.55
C ALA A 20 2.37 9.08 7.48
N SER A 21 1.81 8.96 6.26
CA SER A 21 0.35 9.00 6.03
C SER A 21 -0.25 7.68 6.56
N ASP A 22 -1.43 7.80 7.24
CA ASP A 22 -2.14 6.74 8.02
C ASP A 22 -1.67 5.28 7.79
N THR A 23 -1.83 4.76 6.56
CA THR A 23 -1.51 3.38 6.24
C THR A 23 -0.93 3.29 4.81
N ARG A 24 0.34 2.92 4.75
CA ARG A 24 1.09 2.71 3.50
C ARG A 24 1.66 1.28 3.49
N ILE A 25 2.06 0.78 2.32
CA ILE A 25 2.45 -0.63 2.12
C ILE A 25 3.74 -0.71 1.28
N ASN A 26 4.60 -1.68 1.62
CA ASN A 26 5.84 -1.94 0.91
C ASN A 26 5.49 -2.88 -0.27
N VAL A 27 5.41 -2.32 -1.49
CA VAL A 27 4.92 -3.04 -2.68
C VAL A 27 6.11 -3.60 -3.45
N VAL A 28 6.29 -4.92 -3.39
CA VAL A 28 7.38 -5.61 -4.07
C VAL A 28 6.88 -6.08 -5.44
N ASP A 29 7.28 -5.35 -6.48
CA ASP A 29 7.00 -5.72 -7.87
C ASP A 29 7.73 -7.05 -8.18
N PRO A 30 6.99 -8.15 -8.50
CA PRO A 30 7.61 -9.50 -8.67
C PRO A 30 8.42 -9.64 -9.98
N GLU A 31 8.17 -8.73 -10.92
CA GLU A 31 8.66 -8.82 -12.30
C GLU A 31 9.96 -8.01 -12.48
N THR A 32 9.92 -6.74 -12.06
CA THR A 32 11.07 -5.81 -12.14
C THR A 32 11.86 -5.75 -10.81
N GLY A 33 11.32 -6.42 -9.76
CA GLY A 33 12.03 -6.56 -8.47
C GLY A 33 11.95 -5.33 -7.58
N LYS A 34 11.28 -4.26 -8.07
CA LYS A 34 11.22 -2.95 -7.39
C LYS A 34 10.43 -3.04 -6.07
N VAL A 35 11.15 -2.98 -4.94
CA VAL A 35 10.54 -2.82 -3.62
C VAL A 35 10.28 -1.33 -3.42
N GLU A 36 9.04 -0.93 -3.65
CA GLU A 36 8.64 0.47 -3.79
C GLU A 36 7.44 0.71 -2.87
N ILE A 37 7.64 1.56 -1.84
CA ILE A 37 6.65 1.74 -0.77
C ILE A 37 5.53 2.69 -1.27
N ALA A 38 4.38 2.09 -1.68
CA ALA A 38 3.24 2.83 -2.27
C ALA A 38 2.10 2.97 -1.27
N GLU A 39 1.17 3.89 -1.55
CA GLU A 39 0.16 4.35 -0.56
C GLU A 39 -1.21 3.77 -0.90
N ILE A 40 -1.93 3.28 0.12
CA ILE A 40 -3.19 2.57 -0.07
C ILE A 40 -4.34 3.58 -0.35
N ARG A 41 -4.86 3.53 -1.57
CA ARG A 41 -6.03 4.30 -2.01
C ARG A 41 -7.32 3.70 -1.42
N ASN A 42 -7.51 2.41 -1.69
CA ASN A 42 -8.71 1.64 -1.29
C ASN A 42 -8.28 0.25 -0.83
N VAL A 43 -9.21 -0.50 -0.20
CA VAL A 43 -9.03 -1.93 0.06
C VAL A 43 -10.17 -2.67 -0.66
N VAL A 44 -9.86 -3.18 -1.87
CA VAL A 44 -10.86 -3.65 -2.83
C VAL A 44 -10.37 -4.94 -3.52
N GLU A 45 -11.23 -5.97 -3.53
CA GLU A 45 -10.96 -7.26 -4.19
C GLU A 45 -12.19 -7.67 -5.02
N ASN A 46 -13.32 -7.89 -4.33
CA ASN A 46 -14.58 -8.33 -4.95
C ASN A 46 -15.71 -7.32 -4.65
N THR A 47 -15.84 -6.31 -5.52
CA THR A 47 -16.91 -5.31 -5.47
C THR A 47 -17.58 -5.22 -6.85
N ALA A 48 -18.82 -5.75 -6.95
CA ALA A 48 -19.64 -5.61 -8.16
C ALA A 48 -20.02 -4.14 -8.32
N ASN A 49 -20.73 -3.61 -7.31
CA ASN A 49 -21.11 -2.18 -7.24
C ASN A 49 -20.43 -1.56 -6.00
N PRO A 50 -19.47 -0.59 -6.18
CA PRO A 50 -18.71 0.03 -5.05
C PRO A 50 -19.58 0.89 -4.11
N HIS A 51 -20.88 1.10 -4.47
CA HIS A 51 -21.86 1.76 -3.59
C HIS A 51 -21.97 1.01 -2.26
N PHE A 52 -21.65 1.72 -1.15
CA PHE A 52 -21.59 1.17 0.22
C PHE A 52 -20.55 0.03 0.30
N VAL A 53 -19.29 0.39 0.55
CA VAL A 53 -18.20 -0.58 0.79
C VAL A 53 -18.24 -1.07 2.25
N ARG A 54 -17.31 -1.99 2.56
CA ARG A 54 -17.09 -2.45 3.95
C ARG A 54 -15.95 -1.62 4.60
N ARG A 55 -15.57 -1.99 5.84
CA ARG A 55 -14.40 -1.39 6.52
C ARG A 55 -13.10 -1.83 5.79
N ASN A 56 -12.02 -1.04 5.92
CA ASN A 56 -10.71 -1.36 5.31
C ASN A 56 -9.99 -2.47 6.11
N ILE A 57 -10.58 -3.68 6.08
CA ILE A 57 -10.02 -4.88 6.70
C ILE A 57 -8.80 -5.38 5.89
N ILE A 58 -7.64 -4.76 6.18
CA ILE A 58 -6.37 -5.19 5.60
C ILE A 58 -5.86 -6.38 6.40
N THR A 59 -5.96 -7.57 5.80
CA THR A 59 -5.57 -8.84 6.42
C THR A 59 -4.87 -9.70 5.36
N ARG A 60 -4.23 -10.80 5.79
CA ARG A 60 -3.49 -11.69 4.88
C ARG A 60 -4.44 -12.29 3.81
N GLY A 61 -4.06 -12.10 2.55
CA GLY A 61 -4.85 -12.54 1.39
C GLY A 61 -5.74 -11.46 0.80
N ALA A 62 -5.88 -10.32 1.50
CA ALA A 62 -6.68 -9.18 1.03
C ALA A 62 -5.96 -8.44 -0.11
N VAL A 63 -6.72 -7.72 -0.94
CA VAL A 63 -6.16 -6.87 -2.00
C VAL A 63 -6.36 -5.39 -1.64
N VAL A 64 -5.25 -4.65 -1.62
CA VAL A 64 -5.27 -3.19 -1.45
C VAL A 64 -4.96 -2.52 -2.80
N GLU A 65 -5.58 -1.37 -3.03
CA GLU A 65 -5.37 -0.54 -4.22
C GLU A 65 -4.32 0.52 -3.91
N THR A 66 -3.43 0.76 -4.87
CA THR A 66 -2.36 1.78 -4.80
C THR A 66 -2.29 2.48 -6.17
N ASN A 67 -1.41 3.49 -6.30
CA ASN A 67 -1.19 4.18 -7.60
C ASN A 67 -0.18 3.42 -8.47
N LEU A 68 0.21 2.19 -8.05
CA LEU A 68 1.03 1.27 -8.87
C LEU A 68 0.14 0.13 -9.44
N GLY A 69 -1.08 -0.02 -8.89
CA GLY A 69 -1.99 -1.09 -9.25
C GLY A 69 -2.61 -1.71 -8.01
N ASN A 70 -2.91 -3.00 -8.06
CA ASN A 70 -3.44 -3.77 -6.90
C ASN A 70 -2.31 -4.60 -6.30
N VAL A 71 -2.31 -4.77 -4.97
CA VAL A 71 -1.25 -5.49 -4.24
C VAL A 71 -1.88 -6.55 -3.30
N ARG A 72 -1.24 -7.73 -3.19
CA ARG A 72 -1.62 -8.75 -2.19
C ARG A 72 -1.01 -8.37 -0.85
N VAL A 73 -1.78 -8.56 0.22
CA VAL A 73 -1.27 -8.45 1.59
C VAL A 73 -0.67 -9.82 1.98
N THR A 74 0.68 -9.89 1.97
CA THR A 74 1.41 -11.16 2.12
C THR A 74 1.91 -11.33 3.56
N SER A 75 1.94 -10.22 4.30
CA SER A 75 2.32 -10.19 5.72
C SER A 75 1.13 -9.68 6.57
N ARG A 76 1.32 -9.61 7.90
CA ARG A 76 0.29 -9.15 8.84
C ARG A 76 0.18 -7.60 8.82
N PRO A 77 -1.03 -7.01 9.14
CA PRO A 77 -1.24 -5.54 9.12
C PRO A 77 -0.65 -4.80 10.36
N GLY A 78 0.26 -5.46 11.10
CA GLY A 78 0.85 -4.88 12.30
C GLY A 78 2.24 -5.43 12.58
N GLN A 79 3.13 -5.25 11.61
CA GLN A 79 4.56 -5.54 11.74
C GLN A 79 5.33 -4.22 11.54
N ASP A 80 5.93 -3.69 12.64
CA ASP A 80 6.52 -2.32 12.70
C ASP A 80 5.42 -1.21 12.59
N GLY A 81 4.14 -1.65 12.44
CA GLY A 81 3.02 -0.74 12.21
C GLY A 81 2.69 -0.60 10.74
N VAL A 82 3.36 -1.37 9.87
CA VAL A 82 3.22 -1.27 8.40
C VAL A 82 2.88 -2.65 7.79
N ILE A 83 2.41 -2.63 6.52
CA ILE A 83 2.05 -3.82 5.74
C ILE A 83 3.10 -4.01 4.61
N ASN A 84 3.40 -5.27 4.25
CA ASN A 84 4.21 -5.61 3.04
C ASN A 84 3.36 -6.48 2.09
N GLY A 85 3.71 -6.45 0.79
CA GLY A 85 2.94 -7.16 -0.22
C GLY A 85 3.65 -7.30 -1.56
N VAL A 86 2.93 -7.86 -2.56
CA VAL A 86 3.47 -8.06 -3.93
C VAL A 86 2.48 -7.53 -4.99
N LEU A 87 3.00 -6.88 -6.05
CA LEU A 87 2.17 -6.19 -7.05
C LEU A 87 1.47 -7.19 -8.01
N ILE A 88 0.14 -7.26 -7.91
CA ILE A 88 -0.75 -8.10 -8.74
C ILE A 88 -1.58 -7.23 -9.70
N ARG A 89 -2.41 -7.89 -10.54
CA ARG A 89 -3.27 -7.21 -11.53
C ARG A 89 -4.72 -7.77 -11.44
N GLU A 90 -5.38 -7.59 -10.27
CA GLU A 90 -6.78 -8.03 -10.06
C GLU A 90 -7.73 -7.18 -10.92
N LEU A 91 -7.75 -5.90 -10.60
CA LEU A 91 -8.45 -4.89 -11.38
C LEU A 91 -7.37 -4.09 -12.13
N GLU A 92 -7.52 -3.96 -13.45
CA GLU A 92 -6.57 -3.26 -14.31
C GLU A 92 -6.53 -1.75 -13.96
N HIS A 93 -5.58 -1.39 -13.07
CA HIS A 93 -5.34 0.00 -12.66
C HIS A 93 -3.91 0.39 -13.00
N HIS A 94 -3.72 0.85 -14.25
CA HIS A 94 -2.43 1.39 -14.72
C HIS A 94 -2.69 2.27 -15.94
N HIS A 95 -1.71 3.10 -16.31
CA HIS A 95 -1.82 4.01 -17.46
C HIS A 95 -0.88 3.56 -18.59
N HIS A 96 -1.06 4.16 -19.76
CA HIS A 96 -0.13 3.98 -20.89
C HIS A 96 1.16 4.73 -20.58
N HIS A 97 2.31 4.17 -20.99
CA HIS A 97 3.62 4.79 -20.73
C HIS A 97 3.78 6.08 -21.58
N HIS A 98 4.62 7.01 -21.13
CA HIS A 98 5.00 8.21 -21.93
C HIS A 98 6.52 8.19 -22.15
N GLY A 1 51.51 -10.29 18.84
CA GLY A 1 50.76 -9.20 18.19
C GLY A 1 49.25 -9.45 18.21
N ASP A 2 48.47 -8.37 18.42
CA ASP A 2 46.99 -8.42 18.48
C ASP A 2 46.38 -7.21 17.79
N ARG A 3 45.04 -7.20 17.67
CA ARG A 3 44.29 -6.16 16.93
C ARG A 3 43.38 -5.40 17.90
N ARG A 4 43.89 -4.30 18.47
CA ARG A 4 43.10 -3.40 19.32
C ARG A 4 42.63 -2.19 18.49
N VAL A 5 41.38 -2.25 18.04
CA VAL A 5 40.67 -1.12 17.44
C VAL A 5 39.43 -0.86 18.33
N ARG A 6 39.46 0.26 19.05
CA ARG A 6 38.43 0.59 20.06
C ARG A 6 37.30 1.41 19.41
N LEU A 7 36.20 0.73 19.00
CA LEU A 7 35.04 1.39 18.36
C LEU A 7 34.05 1.87 19.43
N ILE A 8 34.25 3.10 19.91
CA ILE A 8 33.35 3.77 20.86
C ILE A 8 32.32 4.59 20.07
N ARG A 9 31.02 4.42 20.40
CA ARG A 9 29.91 5.10 19.72
C ARG A 9 28.74 5.38 20.69
N THR A 10 27.94 6.39 20.35
CA THR A 10 26.70 6.76 21.09
C THR A 10 25.54 6.85 20.08
N ARG A 11 24.65 5.83 20.11
CA ARG A 11 23.49 5.72 19.20
C ARG A 11 22.19 6.03 19.95
N GLY A 12 21.20 6.56 19.21
CA GLY A 12 19.90 6.92 19.78
C GLY A 12 18.77 6.43 18.89
N GLY A 13 18.67 5.09 18.77
CA GLY A 13 17.65 4.44 17.95
C GLY A 13 16.24 4.65 18.50
N ASN A 14 15.61 5.75 18.06
CA ASN A 14 14.22 6.09 18.42
C ASN A 14 13.26 5.17 17.67
N THR A 15 12.49 4.36 18.42
CA THR A 15 11.50 3.45 17.85
C THR A 15 10.28 4.24 17.34
N LYS A 16 10.36 4.65 16.05
CA LYS A 16 9.38 5.53 15.41
C LYS A 16 8.28 4.72 14.68
N VAL A 17 7.09 5.34 14.56
CA VAL A 17 5.92 4.72 13.92
C VAL A 17 5.99 4.93 12.39
N ARG A 18 5.77 3.84 11.64
CA ARG A 18 5.98 3.78 10.18
C ARG A 18 4.88 4.56 9.42
N LEU A 19 3.64 4.51 9.96
CA LEU A 19 2.46 5.14 9.33
C LEU A 19 1.44 5.55 10.41
N ALA A 20 0.63 6.59 10.10
CA ALA A 20 -0.43 7.08 11.00
C ALA A 20 -1.60 7.64 10.18
N SER A 21 -1.26 8.27 9.05
CA SER A 21 -2.22 8.76 8.05
C SER A 21 -2.53 7.63 7.02
N ASP A 22 -3.01 8.03 5.80
CA ASP A 22 -3.18 7.14 4.60
C ASP A 22 -2.15 5.97 4.57
N THR A 23 -2.67 4.76 4.40
CA THR A 23 -1.94 3.51 4.66
C THR A 23 -0.72 3.32 3.73
N ARG A 24 0.43 2.99 4.34
CA ARG A 24 1.70 2.75 3.65
C ARG A 24 1.98 1.23 3.61
N ILE A 25 2.38 0.75 2.43
CA ILE A 25 2.67 -0.67 2.18
C ILE A 25 3.92 -0.79 1.28
N ASN A 26 4.83 -1.71 1.62
CA ASN A 26 6.04 -1.96 0.82
C ASN A 26 5.68 -2.99 -0.24
N VAL A 27 5.49 -2.52 -1.47
CA VAL A 27 4.99 -3.30 -2.58
C VAL A 27 6.18 -3.77 -3.44
N VAL A 28 6.43 -5.08 -3.39
CA VAL A 28 7.52 -5.71 -4.13
C VAL A 28 6.98 -6.20 -5.48
N ASP A 29 7.29 -5.45 -6.54
CA ASP A 29 6.97 -5.84 -7.91
C ASP A 29 7.67 -7.18 -8.22
N PRO A 30 6.93 -8.28 -8.52
CA PRO A 30 7.51 -9.63 -8.71
C PRO A 30 8.20 -9.81 -10.09
N GLU A 31 7.98 -8.86 -11.00
CA GLU A 31 8.50 -8.94 -12.39
C GLU A 31 9.97 -8.47 -12.40
N THR A 32 10.19 -7.28 -11.85
CA THR A 32 11.51 -6.62 -11.78
C THR A 32 12.22 -6.87 -10.45
N GLY A 33 11.43 -7.01 -9.37
CA GLY A 33 11.96 -7.11 -7.99
C GLY A 33 12.02 -5.77 -7.28
N LYS A 34 11.41 -4.72 -7.91
CA LYS A 34 11.42 -3.34 -7.38
C LYS A 34 10.49 -3.21 -6.15
N VAL A 35 11.09 -3.05 -4.96
CA VAL A 35 10.36 -2.75 -3.71
C VAL A 35 10.10 -1.24 -3.65
N GLU A 36 8.83 -0.84 -3.59
CA GLU A 36 8.41 0.57 -3.57
C GLU A 36 7.24 0.74 -2.59
N ILE A 37 7.36 1.75 -1.70
CA ILE A 37 6.34 2.02 -0.69
C ILE A 37 5.17 2.77 -1.35
N ALA A 38 4.08 2.05 -1.59
CA ALA A 38 2.84 2.59 -2.18
C ALA A 38 1.90 3.10 -1.09
N GLU A 39 0.89 3.86 -1.52
CA GLU A 39 -0.17 4.39 -0.64
C GLU A 39 -1.51 3.75 -1.04
N ILE A 40 -2.19 3.13 -0.07
CA ILE A 40 -3.41 2.36 -0.32
C ILE A 40 -4.61 3.32 -0.44
N ARG A 41 -5.16 3.42 -1.67
CA ARG A 41 -6.35 4.23 -1.97
C ARG A 41 -7.57 3.67 -1.24
N ASN A 42 -7.75 2.33 -1.33
CA ASN A 42 -8.97 1.63 -0.88
C ASN A 42 -8.70 0.12 -0.77
N VAL A 43 -9.68 -0.62 -0.21
CA VAL A 43 -9.67 -2.09 -0.21
C VAL A 43 -10.56 -2.58 -1.38
N VAL A 44 -10.08 -3.55 -2.18
CA VAL A 44 -10.86 -4.14 -3.29
C VAL A 44 -10.21 -5.47 -3.71
N GLU A 45 -10.72 -6.57 -3.14
CA GLU A 45 -10.25 -7.94 -3.43
C GLU A 45 -11.10 -8.60 -4.52
N ASN A 46 -12.40 -8.25 -4.54
CA ASN A 46 -13.38 -8.76 -5.52
C ASN A 46 -14.67 -7.91 -5.47
N THR A 47 -14.85 -7.15 -4.38
CA THR A 47 -16.02 -6.28 -4.19
C THR A 47 -16.14 -5.24 -5.36
N ALA A 48 -17.20 -5.43 -6.17
CA ALA A 48 -17.47 -4.59 -7.34
C ALA A 48 -18.18 -3.30 -6.91
N ASN A 49 -18.19 -2.30 -7.82
CA ASN A 49 -18.68 -0.94 -7.56
C ASN A 49 -17.90 -0.34 -6.35
N PRO A 50 -16.57 -0.06 -6.52
CA PRO A 50 -15.68 0.31 -5.39
C PRO A 50 -15.84 1.77 -4.90
N HIS A 51 -16.89 2.47 -5.36
CA HIS A 51 -17.14 3.88 -5.04
C HIS A 51 -17.63 4.03 -3.59
N PHE A 52 -18.62 3.20 -3.21
CA PHE A 52 -19.13 3.16 -1.83
C PHE A 52 -18.15 2.42 -0.91
N VAL A 53 -17.40 1.46 -1.49
CA VAL A 53 -16.43 0.62 -0.76
C VAL A 53 -15.37 1.52 -0.09
N ARG A 54 -15.53 1.66 1.24
CA ARG A 54 -14.65 2.43 2.11
C ARG A 54 -13.45 1.54 2.50
N ARG A 55 -12.29 2.16 2.83
CA ARG A 55 -11.09 1.44 3.30
C ARG A 55 -11.44 0.65 4.57
N ASN A 56 -11.80 -0.63 4.38
CA ASN A 56 -12.13 -1.57 5.44
C ASN A 56 -10.82 -2.11 6.07
N ILE A 57 -10.87 -3.26 6.76
CA ILE A 57 -9.77 -3.73 7.61
C ILE A 57 -8.83 -4.59 6.76
N ILE A 58 -7.72 -3.95 6.34
CA ILE A 58 -6.69 -4.55 5.49
C ILE A 58 -6.05 -5.74 6.20
N THR A 59 -6.22 -6.93 5.61
CA THR A 59 -5.72 -8.20 6.17
C THR A 59 -4.87 -8.94 5.11
N ARG A 60 -4.13 -9.97 5.56
CA ARG A 60 -3.32 -10.82 4.68
C ARG A 60 -4.21 -11.57 3.68
N GLY A 61 -3.78 -11.66 2.43
CA GLY A 61 -4.57 -12.28 1.36
C GLY A 61 -5.43 -11.28 0.60
N ALA A 62 -6.02 -10.32 1.36
CA ALA A 62 -6.88 -9.26 0.80
C ALA A 62 -6.09 -8.39 -0.19
N VAL A 63 -6.72 -8.09 -1.34
CA VAL A 63 -6.15 -7.20 -2.35
C VAL A 63 -6.52 -5.75 -2.01
N VAL A 64 -5.53 -4.88 -2.06
CA VAL A 64 -5.68 -3.46 -1.84
C VAL A 64 -5.39 -2.71 -3.14
N GLU A 65 -6.04 -1.56 -3.30
CA GLU A 65 -5.80 -0.66 -4.42
C GLU A 65 -4.80 0.37 -3.92
N THR A 66 -3.70 0.53 -4.64
CA THR A 66 -2.64 1.49 -4.30
C THR A 66 -2.44 2.43 -5.48
N ASN A 67 -1.54 3.41 -5.32
CA ASN A 67 -1.15 4.33 -6.40
C ASN A 67 -0.35 3.60 -7.50
N LEU A 68 0.20 2.41 -7.16
CA LEU A 68 0.90 1.54 -8.14
C LEU A 68 -0.10 0.65 -8.89
N GLY A 69 -1.06 0.07 -8.15
CA GLY A 69 -2.08 -0.81 -8.72
C GLY A 69 -2.65 -1.78 -7.69
N ASN A 70 -3.10 -2.97 -8.13
CA ASN A 70 -3.64 -4.01 -7.24
C ASN A 70 -2.48 -4.77 -6.58
N VAL A 71 -2.47 -4.85 -5.24
CA VAL A 71 -1.40 -5.50 -4.47
C VAL A 71 -2.00 -6.58 -3.52
N ARG A 72 -1.32 -7.75 -3.43
CA ARG A 72 -1.62 -8.76 -2.40
C ARG A 72 -0.89 -8.38 -1.13
N VAL A 73 -1.58 -8.39 0.01
CA VAL A 73 -0.94 -8.26 1.32
C VAL A 73 -0.35 -9.64 1.69
N THR A 74 0.97 -9.77 1.60
CA THR A 74 1.68 -11.06 1.73
C THR A 74 2.14 -11.28 3.18
N SER A 75 2.44 -10.16 3.86
CA SER A 75 2.85 -10.16 5.28
C SER A 75 1.64 -9.87 6.18
N ARG A 76 1.90 -9.87 7.49
CA ARG A 76 0.93 -9.42 8.50
C ARG A 76 0.86 -7.88 8.47
N PRO A 77 -0.35 -7.27 8.28
CA PRO A 77 -0.52 -5.80 8.38
C PRO A 77 -0.19 -5.29 9.79
N GLY A 78 0.99 -4.67 9.93
CA GLY A 78 1.47 -4.15 11.22
C GLY A 78 2.37 -5.12 11.96
N GLN A 79 3.02 -6.04 11.21
CA GLN A 79 3.99 -7.00 11.79
C GLN A 79 5.21 -6.23 12.32
N ASP A 80 5.85 -5.48 11.41
CA ASP A 80 6.96 -4.56 11.72
C ASP A 80 6.43 -3.18 12.19
N GLY A 81 5.11 -3.00 12.05
CA GLY A 81 4.50 -1.67 12.09
C GLY A 81 3.84 -1.33 10.77
N VAL A 82 4.62 -1.46 9.68
CA VAL A 82 4.16 -1.23 8.31
C VAL A 82 3.55 -2.53 7.71
N ILE A 83 2.82 -2.38 6.59
CA ILE A 83 2.27 -3.50 5.81
C ILE A 83 3.25 -3.82 4.65
N ASN A 84 3.33 -5.09 4.23
CA ASN A 84 4.18 -5.52 3.09
C ASN A 84 3.35 -6.42 2.15
N GLY A 85 3.70 -6.36 0.84
CA GLY A 85 2.95 -7.07 -0.20
C GLY A 85 3.69 -7.18 -1.53
N VAL A 86 2.99 -7.69 -2.58
CA VAL A 86 3.55 -7.85 -3.95
C VAL A 86 2.58 -7.24 -4.98
N LEU A 87 3.15 -6.57 -6.02
CA LEU A 87 2.33 -5.90 -7.06
C LEU A 87 1.75 -6.95 -8.03
N ILE A 88 0.45 -7.23 -7.90
CA ILE A 88 -0.27 -8.21 -8.72
C ILE A 88 -1.19 -7.50 -9.73
N ARG A 89 -2.01 -8.26 -10.46
CA ARG A 89 -2.94 -7.72 -11.48
C ARG A 89 -4.29 -8.48 -11.40
N GLU A 90 -5.13 -8.14 -10.38
CA GLU A 90 -6.55 -8.57 -10.35
C GLU A 90 -7.27 -7.82 -11.46
N LEU A 91 -7.34 -6.49 -11.30
CA LEU A 91 -7.81 -5.56 -12.33
C LEU A 91 -6.66 -5.29 -13.34
N GLU A 92 -6.79 -4.23 -14.16
CA GLU A 92 -5.70 -3.75 -15.07
C GLU A 92 -5.34 -4.84 -16.12
N HIS A 93 -6.27 -5.78 -16.36
CA HIS A 93 -6.03 -6.99 -17.17
C HIS A 93 -6.93 -6.99 -18.42
N HIS A 94 -6.66 -7.94 -19.32
CA HIS A 94 -7.51 -8.22 -20.50
C HIS A 94 -7.65 -9.74 -20.64
N HIS A 95 -6.50 -10.41 -20.81
CA HIS A 95 -6.44 -11.88 -21.01
C HIS A 95 -6.24 -12.62 -19.69
N HIS A 96 -5.20 -12.24 -18.92
CA HIS A 96 -4.80 -12.95 -17.68
C HIS A 96 -5.14 -12.13 -16.42
N HIS A 97 -6.03 -12.69 -15.58
CA HIS A 97 -6.35 -12.20 -14.21
C HIS A 97 -5.50 -12.99 -13.20
N HIS A 98 -5.10 -12.36 -12.07
CA HIS A 98 -4.31 -13.02 -10.99
C HIS A 98 -5.18 -14.05 -10.22
N GLY A 1 -7.11 28.07 -18.99
CA GLY A 1 -6.06 27.05 -19.16
C GLY A 1 -4.90 27.27 -18.21
N ASP A 2 -5.13 26.98 -16.91
CA ASP A 2 -4.13 27.15 -15.84
C ASP A 2 -3.01 26.12 -15.99
N ARG A 3 -1.83 26.59 -16.47
CA ARG A 3 -0.65 25.74 -16.63
C ARG A 3 -0.07 25.42 -15.24
N ARG A 4 -0.50 24.28 -14.67
CA ARG A 4 -0.17 23.87 -13.29
C ARG A 4 1.36 23.80 -13.09
N VAL A 5 1.88 24.71 -12.26
CA VAL A 5 3.31 24.75 -11.92
C VAL A 5 3.61 23.65 -10.88
N ARG A 6 4.25 22.56 -11.35
CA ARG A 6 4.56 21.37 -10.54
C ARG A 6 5.47 21.71 -9.34
N LEU A 7 5.00 21.39 -8.13
CA LEU A 7 5.70 21.69 -6.87
C LEU A 7 6.78 20.63 -6.62
N ILE A 8 7.96 20.83 -7.24
CA ILE A 8 9.08 19.87 -7.19
C ILE A 8 9.97 20.21 -5.98
N ARG A 9 9.46 19.88 -4.78
CA ARG A 9 10.11 20.22 -3.50
C ARG A 9 9.63 19.29 -2.38
N THR A 10 10.11 19.55 -1.15
CA THR A 10 9.76 18.82 0.09
C THR A 10 9.92 17.29 -0.08
N ARG A 11 11.18 16.84 -0.03
CA ARG A 11 11.56 15.43 -0.16
C ARG A 11 12.91 15.19 0.56
N GLY A 12 13.30 13.92 0.69
CA GLY A 12 14.59 13.55 1.28
C GLY A 12 14.46 12.73 2.55
N GLY A 13 15.57 12.58 3.28
CA GLY A 13 15.61 11.83 4.54
C GLY A 13 15.23 12.71 5.73
N ASN A 14 13.98 13.22 5.70
CA ASN A 14 13.41 14.03 6.80
C ASN A 14 13.03 13.16 8.01
N THR A 15 12.64 13.82 9.12
CA THR A 15 12.13 13.13 10.33
C THR A 15 10.76 12.47 10.03
N LYS A 16 10.82 11.29 9.43
CA LYS A 16 9.64 10.51 9.05
C LYS A 16 9.32 9.48 10.14
N VAL A 17 8.04 9.08 10.20
CA VAL A 17 7.52 8.16 11.22
C VAL A 17 6.85 6.96 10.52
N ARG A 18 5.80 6.36 11.13
CA ARG A 18 5.00 5.28 10.51
C ARG A 18 4.05 5.85 9.42
N LEU A 19 2.95 5.14 9.11
CA LEU A 19 1.97 5.54 8.07
C LEU A 19 1.02 6.68 8.52
N ALA A 20 1.57 7.66 9.26
CA ALA A 20 0.84 8.88 9.67
C ALA A 20 0.40 9.72 8.47
N SER A 21 1.11 9.54 7.33
CA SER A 21 0.76 10.13 6.03
C SER A 21 -0.71 9.77 5.66
N ASP A 22 -0.98 8.45 5.60
CA ASP A 22 -2.36 7.90 5.54
C ASP A 22 -2.27 6.36 5.71
N THR A 23 -1.85 5.65 4.64
CA THR A 23 -1.65 4.19 4.67
C THR A 23 -0.46 3.81 3.78
N ARG A 24 0.62 3.27 4.37
CA ARG A 24 1.86 2.90 3.67
C ARG A 24 1.96 1.37 3.53
N ILE A 25 2.53 0.93 2.40
CA ILE A 25 2.82 -0.49 2.11
C ILE A 25 4.09 -0.58 1.25
N ASN A 26 4.90 -1.62 1.47
CA ASN A 26 6.07 -1.91 0.63
C ASN A 26 5.63 -2.86 -0.48
N VAL A 27 5.41 -2.29 -1.68
CA VAL A 27 4.90 -3.01 -2.86
C VAL A 27 6.09 -3.57 -3.66
N VAL A 28 6.21 -4.89 -3.64
CA VAL A 28 7.31 -5.61 -4.28
C VAL A 28 6.85 -6.19 -5.61
N ASP A 29 7.32 -5.61 -6.72
CA ASP A 29 7.10 -6.16 -8.07
C ASP A 29 7.68 -7.58 -8.13
N PRO A 30 6.84 -8.65 -8.32
CA PRO A 30 7.31 -10.06 -8.29
C PRO A 30 8.01 -10.47 -9.61
N GLU A 31 7.99 -9.58 -10.60
CA GLU A 31 8.58 -9.81 -11.92
C GLU A 31 10.01 -9.22 -12.01
N THR A 32 10.15 -7.93 -11.68
CA THR A 32 11.43 -7.22 -11.72
C THR A 32 12.17 -7.30 -10.37
N GLY A 33 11.39 -7.38 -9.28
CA GLY A 33 11.94 -7.47 -7.92
C GLY A 33 11.87 -6.14 -7.17
N LYS A 34 11.57 -5.05 -7.90
CA LYS A 34 11.68 -3.67 -7.37
C LYS A 34 10.62 -3.39 -6.29
N VAL A 35 11.08 -2.96 -5.11
CA VAL A 35 10.20 -2.54 -4.00
C VAL A 35 10.01 -1.02 -4.03
N GLU A 36 8.77 -0.55 -3.88
CA GLU A 36 8.45 0.88 -3.72
C GLU A 36 7.33 1.02 -2.70
N ILE A 37 7.46 2.00 -1.80
CA ILE A 37 6.46 2.30 -0.77
C ILE A 37 5.31 3.12 -1.40
N ALA A 38 4.07 2.65 -1.18
CA ALA A 38 2.87 3.20 -1.84
C ALA A 38 1.77 3.52 -0.81
N GLU A 39 0.75 4.25 -1.30
CA GLU A 39 -0.42 4.66 -0.51
C GLU A 39 -1.66 3.82 -0.85
N ILE A 40 -2.21 3.08 0.14
CA ILE A 40 -3.35 2.16 -0.09
C ILE A 40 -4.68 2.94 -0.17
N ARG A 41 -5.26 2.97 -1.39
CA ARG A 41 -6.54 3.62 -1.68
C ARG A 41 -7.74 2.72 -1.32
N ASN A 42 -7.78 1.49 -1.89
CA ASN A 42 -8.81 0.48 -1.58
C ASN A 42 -8.15 -0.61 -0.73
N VAL A 43 -8.82 -1.02 0.35
CA VAL A 43 -8.26 -1.99 1.32
C VAL A 43 -8.85 -3.40 1.15
N VAL A 44 -9.83 -3.56 0.25
CA VAL A 44 -10.62 -4.80 0.14
C VAL A 44 -10.84 -5.19 -1.34
N GLU A 45 -10.08 -6.21 -1.78
CA GLU A 45 -10.30 -6.95 -3.04
C GLU A 45 -10.36 -6.06 -4.31
N ASN A 46 -10.89 -6.65 -5.40
CA ASN A 46 -11.20 -5.93 -6.65
C ASN A 46 -12.56 -5.20 -6.55
N THR A 47 -13.26 -5.38 -5.42
CA THR A 47 -14.57 -4.76 -5.20
C THR A 47 -14.44 -3.29 -4.80
N ALA A 48 -15.35 -2.48 -5.35
CA ALA A 48 -15.53 -1.06 -5.01
C ALA A 48 -17.03 -0.82 -4.74
N ASN A 49 -17.71 -1.88 -4.29
CA ASN A 49 -19.13 -1.84 -3.89
C ASN A 49 -19.19 -1.92 -2.35
N PRO A 50 -19.22 -0.74 -1.63
CA PRO A 50 -19.17 -0.72 -0.15
C PRO A 50 -20.55 -0.98 0.52
N HIS A 51 -21.54 -1.45 -0.26
CA HIS A 51 -22.87 -1.79 0.28
C HIS A 51 -22.79 -3.05 1.17
N PHE A 52 -22.12 -4.10 0.65
CA PHE A 52 -21.99 -5.39 1.36
C PHE A 52 -20.74 -5.39 2.27
N VAL A 53 -19.70 -4.61 1.89
CA VAL A 53 -18.44 -4.52 2.65
C VAL A 53 -18.22 -3.09 3.21
N ARG A 54 -18.44 -2.94 4.52
CA ARG A 54 -18.03 -1.75 5.30
C ARG A 54 -16.96 -2.13 6.33
N ARG A 55 -16.59 -3.42 6.38
CA ARG A 55 -15.44 -3.90 7.17
C ARG A 55 -14.16 -3.59 6.38
N ASN A 56 -13.72 -2.32 6.46
CA ASN A 56 -12.51 -1.84 5.77
C ASN A 56 -11.27 -2.12 6.64
N ILE A 57 -11.01 -3.42 6.84
CA ILE A 57 -9.84 -3.93 7.56
C ILE A 57 -8.91 -4.56 6.53
N ILE A 58 -7.67 -4.03 6.42
CA ILE A 58 -6.64 -4.63 5.56
C ILE A 58 -6.27 -5.99 6.14
N THR A 59 -6.48 -7.04 5.34
CA THR A 59 -6.23 -8.43 5.74
C THR A 59 -5.14 -9.00 4.82
N ARG A 60 -4.33 -9.93 5.36
CA ARG A 60 -3.35 -10.69 4.56
C ARG A 60 -4.09 -11.51 3.48
N GLY A 61 -3.57 -11.47 2.24
CA GLY A 61 -4.23 -12.11 1.09
C GLY A 61 -5.16 -11.16 0.34
N ALA A 62 -5.93 -10.35 1.11
CA ALA A 62 -6.89 -9.38 0.55
C ALA A 62 -6.16 -8.35 -0.33
N VAL A 63 -6.74 -8.08 -1.51
CA VAL A 63 -6.17 -7.14 -2.48
C VAL A 63 -6.34 -5.70 -2.00
N VAL A 64 -5.21 -5.02 -1.83
CA VAL A 64 -5.18 -3.58 -1.57
C VAL A 64 -4.74 -2.84 -2.84
N GLU A 65 -5.54 -1.86 -3.27
CA GLU A 65 -5.22 -1.03 -4.42
C GLU A 65 -4.49 0.19 -3.89
N THR A 66 -3.39 0.56 -4.54
CA THR A 66 -2.56 1.67 -4.12
C THR A 66 -2.57 2.75 -5.21
N ASN A 67 -1.80 3.84 -4.97
CA ASN A 67 -1.56 4.89 -5.98
C ASN A 67 -0.87 4.29 -7.23
N LEU A 68 -0.18 3.13 -7.05
CA LEU A 68 0.51 2.41 -8.11
C LEU A 68 -0.45 1.41 -8.78
N GLY A 69 -1.10 0.59 -7.95
CA GLY A 69 -2.01 -0.45 -8.44
C GLY A 69 -2.33 -1.47 -7.36
N ASN A 70 -2.99 -2.56 -7.77
CA ASN A 70 -3.49 -3.59 -6.84
C ASN A 70 -2.33 -4.48 -6.33
N VAL A 71 -2.40 -4.90 -5.05
CA VAL A 71 -1.32 -5.64 -4.37
C VAL A 71 -1.93 -6.80 -3.53
N ARG A 72 -1.19 -7.91 -3.42
CA ARG A 72 -1.49 -9.01 -2.47
C ARG A 72 -0.71 -8.74 -1.19
N VAL A 73 -1.40 -8.60 -0.06
CA VAL A 73 -0.73 -8.34 1.22
C VAL A 73 -0.10 -9.67 1.72
N THR A 74 1.20 -9.82 1.47
CA THR A 74 1.97 -11.00 1.89
C THR A 74 2.25 -10.99 3.40
N SER A 75 2.45 -9.78 3.94
CA SER A 75 2.74 -9.56 5.37
C SER A 75 1.45 -9.61 6.22
N ARG A 76 1.64 -9.63 7.55
CA ARG A 76 0.56 -9.40 8.51
C ARG A 76 0.38 -7.87 8.65
N PRO A 77 -0.71 -7.28 8.07
CA PRO A 77 -0.89 -5.81 8.00
C PRO A 77 -1.46 -5.21 9.29
N GLY A 78 -0.61 -5.23 10.33
CA GLY A 78 -0.97 -4.75 11.66
C GLY A 78 0.14 -5.03 12.64
N GLN A 79 0.88 -6.15 12.41
CA GLN A 79 2.06 -6.51 13.20
C GLN A 79 3.15 -5.45 12.97
N ASP A 80 3.43 -4.67 14.04
CA ASP A 80 4.41 -3.54 14.05
C ASP A 80 3.85 -2.27 13.35
N GLY A 81 2.86 -2.44 12.46
CA GLY A 81 2.30 -1.34 11.67
C GLY A 81 2.80 -1.33 10.24
N VAL A 82 3.80 -2.20 9.94
CA VAL A 82 4.39 -2.28 8.60
C VAL A 82 3.58 -3.25 7.73
N ILE A 83 2.99 -2.70 6.65
CA ILE A 83 2.25 -3.48 5.64
C ILE A 83 3.19 -3.73 4.46
N ASN A 84 3.24 -4.98 3.97
CA ASN A 84 4.10 -5.39 2.83
C ASN A 84 3.29 -6.30 1.89
N GLY A 85 3.66 -6.32 0.62
CA GLY A 85 2.97 -7.15 -0.38
C GLY A 85 3.69 -7.26 -1.70
N VAL A 86 3.03 -7.91 -2.69
CA VAL A 86 3.55 -8.07 -4.06
C VAL A 86 2.54 -7.50 -5.09
N LEU A 87 3.05 -6.71 -6.06
CA LEU A 87 2.21 -6.03 -7.06
C LEU A 87 1.49 -7.04 -7.99
N ILE A 88 0.17 -6.89 -8.10
CA ILE A 88 -0.70 -7.64 -9.04
C ILE A 88 -1.54 -6.64 -9.88
N ARG A 89 -2.43 -7.17 -10.74
CA ARG A 89 -3.26 -6.36 -11.65
C ARG A 89 -4.70 -6.89 -11.68
N GLU A 90 -5.54 -6.38 -10.74
CA GLU A 90 -6.97 -6.75 -10.63
C GLU A 90 -7.84 -5.65 -11.27
N LEU A 91 -7.54 -4.41 -10.88
CA LEU A 91 -8.25 -3.19 -11.32
C LEU A 91 -7.27 -2.25 -12.05
N GLU A 92 -7.77 -1.06 -12.41
CA GLU A 92 -6.98 -0.02 -13.05
C GLU A 92 -7.01 1.27 -12.21
N HIS A 93 -5.89 1.56 -11.55
CA HIS A 93 -5.68 2.83 -10.82
C HIS A 93 -4.55 3.59 -11.51
N HIS A 94 -3.43 2.87 -11.71
CA HIS A 94 -2.33 3.30 -12.56
C HIS A 94 -1.75 2.04 -13.24
N HIS A 95 -2.63 1.38 -14.02
CA HIS A 95 -2.31 0.16 -14.76
C HIS A 95 -1.44 0.55 -15.97
N HIS A 96 -0.53 -0.36 -16.38
CA HIS A 96 0.50 -0.08 -17.40
C HIS A 96 1.49 0.97 -16.85
N HIS A 97 2.44 0.50 -16.03
CA HIS A 97 3.43 1.38 -15.35
C HIS A 97 4.57 1.76 -16.31
N HIS A 98 4.82 0.89 -17.32
CA HIS A 98 5.87 1.12 -18.34
C HIS A 98 5.24 0.92 -19.74
N GLY A 1 -6.59 27.20 -31.07
CA GLY A 1 -5.31 27.10 -30.36
C GLY A 1 -4.96 25.67 -29.98
N ASP A 2 -3.70 25.45 -29.59
CA ASP A 2 -3.18 24.12 -29.19
C ASP A 2 -3.47 23.86 -27.70
N ARG A 3 -3.80 22.59 -27.36
CA ARG A 3 -3.98 22.14 -25.97
C ARG A 3 -2.62 21.72 -25.40
N ARG A 4 -1.76 22.73 -25.21
CA ARG A 4 -0.40 22.55 -24.67
C ARG A 4 -0.47 22.11 -23.19
N VAL A 5 0.00 20.89 -22.91
CA VAL A 5 -0.02 20.30 -21.56
C VAL A 5 1.21 20.78 -20.76
N ARG A 6 0.97 21.24 -19.52
CA ARG A 6 2.04 21.61 -18.60
C ARG A 6 2.39 20.39 -17.72
N LEU A 7 3.38 19.62 -18.19
CA LEU A 7 3.84 18.41 -17.50
C LEU A 7 4.66 18.77 -16.26
N ILE A 8 3.99 18.77 -15.09
CA ILE A 8 4.65 18.98 -13.80
C ILE A 8 4.76 17.62 -13.07
N ARG A 9 5.99 17.12 -12.98
CA ARG A 9 6.34 15.91 -12.23
C ARG A 9 6.43 16.21 -10.72
N THR A 10 6.68 15.17 -9.92
CA THR A 10 6.89 15.31 -8.47
C THR A 10 8.22 16.04 -8.18
N ARG A 11 9.36 15.35 -8.35
CA ARG A 11 10.71 15.92 -8.19
C ARG A 11 11.77 14.86 -8.59
N GLY A 12 11.81 13.77 -7.82
CA GLY A 12 12.77 12.67 -8.05
C GLY A 12 12.59 11.57 -7.02
N GLY A 13 13.00 10.34 -7.37
CA GLY A 13 12.78 9.16 -6.52
C GLY A 13 13.64 9.14 -5.26
N ASN A 14 13.15 9.80 -4.20
CA ASN A 14 13.79 9.82 -2.86
C ASN A 14 13.08 8.84 -1.91
N THR A 15 13.69 8.62 -0.74
CA THR A 15 13.13 7.75 0.29
C THR A 15 12.12 8.52 1.16
N LYS A 16 10.85 8.10 1.08
CA LYS A 16 9.77 8.59 1.94
C LYS A 16 9.68 7.69 3.19
N VAL A 17 8.95 8.16 4.20
CA VAL A 17 8.70 7.37 5.42
C VAL A 17 7.55 6.37 5.16
N ARG A 18 7.51 5.31 5.99
CA ARG A 18 6.43 4.29 5.99
C ARG A 18 5.05 4.91 6.38
N LEU A 19 4.06 4.04 6.61
CA LEU A 19 2.75 4.42 7.14
C LEU A 19 2.90 5.17 8.50
N ALA A 20 3.02 6.50 8.41
CA ALA A 20 3.25 7.41 9.55
C ALA A 20 2.46 8.72 9.36
N SER A 21 1.61 8.72 8.31
CA SER A 21 0.90 9.92 7.82
C SER A 21 -0.35 9.47 7.05
N ASP A 22 -0.15 8.42 6.25
CA ASP A 22 -1.19 7.77 5.44
C ASP A 22 -0.91 6.26 5.38
N THR A 23 -1.98 5.44 5.25
CA THR A 23 -1.87 3.97 5.19
C THR A 23 -1.06 3.56 3.94
N ARG A 24 0.12 2.99 4.19
CA ARG A 24 1.11 2.66 3.14
C ARG A 24 1.61 1.22 3.28
N ILE A 25 2.26 0.77 2.21
CA ILE A 25 2.66 -0.63 2.00
C ILE A 25 3.94 -0.68 1.14
N ASN A 26 4.76 -1.71 1.35
CA ASN A 26 5.96 -1.96 0.54
C ASN A 26 5.54 -2.95 -0.56
N VAL A 27 5.32 -2.39 -1.75
CA VAL A 27 4.85 -3.12 -2.92
C VAL A 27 6.05 -3.66 -3.68
N VAL A 28 6.20 -4.98 -3.69
CA VAL A 28 7.32 -5.65 -4.35
C VAL A 28 6.83 -6.21 -5.69
N ASP A 29 7.13 -5.49 -6.78
CA ASP A 29 6.79 -5.90 -8.14
C ASP A 29 7.42 -7.29 -8.43
N PRO A 30 6.62 -8.34 -8.75
CA PRO A 30 7.11 -9.73 -8.87
C PRO A 30 7.98 -9.97 -10.12
N GLU A 31 7.92 -9.04 -11.09
CA GLU A 31 8.62 -9.19 -12.38
C GLU A 31 10.02 -8.53 -12.31
N THR A 32 10.06 -7.27 -11.86
CA THR A 32 11.31 -6.47 -11.77
C THR A 32 12.02 -6.65 -10.41
N GLY A 33 11.24 -6.87 -9.34
CA GLY A 33 11.79 -6.95 -7.96
C GLY A 33 11.80 -5.60 -7.24
N LYS A 34 11.25 -4.54 -7.90
CA LYS A 34 11.16 -3.18 -7.35
C LYS A 34 10.28 -3.13 -6.09
N VAL A 35 10.90 -2.92 -4.91
CA VAL A 35 10.20 -2.68 -3.64
C VAL A 35 9.99 -1.17 -3.49
N GLU A 36 8.75 -0.71 -3.57
CA GLU A 36 8.39 0.70 -3.57
C GLU A 36 7.28 0.97 -2.52
N ILE A 37 7.49 2.01 -1.68
CA ILE A 37 6.51 2.45 -0.68
C ILE A 37 5.40 3.23 -1.40
N ALA A 38 4.18 2.68 -1.37
CA ALA A 38 3.02 3.22 -2.09
C ALA A 38 1.88 3.48 -1.12
N GLU A 39 1.00 4.43 -1.50
CA GLU A 39 -0.10 4.90 -0.66
C GLU A 39 -1.34 4.08 -1.04
N ILE A 40 -1.96 3.41 -0.05
CA ILE A 40 -3.14 2.57 -0.29
C ILE A 40 -4.36 3.49 -0.50
N ARG A 41 -4.82 3.52 -1.75
CA ARG A 41 -5.95 4.36 -2.20
C ARG A 41 -7.26 3.81 -1.64
N ASN A 42 -7.39 2.49 -1.69
CA ASN A 42 -8.60 1.77 -1.28
C ASN A 42 -8.24 0.31 -0.99
N VAL A 43 -9.17 -0.43 -0.41
CA VAL A 43 -9.04 -1.87 -0.12
C VAL A 43 -10.15 -2.61 -0.89
N VAL A 44 -9.84 -3.04 -2.13
CA VAL A 44 -10.86 -3.50 -3.10
C VAL A 44 -10.29 -4.61 -4.02
N GLU A 45 -11.17 -5.60 -4.31
CA GLU A 45 -10.90 -6.76 -5.19
C GLU A 45 -12.18 -7.07 -6.00
N ASN A 46 -13.11 -7.83 -5.39
CA ASN A 46 -14.46 -8.09 -5.92
C ASN A 46 -15.52 -7.43 -4.99
N THR A 47 -15.03 -6.53 -4.10
CA THR A 47 -15.84 -5.80 -3.07
C THR A 47 -16.60 -6.79 -2.16
N ALA A 48 -15.86 -7.36 -1.19
CA ALA A 48 -16.43 -8.32 -0.21
C ALA A 48 -17.36 -7.60 0.80
N ASN A 49 -16.95 -6.37 1.20
CA ASN A 49 -17.76 -5.49 2.08
C ASN A 49 -18.17 -4.23 1.28
N PRO A 50 -19.38 -4.24 0.61
CA PRO A 50 -19.85 -3.13 -0.26
C PRO A 50 -20.04 -1.80 0.51
N HIS A 51 -19.17 -0.81 0.22
CA HIS A 51 -19.25 0.60 0.71
C HIS A 51 -18.78 0.76 2.17
N PHE A 52 -18.52 -0.37 2.86
CA PHE A 52 -18.12 -0.35 4.29
C PHE A 52 -16.72 0.26 4.45
N VAL A 53 -16.66 1.39 5.18
CA VAL A 53 -15.39 2.09 5.49
C VAL A 53 -14.56 1.26 6.51
N ARG A 54 -15.26 0.35 7.25
CA ARG A 54 -14.63 -0.63 8.17
C ARG A 54 -13.91 -1.76 7.41
N ARG A 55 -13.82 -1.66 6.07
CA ARG A 55 -12.97 -2.54 5.24
C ARG A 55 -11.47 -2.17 5.42
N ASN A 56 -11.19 -1.04 6.10
CA ASN A 56 -9.82 -0.62 6.49
C ASN A 56 -9.11 -1.71 7.35
N ILE A 57 -9.93 -2.61 7.95
CA ILE A 57 -9.46 -3.87 8.53
C ILE A 57 -8.94 -4.79 7.40
N ILE A 58 -7.65 -4.69 7.12
CA ILE A 58 -6.97 -5.47 6.07
C ILE A 58 -6.59 -6.87 6.63
N THR A 59 -6.52 -7.86 5.73
CA THR A 59 -6.05 -9.23 6.05
C THR A 59 -4.97 -9.66 5.06
N ARG A 60 -4.32 -10.80 5.35
CA ARG A 60 -3.37 -11.43 4.41
C ARG A 60 -4.16 -12.06 3.24
N GLY A 61 -3.65 -11.89 2.02
CA GLY A 61 -4.30 -12.37 0.80
C GLY A 61 -5.32 -11.39 0.24
N ALA A 62 -5.71 -10.38 1.05
CA ALA A 62 -6.64 -9.32 0.64
C ALA A 62 -5.94 -8.40 -0.37
N VAL A 63 -6.69 -7.96 -1.38
CA VAL A 63 -6.17 -7.06 -2.42
C VAL A 63 -6.40 -5.61 -2.02
N VAL A 64 -5.29 -4.87 -1.87
CA VAL A 64 -5.31 -3.43 -1.62
C VAL A 64 -4.98 -2.67 -2.92
N GLU A 65 -5.75 -1.62 -3.18
CA GLU A 65 -5.52 -0.70 -4.31
C GLU A 65 -4.52 0.36 -3.84
N THR A 66 -3.43 0.56 -4.58
CA THR A 66 -2.37 1.53 -4.23
C THR A 66 -2.10 2.42 -5.44
N ASN A 67 -1.25 3.44 -5.26
CA ASN A 67 -0.88 4.38 -6.35
C ASN A 67 -0.10 3.68 -7.48
N LEU A 68 0.36 2.43 -7.25
CA LEU A 68 1.06 1.62 -8.26
C LEU A 68 0.05 0.68 -8.93
N GLY A 69 -0.76 0.01 -8.09
CA GLY A 69 -1.79 -0.90 -8.55
C GLY A 69 -2.34 -1.74 -7.42
N ASN A 70 -3.00 -2.85 -7.77
CA ASN A 70 -3.52 -3.82 -6.80
C ASN A 70 -2.38 -4.67 -6.25
N VAL A 71 -2.43 -5.02 -4.95
CA VAL A 71 -1.33 -5.73 -4.25
C VAL A 71 -1.92 -6.87 -3.37
N ARG A 72 -1.17 -7.99 -3.25
CA ARG A 72 -1.50 -9.08 -2.30
C ARG A 72 -0.77 -8.80 -0.99
N VAL A 73 -1.51 -8.62 0.09
CA VAL A 73 -0.91 -8.41 1.42
C VAL A 73 -0.31 -9.74 1.91
N THR A 74 0.99 -9.74 2.20
CA THR A 74 1.75 -10.96 2.53
C THR A 74 2.10 -10.98 4.03
N SER A 75 2.33 -9.78 4.58
CA SER A 75 2.66 -9.60 6.01
C SER A 75 1.39 -9.22 6.82
N ARG A 76 1.55 -8.98 8.13
CA ARG A 76 0.46 -8.51 9.00
C ARG A 76 0.30 -6.97 8.81
N PRO A 77 -0.95 -6.46 8.54
CA PRO A 77 -1.19 -5.04 8.19
C PRO A 77 -0.94 -4.06 9.36
N GLY A 78 0.21 -3.37 9.30
CA GLY A 78 0.55 -2.26 10.20
C GLY A 78 0.90 -2.67 11.62
N GLN A 79 0.87 -3.99 11.91
CA GLN A 79 1.05 -4.52 13.28
C GLN A 79 2.48 -4.31 13.79
N ASP A 80 3.46 -4.58 12.91
CA ASP A 80 4.90 -4.34 13.20
C ASP A 80 5.32 -2.89 12.81
N GLY A 81 4.34 -2.10 12.36
CA GLY A 81 4.59 -0.78 11.77
C GLY A 81 4.99 -0.91 10.32
N VAL A 82 4.35 -1.88 9.65
CA VAL A 82 4.67 -2.24 8.27
C VAL A 82 3.51 -3.04 7.66
N ILE A 83 3.22 -2.77 6.39
CA ILE A 83 2.36 -3.62 5.54
C ILE A 83 3.24 -4.00 4.35
N ASN A 84 3.34 -5.30 4.04
CA ASN A 84 4.14 -5.78 2.88
C ASN A 84 3.25 -6.52 1.92
N GLY A 85 3.66 -6.53 0.65
CA GLY A 85 2.95 -7.29 -0.37
C GLY A 85 3.66 -7.32 -1.71
N VAL A 86 3.05 -8.00 -2.68
CA VAL A 86 3.59 -8.14 -4.06
C VAL A 86 2.55 -7.65 -5.08
N LEU A 87 3.01 -6.88 -6.09
CA LEU A 87 2.14 -6.22 -7.07
C LEU A 87 1.42 -7.27 -7.96
N ILE A 88 0.12 -7.08 -8.14
CA ILE A 88 -0.76 -7.94 -8.95
C ILE A 88 -1.67 -7.08 -9.84
N ARG A 89 -2.46 -7.75 -10.70
CA ARG A 89 -3.33 -7.09 -11.69
C ARG A 89 -4.74 -7.70 -11.61
N GLU A 90 -5.57 -7.20 -10.67
CA GLU A 90 -6.98 -7.64 -10.51
C GLU A 90 -7.89 -6.66 -11.27
N LEU A 91 -8.12 -5.49 -10.66
CA LEU A 91 -8.75 -4.34 -11.31
C LEU A 91 -7.66 -3.57 -12.05
N GLU A 92 -7.51 -3.88 -13.35
CA GLU A 92 -6.47 -3.27 -14.21
C GLU A 92 -6.61 -1.73 -14.28
N HIS A 93 -5.52 -1.00 -14.03
CA HIS A 93 -5.45 0.45 -14.28
C HIS A 93 -5.23 0.67 -15.80
N HIS A 94 -4.56 -0.31 -16.42
CA HIS A 94 -4.40 -0.45 -17.89
C HIS A 94 -3.84 -1.85 -18.18
N HIS A 95 -4.43 -2.55 -19.15
CA HIS A 95 -4.01 -3.92 -19.53
C HIS A 95 -4.74 -4.35 -20.82
N HIS A 96 -6.00 -3.87 -20.96
CA HIS A 96 -6.83 -4.10 -22.15
C HIS A 96 -6.25 -3.25 -23.31
N HIS A 97 -5.32 -3.85 -24.07
CA HIS A 97 -4.67 -3.20 -25.22
C HIS A 97 -5.63 -3.14 -26.42
N HIS A 98 -6.46 -4.19 -26.57
CA HIS A 98 -7.48 -4.31 -27.60
C HIS A 98 -8.36 -5.54 -27.28
N GLY A 1 42.44 -24.82 6.32
CA GLY A 1 42.22 -24.15 5.02
C GLY A 1 42.15 -22.65 5.14
N ASP A 2 41.49 -22.00 4.15
CA ASP A 2 41.34 -20.54 4.09
C ASP A 2 40.29 -20.07 5.12
N ARG A 3 40.77 -19.48 6.24
CA ARG A 3 39.92 -18.88 7.29
C ARG A 3 39.45 -17.49 6.86
N ARG A 4 38.52 -17.45 5.91
CA ARG A 4 37.88 -16.21 5.45
C ARG A 4 36.80 -15.83 6.48
N VAL A 5 37.23 -15.15 7.55
CA VAL A 5 36.36 -14.74 8.66
C VAL A 5 35.73 -13.38 8.31
N ARG A 6 34.53 -13.43 7.72
CA ARG A 6 33.77 -12.24 7.32
C ARG A 6 33.20 -11.57 8.59
N LEU A 7 33.97 -10.61 9.14
CA LEU A 7 33.59 -9.86 10.34
C LEU A 7 32.52 -8.81 10.01
N ILE A 8 31.27 -9.13 10.39
CA ILE A 8 30.09 -8.29 10.15
C ILE A 8 30.08 -7.07 11.09
N ARG A 9 29.87 -5.88 10.51
CA ARG A 9 29.73 -4.61 11.24
C ARG A 9 28.67 -3.73 10.57
N THR A 10 28.08 -2.80 11.35
CA THR A 10 26.91 -1.98 10.96
C THR A 10 25.67 -2.87 10.78
N ARG A 11 24.80 -2.87 11.79
CA ARG A 11 23.50 -3.56 11.75
C ARG A 11 22.51 -2.74 10.91
N GLY A 12 22.59 -1.41 11.08
CA GLY A 12 21.66 -0.47 10.47
C GLY A 12 20.65 0.04 11.49
N GLY A 13 20.04 1.19 11.20
CA GLY A 13 19.09 1.81 12.10
C GLY A 13 18.67 3.18 11.60
N ASN A 14 17.42 3.30 11.15
CA ASN A 14 16.88 4.56 10.58
C ASN A 14 15.40 4.70 11.04
N THR A 15 15.21 5.42 12.15
CA THR A 15 13.88 5.71 12.72
C THR A 15 13.43 7.13 12.30
N LYS A 16 12.39 7.22 11.44
CA LYS A 16 11.88 8.51 10.92
C LYS A 16 10.40 8.70 11.32
N VAL A 17 9.50 8.06 10.58
CA VAL A 17 8.03 8.21 10.77
C VAL A 17 7.32 6.93 10.29
N ARG A 18 6.22 6.58 10.96
CA ARG A 18 5.38 5.43 10.60
C ARG A 18 4.41 5.82 9.45
N LEU A 19 3.28 5.10 9.34
CA LEU A 19 2.18 5.48 8.41
C LEU A 19 1.30 6.60 9.03
N ALA A 20 1.97 7.59 9.65
CA ALA A 20 1.34 8.69 10.41
C ALA A 20 0.99 9.86 9.46
N SER A 21 0.33 9.50 8.35
CA SER A 21 -0.09 10.43 7.30
C SER A 21 -1.35 9.84 6.65
N ASP A 22 -1.18 8.61 6.14
CA ASP A 22 -2.24 7.79 5.55
C ASP A 22 -1.75 6.31 5.52
N THR A 23 -2.63 5.37 5.14
CA THR A 23 -2.31 3.94 5.14
C THR A 23 -1.17 3.64 4.14
N ARG A 24 -0.03 3.17 4.66
CA ARG A 24 1.20 3.00 3.89
C ARG A 24 1.51 1.50 3.69
N ILE A 25 2.01 1.15 2.50
CA ILE A 25 2.40 -0.22 2.14
C ILE A 25 3.70 -0.18 1.31
N ASN A 26 4.54 -1.21 1.45
CA ASN A 26 5.72 -1.42 0.61
C ASN A 26 5.33 -2.42 -0.49
N VAL A 27 5.09 -1.90 -1.69
CA VAL A 27 4.64 -2.67 -2.85
C VAL A 27 5.85 -3.30 -3.54
N VAL A 28 6.02 -4.62 -3.37
CA VAL A 28 7.14 -5.37 -3.95
C VAL A 28 6.67 -6.02 -5.25
N ASP A 29 7.05 -5.43 -6.38
CA ASP A 29 6.80 -6.00 -7.70
C ASP A 29 7.40 -7.42 -7.77
N PRO A 30 6.59 -8.50 -7.94
CA PRO A 30 7.08 -9.90 -7.85
C PRO A 30 7.93 -10.32 -9.06
N GLU A 31 7.81 -9.59 -10.18
CA GLU A 31 8.48 -9.93 -11.44
C GLU A 31 9.93 -9.43 -11.44
N THR A 32 10.10 -8.13 -11.10
CA THR A 32 11.40 -7.44 -11.08
C THR A 32 12.04 -7.51 -9.68
N GLY A 33 11.20 -7.66 -8.64
CA GLY A 33 11.65 -7.70 -7.24
C GLY A 33 11.70 -6.32 -6.58
N LYS A 34 11.25 -5.28 -7.31
CA LYS A 34 11.37 -3.87 -6.86
C LYS A 34 10.41 -3.55 -5.71
N VAL A 35 10.98 -3.30 -4.52
CA VAL A 35 10.24 -2.79 -3.36
C VAL A 35 10.09 -1.28 -3.51
N GLU A 36 8.85 -0.80 -3.67
CA GLU A 36 8.53 0.63 -3.83
C GLU A 36 7.40 0.99 -2.87
N ILE A 37 7.60 2.08 -2.11
CA ILE A 37 6.65 2.53 -1.09
C ILE A 37 5.48 3.29 -1.76
N ALA A 38 4.26 2.84 -1.48
CA ALA A 38 3.01 3.42 -2.02
C ALA A 38 1.98 3.59 -0.89
N GLU A 39 0.87 4.28 -1.18
CA GLU A 39 -0.22 4.50 -0.23
C GLU A 39 -1.50 3.85 -0.75
N ILE A 40 -2.22 3.16 0.16
CA ILE A 40 -3.42 2.40 -0.17
C ILE A 40 -4.63 3.34 -0.31
N ARG A 41 -5.14 3.45 -1.55
CA ARG A 41 -6.34 4.23 -1.90
C ARG A 41 -7.58 3.60 -1.23
N ASN A 42 -7.79 2.30 -1.46
CA ASN A 42 -8.97 1.56 -0.97
C ASN A 42 -8.55 0.13 -0.57
N VAL A 43 -9.33 -0.54 0.30
CA VAL A 43 -9.05 -1.93 0.74
C VAL A 43 -10.22 -2.85 0.40
N VAL A 44 -11.47 -2.35 0.55
CA VAL A 44 -12.70 -3.13 0.28
C VAL A 44 -12.78 -3.50 -1.23
N GLU A 45 -12.84 -4.80 -1.52
CA GLU A 45 -12.67 -5.36 -2.88
C GLU A 45 -13.98 -5.39 -3.69
N ASN A 46 -15.02 -4.68 -3.21
CA ASN A 46 -16.37 -4.66 -3.85
C ASN A 46 -16.37 -3.91 -5.19
N THR A 47 -15.45 -2.90 -5.31
CA THR A 47 -15.38 -1.93 -6.44
C THR A 47 -16.75 -1.24 -6.68
N ALA A 48 -17.53 -1.11 -5.60
CA ALA A 48 -18.94 -0.66 -5.65
C ALA A 48 -19.11 0.68 -4.91
N ASN A 49 -18.08 1.55 -5.03
CA ASN A 49 -18.03 2.88 -4.41
C ASN A 49 -17.94 2.78 -2.86
N PRO A 50 -16.70 2.82 -2.26
CA PRO A 50 -16.50 2.81 -0.79
C PRO A 50 -16.93 4.16 -0.16
N HIS A 51 -18.25 4.34 0.01
CA HIS A 51 -18.85 5.56 0.61
C HIS A 51 -18.42 5.65 2.09
N PHE A 52 -17.49 6.57 2.36
CA PHE A 52 -16.78 6.68 3.64
C PHE A 52 -15.99 5.39 3.90
N VAL A 53 -14.88 5.24 3.15
CA VAL A 53 -14.00 4.08 3.22
C VAL A 53 -13.44 3.89 4.65
N ARG A 54 -13.99 2.90 5.35
CA ARG A 54 -13.71 2.65 6.77
C ARG A 54 -13.72 1.13 7.03
N ARG A 55 -13.41 0.73 8.30
CA ARG A 55 -13.40 -0.69 8.74
C ARG A 55 -12.41 -1.52 7.89
N ASN A 56 -11.33 -0.85 7.41
CA ASN A 56 -10.35 -1.42 6.49
C ASN A 56 -9.48 -2.48 7.20
N ILE A 57 -10.03 -3.68 7.36
CA ILE A 57 -9.35 -4.82 7.99
C ILE A 57 -8.39 -5.43 6.96
N ILE A 58 -7.20 -4.83 6.87
CA ILE A 58 -6.13 -5.28 5.98
C ILE A 58 -5.55 -6.57 6.56
N THR A 59 -5.67 -7.64 5.78
CA THR A 59 -5.26 -9.00 6.16
C THR A 59 -4.43 -9.61 5.02
N ARG A 60 -3.81 -10.77 5.29
CA ARG A 60 -3.02 -11.49 4.28
C ARG A 60 -3.96 -12.06 3.19
N GLY A 61 -3.60 -11.82 1.92
CA GLY A 61 -4.40 -12.25 0.77
C GLY A 61 -5.35 -11.17 0.26
N ALA A 62 -5.58 -10.12 1.07
CA ALA A 62 -6.48 -9.01 0.71
C ALA A 62 -5.88 -8.19 -0.43
N VAL A 63 -6.70 -7.86 -1.43
CA VAL A 63 -6.31 -7.01 -2.56
C VAL A 63 -6.58 -5.56 -2.17
N VAL A 64 -5.49 -4.80 -2.03
CA VAL A 64 -5.55 -3.38 -1.71
C VAL A 64 -5.28 -2.58 -2.99
N GLU A 65 -6.05 -1.52 -3.15
CA GLU A 65 -5.93 -0.57 -4.27
C GLU A 65 -4.91 0.50 -3.83
N THR A 66 -3.88 0.72 -4.65
CA THR A 66 -2.76 1.65 -4.34
C THR A 66 -2.49 2.52 -5.58
N ASN A 67 -1.62 3.53 -5.44
CA ASN A 67 -1.28 4.47 -6.54
C ASN A 67 -0.43 3.81 -7.64
N LEU A 68 0.13 2.61 -7.36
CA LEU A 68 0.95 1.85 -8.33
C LEU A 68 0.12 0.78 -9.07
N GLY A 69 -1.07 0.47 -8.53
CA GLY A 69 -1.91 -0.62 -9.02
C GLY A 69 -2.57 -1.35 -7.88
N ASN A 70 -2.80 -2.66 -8.02
CA ASN A 70 -3.40 -3.50 -6.96
C ASN A 70 -2.34 -4.44 -6.41
N VAL A 71 -2.38 -4.68 -5.10
CA VAL A 71 -1.37 -5.47 -4.39
C VAL A 71 -2.05 -6.57 -3.55
N ARG A 72 -1.40 -7.74 -3.44
CA ARG A 72 -1.77 -8.81 -2.50
C ARG A 72 -0.91 -8.61 -1.26
N VAL A 73 -1.53 -8.47 -0.09
CA VAL A 73 -0.77 -8.32 1.16
C VAL A 73 -0.24 -9.72 1.55
N THR A 74 1.01 -10.01 1.15
CA THR A 74 1.67 -11.31 1.41
C THR A 74 2.32 -11.34 2.78
N SER A 75 2.94 -10.22 3.16
CA SER A 75 3.50 -10.03 4.50
C SER A 75 2.37 -9.71 5.50
N ARG A 76 2.69 -9.84 6.80
CA ARG A 76 1.79 -9.42 7.86
C ARG A 76 1.61 -7.89 7.82
N PRO A 77 0.34 -7.36 7.84
CA PRO A 77 0.05 -5.89 7.90
C PRO A 77 0.24 -5.31 9.33
N GLY A 78 1.33 -5.73 9.97
CA GLY A 78 1.63 -5.44 11.37
C GLY A 78 3.05 -5.89 11.67
N GLN A 79 3.25 -6.53 12.85
CA GLN A 79 4.57 -6.98 13.35
C GLN A 79 5.47 -5.77 13.68
N ASP A 80 5.94 -5.07 12.64
CA ASP A 80 6.64 -3.78 12.75
C ASP A 80 5.64 -2.60 12.66
N GLY A 81 4.41 -2.91 12.23
CA GLY A 81 3.37 -1.90 11.96
C GLY A 81 3.32 -1.48 10.50
N VAL A 82 4.29 -1.97 9.70
CA VAL A 82 4.37 -1.69 8.26
C VAL A 82 3.64 -2.80 7.48
N ILE A 83 2.93 -2.40 6.42
CA ILE A 83 2.26 -3.34 5.49
C ILE A 83 3.19 -3.57 4.29
N ASN A 84 3.16 -4.77 3.73
CA ASN A 84 4.00 -5.15 2.56
C ASN A 84 3.28 -6.25 1.77
N GLY A 85 3.54 -6.32 0.45
CA GLY A 85 2.90 -7.31 -0.41
C GLY A 85 3.53 -7.38 -1.80
N VAL A 86 2.84 -8.07 -2.75
CA VAL A 86 3.32 -8.23 -4.14
C VAL A 86 2.35 -7.56 -5.15
N LEU A 87 2.93 -6.77 -6.09
CA LEU A 87 2.16 -5.99 -7.08
C LEU A 87 1.49 -6.91 -8.13
N ILE A 88 0.17 -7.08 -8.00
CA ILE A 88 -0.65 -7.84 -8.97
C ILE A 88 -1.32 -6.88 -9.98
N ARG A 89 -1.94 -7.45 -11.01
CA ARG A 89 -2.52 -6.69 -12.15
C ARG A 89 -4.04 -6.84 -12.18
N GLU A 90 -4.63 -7.21 -11.01
CA GLU A 90 -6.00 -7.72 -10.91
C GLU A 90 -7.06 -6.67 -11.31
N LEU A 91 -7.33 -5.68 -10.43
CA LEU A 91 -8.41 -4.70 -10.62
C LEU A 91 -7.95 -3.57 -11.56
N GLU A 92 -7.77 -3.93 -12.83
CA GLU A 92 -7.47 -2.98 -13.90
C GLU A 92 -8.78 -2.29 -14.29
N HIS A 93 -8.83 -0.95 -14.18
CA HIS A 93 -10.07 -0.18 -14.43
C HIS A 93 -10.56 -0.34 -15.88
N HIS A 94 -9.62 -0.58 -16.82
CA HIS A 94 -9.93 -0.82 -18.23
C HIS A 94 -10.54 -2.23 -18.43
N HIS A 95 -10.02 -3.21 -17.65
CA HIS A 95 -10.46 -4.62 -17.71
C HIS A 95 -11.97 -4.71 -17.42
N HIS A 96 -12.70 -5.40 -18.31
CA HIS A 96 -14.15 -5.52 -18.25
C HIS A 96 -14.61 -6.20 -16.93
N HIS A 97 -15.25 -5.41 -16.08
CA HIS A 97 -15.90 -5.90 -14.85
C HIS A 97 -17.05 -6.86 -15.23
N HIS A 98 -17.15 -7.97 -14.50
CA HIS A 98 -18.15 -9.03 -14.73
C HIS A 98 -18.44 -9.75 -13.40
N GLY A 1 10.50 48.52 -22.72
CA GLY A 1 11.41 47.37 -22.95
C GLY A 1 10.73 46.04 -22.72
N ASP A 2 11.54 44.96 -22.68
CA ASP A 2 11.05 43.58 -22.49
C ASP A 2 10.87 43.31 -20.99
N ARG A 3 9.62 43.04 -20.57
CA ARG A 3 9.29 42.76 -19.16
C ARG A 3 8.90 41.28 -18.99
N ARG A 4 9.60 40.58 -18.09
CA ARG A 4 9.43 39.15 -17.84
C ARG A 4 9.66 38.86 -16.34
N VAL A 5 8.55 38.76 -15.58
CA VAL A 5 8.57 38.51 -14.14
C VAL A 5 8.47 36.99 -13.88
N ARG A 6 9.61 36.36 -13.54
CA ARG A 6 9.69 34.92 -13.23
C ARG A 6 9.96 34.73 -11.74
N LEU A 7 9.28 33.75 -11.12
CA LEU A 7 9.47 33.39 -9.71
C LEU A 7 9.01 31.94 -9.51
N ILE A 8 9.98 31.01 -9.45
CA ILE A 8 9.74 29.56 -9.26
C ILE A 8 10.33 29.13 -7.90
N ARG A 9 9.55 28.34 -7.14
CA ARG A 9 9.95 27.84 -5.81
C ARG A 9 9.83 26.31 -5.79
N THR A 10 10.97 25.62 -5.58
CA THR A 10 11.05 24.15 -5.57
C THR A 10 10.39 23.59 -4.28
N ARG A 11 9.08 23.34 -4.37
CA ARG A 11 8.27 22.80 -3.27
C ARG A 11 7.95 21.32 -3.52
N GLY A 12 8.44 20.46 -2.62
CA GLY A 12 8.22 19.02 -2.67
C GLY A 12 8.95 18.33 -1.54
N GLY A 13 8.74 18.83 -0.30
CA GLY A 13 9.42 18.34 0.90
C GLY A 13 8.97 16.93 1.27
N ASN A 14 9.89 15.95 1.13
CA ASN A 14 9.61 14.53 1.42
C ASN A 14 9.59 14.29 2.94
N THR A 15 8.37 14.07 3.50
CA THR A 15 8.19 13.71 4.91
C THR A 15 8.65 12.26 5.15
N LYS A 16 9.90 12.11 5.63
CA LYS A 16 10.46 10.82 6.06
C LYS A 16 9.88 10.46 7.44
N VAL A 17 8.86 9.58 7.43
CA VAL A 17 8.03 9.27 8.62
C VAL A 17 7.25 7.95 8.38
N ARG A 18 6.74 7.34 9.47
CA ARG A 18 5.92 6.11 9.44
C ARG A 18 4.49 6.43 8.92
N LEU A 19 3.69 5.37 8.65
CA LEU A 19 2.31 5.51 8.13
C LEU A 19 1.38 6.27 9.09
N ALA A 20 0.49 7.09 8.51
CA ALA A 20 -0.47 7.92 9.25
C ALA A 20 -1.63 8.30 8.32
N SER A 21 -2.87 7.83 8.65
CA SER A 21 -4.10 7.99 7.83
C SER A 21 -4.01 7.16 6.51
N ASP A 22 -3.14 7.62 5.61
CA ASP A 22 -2.84 6.93 4.34
C ASP A 22 -1.91 5.74 4.66
N THR A 23 -2.44 4.52 4.54
CA THR A 23 -1.70 3.30 4.86
C THR A 23 -0.52 3.10 3.90
N ARG A 24 0.65 2.81 4.45
CA ARG A 24 1.89 2.61 3.70
C ARG A 24 2.16 1.11 3.58
N ILE A 25 2.52 0.68 2.36
CA ILE A 25 2.73 -0.73 2.03
C ILE A 25 3.94 -0.86 1.10
N ASN A 26 4.81 -1.85 1.38
CA ASN A 26 5.98 -2.13 0.55
C ASN A 26 5.53 -3.04 -0.59
N VAL A 27 5.34 -2.45 -1.75
CA VAL A 27 4.84 -3.13 -2.94
C VAL A 27 6.04 -3.73 -3.70
N VAL A 28 6.14 -5.05 -3.64
CA VAL A 28 7.23 -5.81 -4.29
C VAL A 28 6.72 -6.29 -5.66
N ASP A 29 7.14 -5.58 -6.71
CA ASP A 29 6.82 -5.97 -8.10
C ASP A 29 7.48 -7.34 -8.39
N PRO A 30 6.69 -8.42 -8.67
CA PRO A 30 7.22 -9.81 -8.79
C PRO A 30 8.05 -10.03 -10.07
N GLU A 31 7.86 -9.15 -11.06
CA GLU A 31 8.42 -9.31 -12.41
C GLU A 31 9.79 -8.59 -12.52
N THR A 32 9.80 -7.30 -12.15
CA THR A 32 11.00 -6.45 -12.23
C THR A 32 11.82 -6.50 -10.93
N GLY A 33 11.12 -6.75 -9.80
CA GLY A 33 11.77 -6.82 -8.48
C GLY A 33 11.80 -5.49 -7.76
N LYS A 34 11.17 -4.45 -8.35
CA LYS A 34 11.13 -3.09 -7.79
C LYS A 34 10.23 -3.03 -6.54
N VAL A 35 10.81 -2.67 -5.39
CA VAL A 35 10.08 -2.52 -4.11
C VAL A 35 10.00 -1.02 -3.77
N GLU A 36 8.81 -0.55 -3.36
CA GLU A 36 8.59 0.86 -2.97
C GLU A 36 7.44 0.96 -1.95
N ILE A 37 7.53 1.97 -1.06
CA ILE A 37 6.49 2.23 -0.04
C ILE A 37 5.42 3.15 -0.66
N ALA A 38 4.32 2.52 -1.12
CA ALA A 38 3.17 3.21 -1.75
C ALA A 38 2.08 3.49 -0.71
N GLU A 39 1.05 4.26 -1.12
CA GLU A 39 -0.12 4.57 -0.29
C GLU A 39 -1.33 3.80 -0.84
N ILE A 40 -2.07 3.11 0.03
CA ILE A 40 -3.27 2.39 -0.35
C ILE A 40 -4.41 3.38 -0.61
N ARG A 41 -4.84 3.50 -1.90
CA ARG A 41 -5.93 4.39 -2.31
C ARG A 41 -7.27 3.82 -1.84
N ASN A 42 -7.47 2.56 -2.21
CA ASN A 42 -8.74 1.84 -2.09
C ASN A 42 -8.49 0.53 -1.31
N VAL A 43 -9.04 0.45 -0.09
CA VAL A 43 -8.88 -0.72 0.80
C VAL A 43 -9.86 -1.85 0.41
N VAL A 44 -10.89 -1.51 -0.40
CA VAL A 44 -11.83 -2.51 -0.93
C VAL A 44 -11.13 -3.20 -2.13
N GLU A 45 -11.38 -4.50 -2.29
CA GLU A 45 -10.86 -5.27 -3.43
C GLU A 45 -11.72 -4.98 -4.67
N ASN A 46 -13.04 -5.26 -4.55
CA ASN A 46 -14.05 -5.13 -5.60
C ASN A 46 -15.36 -5.74 -5.06
N THR A 47 -16.45 -4.96 -5.05
CA THR A 47 -17.78 -5.41 -4.58
C THR A 47 -18.86 -4.75 -5.45
N ALA A 48 -19.09 -3.45 -5.22
CA ALA A 48 -20.10 -2.62 -5.89
C ALA A 48 -19.91 -1.19 -5.40
N ASN A 49 -19.53 -0.28 -6.32
CA ASN A 49 -19.17 1.12 -6.00
C ASN A 49 -17.92 1.15 -5.08
N PRO A 50 -16.68 1.16 -5.65
CA PRO A 50 -15.42 1.06 -4.85
C PRO A 50 -15.03 2.36 -4.10
N HIS A 51 -16.00 3.29 -3.93
CA HIS A 51 -15.79 4.56 -3.21
C HIS A 51 -15.97 4.33 -1.68
N PHE A 52 -15.08 3.47 -1.12
CA PHE A 52 -15.03 3.10 0.31
C PHE A 52 -16.40 2.59 0.83
N VAL A 53 -16.83 1.42 0.31
CA VAL A 53 -18.02 0.70 0.83
C VAL A 53 -17.61 -0.36 1.87
N ARG A 54 -16.33 -0.75 1.81
CA ARG A 54 -15.72 -1.71 2.75
C ARG A 54 -14.76 -0.94 3.67
N ARG A 55 -14.46 -1.54 4.84
CA ARG A 55 -13.62 -0.91 5.88
C ARG A 55 -12.12 -1.09 5.58
N ASN A 56 -11.29 -0.39 6.38
CA ASN A 56 -9.81 -0.48 6.29
C ASN A 56 -9.26 -1.75 6.97
N ILE A 57 -10.12 -2.78 7.15
CA ILE A 57 -9.71 -4.09 7.67
C ILE A 57 -8.92 -4.81 6.57
N ILE A 58 -7.59 -4.65 6.65
CA ILE A 58 -6.63 -5.25 5.71
C ILE A 58 -6.14 -6.58 6.31
N THR A 59 -6.20 -7.66 5.52
CA THR A 59 -5.82 -9.02 5.97
C THR A 59 -4.79 -9.60 4.99
N ARG A 60 -4.08 -10.68 5.40
CA ARG A 60 -3.11 -11.38 4.52
C ARG A 60 -3.89 -12.20 3.46
N GLY A 61 -3.37 -12.21 2.22
CA GLY A 61 -4.03 -12.88 1.08
C GLY A 61 -5.14 -12.03 0.47
N ALA A 62 -5.32 -10.80 0.97
CA ALA A 62 -6.33 -9.86 0.48
C ALA A 62 -5.77 -9.01 -0.66
N VAL A 63 -6.66 -8.36 -1.43
CA VAL A 63 -6.27 -7.41 -2.47
C VAL A 63 -6.66 -5.98 -2.04
N VAL A 64 -5.67 -5.10 -2.03
CA VAL A 64 -5.86 -3.65 -1.87
C VAL A 64 -5.46 -2.97 -3.19
N GLU A 65 -5.78 -1.69 -3.35
CA GLU A 65 -5.29 -0.87 -4.47
C GLU A 65 -4.40 0.24 -3.90
N THR A 66 -3.24 0.45 -4.52
CA THR A 66 -2.21 1.38 -4.03
C THR A 66 -1.88 2.40 -5.12
N ASN A 67 -0.91 3.30 -4.83
CA ASN A 67 -0.42 4.29 -5.82
C ASN A 67 0.13 3.60 -7.07
N LEU A 68 0.64 2.37 -6.91
CA LEU A 68 1.23 1.59 -8.01
C LEU A 68 0.15 0.73 -8.71
N GLY A 69 -0.70 0.05 -7.91
CA GLY A 69 -1.76 -0.81 -8.46
C GLY A 69 -2.35 -1.74 -7.40
N ASN A 70 -3.12 -2.77 -7.83
CA ASN A 70 -3.68 -3.76 -6.90
C ASN A 70 -2.57 -4.70 -6.42
N VAL A 71 -2.51 -4.94 -5.09
CA VAL A 71 -1.45 -5.70 -4.42
C VAL A 71 -2.07 -6.79 -3.52
N ARG A 72 -1.38 -7.96 -3.43
CA ARG A 72 -1.69 -9.01 -2.43
C ARG A 72 -0.95 -8.66 -1.15
N VAL A 73 -1.70 -8.49 -0.05
CA VAL A 73 -1.13 -8.17 1.26
C VAL A 73 -0.44 -9.41 1.83
N THR A 74 0.85 -9.30 2.15
CA THR A 74 1.67 -10.43 2.63
C THR A 74 1.98 -10.29 4.13
N SER A 75 1.94 -9.05 4.65
CA SER A 75 2.14 -8.77 6.08
C SER A 75 0.81 -8.73 6.85
N ARG A 76 0.92 -8.54 8.17
CA ARG A 76 -0.21 -8.29 9.08
C ARG A 76 -0.17 -6.81 9.50
N PRO A 77 -1.31 -6.04 9.32
CA PRO A 77 -1.36 -4.58 9.62
C PRO A 77 -1.05 -4.27 11.10
N GLY A 78 0.02 -3.48 11.33
CA GLY A 78 0.41 -3.02 12.66
C GLY A 78 1.41 -3.95 13.33
N GLN A 79 1.25 -5.27 13.11
CA GLN A 79 2.06 -6.32 13.78
C GLN A 79 3.55 -6.22 13.40
N ASP A 80 3.80 -5.78 12.16
CA ASP A 80 5.17 -5.59 11.61
C ASP A 80 5.56 -4.11 11.53
N GLY A 81 4.68 -3.23 12.05
CA GLY A 81 4.85 -1.77 11.96
C GLY A 81 4.28 -1.20 10.67
N VAL A 82 4.85 -1.66 9.54
CA VAL A 82 4.39 -1.31 8.18
C VAL A 82 3.81 -2.57 7.50
N ILE A 83 2.99 -2.39 6.46
CA ILE A 83 2.47 -3.50 5.66
C ILE A 83 3.41 -3.71 4.45
N ASN A 84 3.54 -4.97 4.01
CA ASN A 84 4.25 -5.35 2.77
C ASN A 84 3.28 -6.16 1.90
N GLY A 85 3.62 -6.29 0.61
CA GLY A 85 2.83 -7.06 -0.33
C GLY A 85 3.55 -7.29 -1.65
N VAL A 86 2.89 -8.01 -2.57
CA VAL A 86 3.41 -8.26 -3.95
C VAL A 86 2.40 -7.72 -4.98
N LEU A 87 2.90 -6.93 -5.96
CA LEU A 87 2.07 -6.29 -6.98
C LEU A 87 1.45 -7.36 -7.91
N ILE A 88 0.13 -7.27 -8.14
CA ILE A 88 -0.61 -8.27 -8.95
C ILE A 88 -1.32 -7.61 -10.13
N ARG A 89 -1.67 -8.46 -11.11
CA ARG A 89 -2.36 -8.05 -12.35
C ARG A 89 -3.75 -8.72 -12.40
N GLU A 90 -4.14 -9.38 -11.27
CA GLU A 90 -5.35 -10.21 -11.18
C GLU A 90 -6.63 -9.41 -11.47
N LEU A 91 -6.91 -8.40 -10.63
CA LEU A 91 -8.11 -7.56 -10.78
C LEU A 91 -8.04 -6.73 -12.07
N GLU A 92 -9.24 -6.39 -12.60
CA GLU A 92 -9.40 -5.67 -13.86
C GLU A 92 -8.69 -4.30 -13.78
N HIS A 93 -8.89 -3.63 -12.63
CA HIS A 93 -8.18 -2.37 -12.26
C HIS A 93 -8.42 -1.25 -13.31
N HIS A 94 -9.61 -1.26 -13.94
CA HIS A 94 -10.03 -0.20 -14.87
C HIS A 94 -10.54 1.01 -14.08
N HIS A 95 -9.58 1.69 -13.43
CA HIS A 95 -9.79 2.89 -12.62
C HIS A 95 -8.94 4.05 -13.20
N HIS A 96 -8.38 3.78 -14.41
CA HIS A 96 -7.50 4.67 -15.17
C HIS A 96 -7.69 4.35 -16.67
N HIS A 97 -7.61 5.39 -17.53
CA HIS A 97 -7.85 5.26 -18.98
C HIS A 97 -6.70 4.46 -19.65
N HIS A 98 -7.06 3.33 -20.28
CA HIS A 98 -6.12 2.45 -21.00
C HIS A 98 -5.62 3.17 -22.28
N GLY A 1 37.04 27.11 1.40
CA GLY A 1 35.56 27.08 1.31
C GLY A 1 35.00 25.79 1.87
N ASP A 2 34.50 24.92 0.96
CA ASP A 2 33.87 23.63 1.31
C ASP A 2 33.70 22.79 0.02
N ARG A 3 33.28 21.52 0.16
CA ARG A 3 33.03 20.63 -0.99
C ARG A 3 31.81 21.10 -1.80
N ARG A 4 31.90 20.92 -3.12
CA ARG A 4 30.79 21.20 -4.07
C ARG A 4 29.77 20.05 -4.04
N VAL A 5 28.59 20.24 -4.68
CA VAL A 5 27.52 19.21 -4.75
C VAL A 5 28.07 17.95 -5.47
N ARG A 6 28.58 16.99 -4.66
CA ARG A 6 29.31 15.82 -5.16
C ARG A 6 28.35 14.74 -5.66
N LEU A 7 28.85 13.91 -6.59
CA LEU A 7 28.09 12.79 -7.18
C LEU A 7 28.12 11.56 -6.26
N ILE A 8 28.92 11.64 -5.17
CA ILE A 8 28.88 10.64 -4.09
C ILE A 8 27.56 10.81 -3.33
N ARG A 9 26.58 9.98 -3.69
CA ARG A 9 25.22 10.02 -3.13
C ARG A 9 24.97 8.82 -2.19
N THR A 10 25.95 7.89 -2.14
CA THR A 10 25.83 6.63 -1.38
C THR A 10 25.75 6.88 0.13
N ARG A 11 24.52 7.05 0.62
CA ARG A 11 24.17 7.29 2.03
C ARG A 11 22.66 7.18 2.17
N GLY A 12 22.18 6.07 2.74
CA GLY A 12 20.75 5.77 2.86
C GLY A 12 20.43 4.39 2.32
N GLY A 13 19.14 4.01 2.37
CA GLY A 13 18.68 2.71 1.91
C GLY A 13 17.32 2.37 2.47
N ASN A 14 17.17 1.14 2.99
CA ASN A 14 15.92 0.69 3.63
C ASN A 14 15.93 1.15 5.11
N THR A 15 15.71 2.46 5.28
CA THR A 15 15.61 3.10 6.60
C THR A 15 14.45 4.08 6.59
N LYS A 16 13.38 3.75 7.33
CA LYS A 16 12.20 4.62 7.47
C LYS A 16 11.35 4.14 8.65
N VAL A 17 10.52 5.05 9.16
CA VAL A 17 9.42 4.70 10.07
C VAL A 17 8.34 3.96 9.26
N ARG A 18 7.65 2.98 9.88
CA ARG A 18 6.51 2.28 9.25
C ARG A 18 5.31 3.24 9.07
N LEU A 19 4.24 2.76 8.43
CA LEU A 19 2.97 3.49 8.27
C LEU A 19 2.46 4.00 9.65
N ALA A 20 2.65 5.31 9.89
CA ALA A 20 2.33 5.96 11.17
C ALA A 20 1.63 7.28 10.88
N SER A 21 2.29 8.11 10.07
CA SER A 21 1.76 9.38 9.58
C SER A 21 0.50 9.15 8.71
N ASP A 22 0.56 8.09 7.87
CA ASP A 22 -0.54 7.68 6.98
C ASP A 22 -0.36 6.19 6.59
N THR A 23 -1.47 5.51 6.28
CA THR A 23 -1.48 4.07 5.97
C THR A 23 -0.93 3.81 4.54
N ARG A 24 0.25 3.20 4.50
CA ARG A 24 0.95 2.79 3.27
C ARG A 24 1.35 1.31 3.34
N ILE A 25 1.79 0.81 2.19
CA ILE A 25 2.21 -0.59 2.00
C ILE A 25 3.52 -0.60 1.19
N ASN A 26 4.48 -1.44 1.63
CA ASN A 26 5.77 -1.60 0.92
C ASN A 26 5.60 -2.72 -0.11
N VAL A 27 5.44 -2.32 -1.38
CA VAL A 27 5.05 -3.21 -2.48
C VAL A 27 6.29 -3.64 -3.29
N VAL A 28 6.36 -4.93 -3.63
CA VAL A 28 7.48 -5.53 -4.36
C VAL A 28 6.93 -6.16 -5.64
N ASP A 29 7.42 -5.74 -6.81
CA ASP A 29 7.11 -6.43 -8.09
C ASP A 29 7.67 -7.86 -8.05
N PRO A 30 6.84 -8.92 -8.26
CA PRO A 30 7.33 -10.32 -8.27
C PRO A 30 8.25 -10.63 -9.48
N GLU A 31 8.14 -9.80 -10.53
CA GLU A 31 8.86 -9.96 -11.80
C GLU A 31 10.25 -9.26 -11.78
N THR A 32 10.27 -7.98 -11.38
CA THR A 32 11.49 -7.14 -11.43
C THR A 32 12.18 -7.06 -10.06
N GLY A 33 11.41 -7.35 -8.98
CA GLY A 33 11.94 -7.33 -7.60
C GLY A 33 11.97 -5.94 -6.99
N LYS A 34 11.43 -4.93 -7.72
CA LYS A 34 11.49 -3.51 -7.30
C LYS A 34 10.53 -3.22 -6.13
N VAL A 35 11.08 -2.69 -5.04
CA VAL A 35 10.32 -2.27 -3.86
C VAL A 35 10.01 -0.75 -3.94
N GLU A 36 8.73 -0.40 -3.78
CA GLU A 36 8.27 0.99 -3.73
C GLU A 36 7.17 1.10 -2.67
N ILE A 37 7.26 2.13 -1.83
CA ILE A 37 6.27 2.37 -0.76
C ILE A 37 5.02 3.02 -1.39
N ALA A 38 4.01 2.19 -1.65
CA ALA A 38 2.75 2.64 -2.25
C ALA A 38 1.79 3.13 -1.16
N GLU A 39 0.80 3.94 -1.57
CA GLU A 39 -0.21 4.51 -0.66
C GLU A 39 -1.52 3.73 -0.81
N ILE A 40 -2.06 3.19 0.31
CA ILE A 40 -3.30 2.41 0.27
C ILE A 40 -4.49 3.39 0.11
N ARG A 41 -5.09 3.37 -1.08
CA ARG A 41 -6.22 4.23 -1.44
C ARG A 41 -7.54 3.62 -0.94
N ASN A 42 -7.77 2.35 -1.31
CA ASN A 42 -9.01 1.63 -0.99
C ASN A 42 -8.70 0.15 -0.76
N VAL A 43 -9.60 -0.56 -0.07
CA VAL A 43 -9.38 -1.97 0.34
C VAL A 43 -10.41 -2.92 -0.31
N VAL A 44 -10.89 -2.57 -1.52
CA VAL A 44 -11.76 -3.46 -2.32
C VAL A 44 -10.97 -4.70 -2.80
N GLU A 45 -11.02 -5.76 -1.96
CA GLU A 45 -10.37 -7.05 -2.23
C GLU A 45 -11.05 -7.76 -3.41
N ASN A 46 -12.37 -7.59 -3.48
CA ASN A 46 -13.22 -8.16 -4.51
C ASN A 46 -14.16 -7.07 -5.02
N THR A 47 -14.07 -6.72 -6.31
CA THR A 47 -14.95 -5.71 -6.93
C THR A 47 -16.32 -6.32 -7.34
N ALA A 48 -16.38 -7.67 -7.38
CA ALA A 48 -17.63 -8.42 -7.66
C ALA A 48 -18.61 -8.27 -6.49
N ASN A 49 -18.08 -8.38 -5.25
CA ASN A 49 -18.84 -8.18 -4.02
C ASN A 49 -17.86 -7.96 -2.84
N PRO A 50 -17.47 -6.68 -2.55
CA PRO A 50 -16.63 -6.34 -1.37
C PRO A 50 -17.46 -6.44 -0.08
N HIS A 51 -17.06 -7.36 0.81
CA HIS A 51 -17.73 -7.59 2.10
C HIS A 51 -17.38 -6.44 3.06
N PHE A 52 -18.25 -5.41 3.06
CA PHE A 52 -18.05 -4.18 3.83
C PHE A 52 -18.46 -4.42 5.30
N VAL A 53 -17.59 -5.15 6.01
CA VAL A 53 -17.64 -5.33 7.47
C VAL A 53 -16.42 -4.59 8.09
N ARG A 54 -15.51 -4.14 7.21
CA ARG A 54 -14.23 -3.53 7.55
C ARG A 54 -13.82 -2.53 6.43
N ARG A 55 -12.86 -1.64 6.74
CA ARG A 55 -12.35 -0.63 5.79
C ARG A 55 -10.88 -0.27 6.10
N ASN A 56 -10.59 0.01 7.37
CA ASN A 56 -9.21 0.30 7.82
C ASN A 56 -8.55 -0.97 8.40
N ILE A 57 -9.35 -2.04 8.55
CA ILE A 57 -8.85 -3.37 8.96
C ILE A 57 -8.44 -4.16 7.71
N ILE A 58 -7.13 -4.39 7.57
CA ILE A 58 -6.54 -5.13 6.45
C ILE A 58 -5.89 -6.41 7.01
N THR A 59 -6.03 -7.52 6.28
CA THR A 59 -5.44 -8.82 6.64
C THR A 59 -4.61 -9.34 5.45
N ARG A 60 -3.91 -10.47 5.65
CA ARG A 60 -3.07 -11.09 4.62
C ARG A 60 -3.96 -11.71 3.52
N GLY A 61 -3.53 -11.54 2.26
CA GLY A 61 -4.26 -12.01 1.09
C GLY A 61 -5.14 -10.92 0.48
N ALA A 62 -5.26 -9.78 1.18
CA ALA A 62 -6.11 -8.65 0.76
C ALA A 62 -5.61 -8.00 -0.53
N VAL A 63 -6.52 -7.72 -1.47
CA VAL A 63 -6.21 -6.90 -2.64
C VAL A 63 -6.54 -5.45 -2.29
N VAL A 64 -5.50 -4.61 -2.21
CA VAL A 64 -5.64 -3.18 -1.94
C VAL A 64 -5.37 -2.39 -3.23
N GLU A 65 -6.07 -1.27 -3.37
CA GLU A 65 -5.89 -0.33 -4.48
C GLU A 65 -4.84 0.68 -4.03
N THR A 66 -3.80 0.85 -4.84
CA THR A 66 -2.70 1.80 -4.56
C THR A 66 -2.43 2.67 -5.79
N ASN A 67 -1.46 3.57 -5.65
CA ASN A 67 -0.99 4.42 -6.76
C ASN A 67 -0.15 3.62 -7.76
N LEU A 68 0.28 2.40 -7.37
CA LEU A 68 1.02 1.48 -8.25
C LEU A 68 0.03 0.53 -8.98
N GLY A 69 -0.99 0.05 -8.23
CA GLY A 69 -2.04 -0.78 -8.80
C GLY A 69 -2.71 -1.66 -7.75
N ASN A 70 -3.19 -2.83 -8.18
CA ASN A 70 -3.73 -3.85 -7.26
C ASN A 70 -2.58 -4.60 -6.60
N VAL A 71 -2.57 -4.71 -5.27
CA VAL A 71 -1.50 -5.38 -4.52
C VAL A 71 -2.07 -6.45 -3.59
N ARG A 72 -1.41 -7.61 -3.47
CA ARG A 72 -1.71 -8.63 -2.45
C ARG A 72 -0.90 -8.31 -1.21
N VAL A 73 -1.53 -8.29 -0.04
CA VAL A 73 -0.83 -8.17 1.24
C VAL A 73 -0.20 -9.54 1.57
N THR A 74 1.11 -9.64 1.43
CA THR A 74 1.85 -10.91 1.54
C THR A 74 2.42 -11.08 2.97
N SER A 75 2.55 -9.96 3.69
CA SER A 75 2.98 -9.95 5.09
C SER A 75 1.77 -10.12 6.03
N ARG A 76 2.07 -10.32 7.33
CA ARG A 76 1.06 -10.36 8.40
C ARG A 76 0.91 -8.93 9.00
N PRO A 77 -0.07 -8.11 8.48
CA PRO A 77 -0.10 -6.63 8.68
C PRO A 77 -0.26 -6.21 10.16
N GLY A 78 -1.20 -6.86 10.87
CA GLY A 78 -1.50 -6.51 12.26
C GLY A 78 -0.54 -7.13 13.27
N GLN A 79 0.27 -8.12 12.82
CA GLN A 79 1.23 -8.83 13.68
C GLN A 79 2.60 -8.14 13.70
N ASP A 80 3.12 -7.81 12.50
CA ASP A 80 4.37 -7.03 12.36
C ASP A 80 4.11 -5.52 12.54
N GLY A 81 2.82 -5.12 12.51
CA GLY A 81 2.45 -3.70 12.57
C GLY A 81 2.87 -2.93 11.33
N VAL A 82 3.13 -3.65 10.22
CA VAL A 82 3.51 -3.07 8.94
C VAL A 82 2.87 -3.90 7.81
N ILE A 83 2.44 -3.24 6.73
CA ILE A 83 1.75 -3.88 5.61
C ILE A 83 2.74 -3.95 4.44
N ASN A 84 3.07 -5.17 4.00
CA ASN A 84 3.98 -5.41 2.86
C ASN A 84 3.24 -6.30 1.85
N GLY A 85 3.59 -6.18 0.56
CA GLY A 85 2.86 -6.90 -0.47
C GLY A 85 3.60 -7.04 -1.80
N VAL A 86 2.93 -7.68 -2.79
CA VAL A 86 3.44 -7.82 -4.16
C VAL A 86 2.47 -7.19 -5.16
N LEU A 87 3.02 -6.49 -6.17
CA LEU A 87 2.21 -5.85 -7.20
C LEU A 87 1.62 -6.89 -8.17
N ILE A 88 0.30 -6.91 -8.27
CA ILE A 88 -0.46 -7.77 -9.21
C ILE A 88 -1.37 -6.88 -10.09
N ARG A 89 -2.16 -7.51 -10.97
CA ARG A 89 -3.03 -6.81 -11.94
C ARG A 89 -4.36 -7.58 -12.01
N GLU A 90 -5.34 -7.19 -11.16
CA GLU A 90 -6.69 -7.81 -11.15
C GLU A 90 -7.60 -7.08 -12.13
N LEU A 91 -7.62 -5.75 -12.00
CA LEU A 91 -8.35 -4.84 -12.87
C LEU A 91 -7.41 -4.32 -13.98
N GLU A 92 -7.96 -3.44 -14.84
CA GLU A 92 -7.22 -2.75 -15.91
C GLU A 92 -6.68 -3.74 -16.96
N HIS A 93 -7.62 -4.30 -17.75
CA HIS A 93 -7.31 -5.29 -18.80
C HIS A 93 -8.48 -5.37 -19.80
N HIS A 94 -8.21 -5.92 -20.99
CA HIS A 94 -9.25 -6.17 -22.02
C HIS A 94 -10.17 -7.30 -21.54
N HIS A 95 -11.37 -6.93 -21.06
CA HIS A 95 -12.34 -7.86 -20.46
C HIS A 95 -12.99 -8.78 -21.53
N HIS A 96 -12.38 -9.96 -21.77
CA HIS A 96 -12.87 -10.95 -22.75
C HIS A 96 -14.09 -11.70 -22.19
N HIS A 97 -14.13 -11.86 -20.86
CA HIS A 97 -15.27 -12.48 -20.14
C HIS A 97 -16.11 -11.39 -19.46
N HIS A 98 -17.43 -11.59 -19.42
CA HIS A 98 -18.37 -10.69 -18.73
C HIS A 98 -19.15 -11.52 -17.69
N GLY A 1 4.07 43.36 -15.11
CA GLY A 1 4.30 42.56 -13.88
C GLY A 1 5.77 42.38 -13.57
N ASP A 2 6.09 42.07 -12.29
CA ASP A 2 7.46 41.75 -11.84
C ASP A 2 7.88 40.38 -12.41
N ARG A 3 8.64 40.40 -13.50
CA ARG A 3 9.07 39.18 -14.21
C ARG A 3 10.38 38.65 -13.64
N ARG A 4 10.36 37.40 -13.14
CA ARG A 4 11.57 36.68 -12.69
C ARG A 4 11.29 35.18 -12.72
N VAL A 5 12.30 34.39 -13.13
CA VAL A 5 12.22 32.92 -13.15
C VAL A 5 12.94 32.37 -11.91
N ARG A 6 12.24 31.50 -11.16
CA ARG A 6 12.77 30.87 -9.95
C ARG A 6 12.09 29.51 -9.74
N LEU A 7 12.69 28.46 -10.31
CA LEU A 7 12.20 27.09 -10.22
C LEU A 7 12.65 26.47 -8.88
N ILE A 8 11.80 26.61 -7.86
CA ILE A 8 12.07 26.08 -6.49
C ILE A 8 12.04 24.53 -6.50
N ARG A 9 13.05 23.92 -5.87
CA ARG A 9 13.23 22.46 -5.82
C ARG A 9 13.88 22.11 -4.47
N THR A 10 13.03 21.94 -3.46
CA THR A 10 13.46 21.61 -2.09
C THR A 10 13.38 20.09 -1.88
N ARG A 11 14.49 19.39 -2.18
CA ARG A 11 14.62 17.94 -1.97
C ARG A 11 14.77 17.63 -0.47
N GLY A 12 13.98 16.66 -0.02
CA GLY A 12 13.91 16.27 1.39
C GLY A 12 12.92 15.15 1.61
N GLY A 13 13.22 13.98 1.01
CA GLY A 13 12.44 12.76 1.22
C GLY A 13 12.65 12.20 2.62
N ASN A 14 12.01 12.87 3.61
CA ASN A 14 12.25 12.64 5.04
C ASN A 14 11.70 11.29 5.49
N THR A 15 12.48 10.54 6.28
CA THR A 15 12.07 9.25 6.85
C THR A 15 10.95 9.48 7.89
N LYS A 16 9.71 9.05 7.56
CA LYS A 16 8.51 9.30 8.39
C LYS A 16 8.00 8.01 9.05
N VAL A 17 6.89 8.14 9.80
CA VAL A 17 6.17 7.02 10.43
C VAL A 17 5.43 6.21 9.34
N ARG A 18 5.23 4.89 9.58
CA ARG A 18 4.74 3.95 8.54
C ARG A 18 3.32 4.28 8.03
N LEU A 19 2.31 4.11 8.89
CA LEU A 19 0.88 4.22 8.49
C LEU A 19 0.01 4.93 9.55
N ALA A 20 0.64 5.80 10.36
CA ALA A 20 -0.06 6.59 11.39
C ALA A 20 -0.87 7.75 10.80
N SER A 21 -0.52 8.17 9.57
CA SER A 21 -1.22 9.24 8.83
C SER A 21 -1.46 8.77 7.40
N ASP A 22 -0.36 8.60 6.64
CA ASP A 22 -0.38 8.07 5.26
C ASP A 22 -0.35 6.54 5.35
N THR A 23 -1.46 5.86 4.96
CA THR A 23 -1.48 4.39 4.88
C THR A 23 -0.51 3.91 3.79
N ARG A 24 0.58 3.26 4.21
CA ARG A 24 1.67 2.85 3.31
C ARG A 24 1.83 1.33 3.28
N ILE A 25 2.34 0.86 2.13
CA ILE A 25 2.65 -0.54 1.89
C ILE A 25 3.95 -0.63 1.08
N ASN A 26 4.79 -1.63 1.38
CA ASN A 26 5.98 -1.90 0.59
C ASN A 26 5.59 -2.91 -0.49
N VAL A 27 5.39 -2.38 -1.70
CA VAL A 27 4.93 -3.13 -2.86
C VAL A 27 6.13 -3.75 -3.57
N VAL A 28 6.20 -5.08 -3.54
CA VAL A 28 7.25 -5.83 -4.21
C VAL A 28 6.72 -6.27 -5.58
N ASP A 29 7.12 -5.52 -6.63
CA ASP A 29 6.84 -5.89 -8.01
C ASP A 29 7.58 -7.21 -8.33
N PRO A 30 6.86 -8.34 -8.58
CA PRO A 30 7.49 -9.67 -8.71
C PRO A 30 8.15 -9.91 -10.09
N GLU A 31 8.07 -8.91 -10.98
CA GLU A 31 8.62 -9.00 -12.36
C GLU A 31 10.06 -8.46 -12.36
N THR A 32 10.20 -7.23 -11.84
CA THR A 32 11.47 -6.50 -11.76
C THR A 32 12.18 -6.73 -10.41
N GLY A 33 11.38 -6.91 -9.36
CA GLY A 33 11.89 -7.00 -7.98
C GLY A 33 11.89 -5.67 -7.25
N LYS A 34 11.31 -4.61 -7.88
CA LYS A 34 11.29 -3.25 -7.31
C LYS A 34 10.34 -3.18 -6.08
N VAL A 35 10.94 -3.06 -4.88
CA VAL A 35 10.20 -2.83 -3.64
C VAL A 35 10.10 -1.31 -3.42
N GLU A 36 8.88 -0.77 -3.35
CA GLU A 36 8.65 0.69 -3.26
C GLU A 36 7.46 0.98 -2.33
N ILE A 37 7.56 2.08 -1.57
CA ILE A 37 6.53 2.53 -0.65
C ILE A 37 5.39 3.22 -1.44
N ALA A 38 4.15 2.72 -1.27
CA ALA A 38 2.97 3.19 -2.01
C ALA A 38 1.86 3.58 -1.04
N GLU A 39 0.93 4.42 -1.52
CA GLU A 39 -0.21 4.90 -0.72
C GLU A 39 -1.44 4.05 -1.05
N ILE A 40 -2.02 3.39 -0.04
CA ILE A 40 -3.22 2.55 -0.23
C ILE A 40 -4.46 3.45 -0.34
N ARG A 41 -5.05 3.46 -1.54
CA ARG A 41 -6.23 4.26 -1.88
C ARG A 41 -7.52 3.60 -1.39
N ASN A 42 -7.59 2.27 -1.49
CA ASN A 42 -8.77 1.48 -1.07
C ASN A 42 -8.30 0.18 -0.38
N VAL A 43 -8.97 -0.21 0.71
CA VAL A 43 -8.59 -1.38 1.52
C VAL A 43 -9.36 -2.66 1.10
N VAL A 44 -10.57 -2.48 0.52
CA VAL A 44 -11.40 -3.60 0.06
C VAL A 44 -11.16 -3.89 -1.44
N GLU A 45 -11.28 -5.17 -1.82
CA GLU A 45 -10.91 -5.66 -3.17
C GLU A 45 -12.12 -5.68 -4.12
N ASN A 46 -12.29 -4.57 -4.88
CA ASN A 46 -13.30 -4.42 -5.98
C ASN A 46 -14.76 -4.29 -5.46
N THR A 47 -14.99 -4.72 -4.21
CA THR A 47 -16.33 -4.88 -3.63
C THR A 47 -17.03 -3.53 -3.45
N ALA A 48 -17.89 -3.17 -4.42
CA ALA A 48 -18.60 -1.89 -4.46
C ALA A 48 -19.74 -1.85 -3.44
N ASN A 49 -20.42 -3.00 -3.27
CA ASN A 49 -21.56 -3.13 -2.32
C ASN A 49 -21.16 -4.05 -1.14
N PRO A 50 -21.15 -3.53 0.13
CA PRO A 50 -20.83 -4.34 1.34
C PRO A 50 -21.96 -5.32 1.70
N HIS A 51 -21.61 -6.60 1.87
CA HIS A 51 -22.54 -7.66 2.32
C HIS A 51 -21.76 -8.87 2.87
N PHE A 52 -20.66 -9.26 2.18
CA PHE A 52 -19.68 -10.24 2.70
C PHE A 52 -18.56 -9.49 3.43
N VAL A 53 -18.04 -8.44 2.77
CA VAL A 53 -17.14 -7.46 3.39
C VAL A 53 -17.96 -6.28 3.92
N ARG A 54 -17.37 -5.47 4.80
CA ARG A 54 -18.05 -4.33 5.44
C ARG A 54 -17.00 -3.50 6.21
N ARG A 55 -15.99 -4.20 6.75
CA ARG A 55 -14.90 -3.62 7.57
C ARG A 55 -14.00 -2.67 6.74
N ASN A 56 -13.33 -1.74 7.43
CA ASN A 56 -12.39 -0.78 6.81
C ASN A 56 -10.93 -1.20 7.12
N ILE A 57 -10.71 -2.51 7.29
CA ILE A 57 -9.41 -3.06 7.73
C ILE A 57 -8.82 -3.96 6.63
N ILE A 58 -7.49 -3.98 6.55
CA ILE A 58 -6.73 -4.83 5.64
C ILE A 58 -6.37 -6.16 6.35
N THR A 59 -6.40 -7.26 5.58
CA THR A 59 -6.04 -8.59 6.06
C THR A 59 -5.04 -9.23 5.07
N ARG A 60 -4.49 -10.40 5.44
CA ARG A 60 -3.51 -11.12 4.61
C ARG A 60 -4.22 -11.77 3.41
N GLY A 61 -3.65 -11.62 2.20
CA GLY A 61 -4.27 -12.14 0.98
C GLY A 61 -5.34 -11.21 0.42
N ALA A 62 -5.62 -10.10 1.14
CA ALA A 62 -6.58 -9.08 0.70
C ALA A 62 -5.92 -8.22 -0.37
N VAL A 63 -6.64 -7.99 -1.47
CA VAL A 63 -6.17 -7.15 -2.56
C VAL A 63 -6.49 -5.69 -2.21
N VAL A 64 -5.44 -4.90 -2.01
CA VAL A 64 -5.55 -3.47 -1.73
C VAL A 64 -5.24 -2.70 -3.01
N GLU A 65 -5.90 -1.56 -3.16
CA GLU A 65 -5.70 -0.66 -4.28
C GLU A 65 -4.72 0.41 -3.83
N THR A 66 -3.66 0.62 -4.60
CA THR A 66 -2.61 1.61 -4.29
C THR A 66 -2.46 2.56 -5.47
N ASN A 67 -1.58 3.56 -5.33
CA ASN A 67 -1.25 4.49 -6.43
C ASN A 67 -0.39 3.80 -7.51
N LEU A 68 0.13 2.59 -7.20
CA LEU A 68 0.88 1.77 -8.15
C LEU A 68 -0.05 0.77 -8.86
N GLY A 69 -0.86 0.04 -8.08
CA GLY A 69 -1.83 -0.93 -8.62
C GLY A 69 -2.44 -1.83 -7.57
N ASN A 70 -2.81 -3.05 -7.98
CA ASN A 70 -3.45 -4.07 -7.12
C ASN A 70 -2.36 -4.89 -6.43
N VAL A 71 -2.30 -4.85 -5.10
CA VAL A 71 -1.26 -5.56 -4.31
C VAL A 71 -1.95 -6.54 -3.33
N ARG A 72 -1.34 -7.70 -3.07
CA ARG A 72 -1.80 -8.65 -2.03
C ARG A 72 -0.82 -8.64 -0.88
N VAL A 73 -1.34 -8.52 0.34
CA VAL A 73 -0.53 -8.42 1.55
C VAL A 73 -0.07 -9.83 1.97
N THR A 74 1.17 -10.17 1.61
CA THR A 74 1.81 -11.45 1.97
C THR A 74 2.22 -11.49 3.45
N SER A 75 2.51 -10.31 4.00
CA SER A 75 2.89 -10.15 5.42
C SER A 75 1.64 -9.89 6.29
N ARG A 76 1.88 -9.53 7.56
CA ARG A 76 0.82 -9.18 8.51
C ARG A 76 0.69 -7.65 8.53
N PRO A 77 -0.46 -7.08 8.02
CA PRO A 77 -0.63 -5.61 7.84
C PRO A 77 -0.54 -4.82 9.16
N GLY A 78 0.66 -4.30 9.45
CA GLY A 78 0.90 -3.46 10.65
C GLY A 78 1.62 -4.18 11.77
N GLN A 79 1.55 -5.54 11.82
CA GLN A 79 2.29 -6.35 12.82
C GLN A 79 3.79 -6.37 12.48
N ASP A 80 4.10 -6.28 11.18
CA ASP A 80 5.48 -6.11 10.68
C ASP A 80 5.95 -4.65 10.84
N GLY A 81 5.11 -3.78 11.47
CA GLY A 81 5.37 -2.34 11.56
C GLY A 81 4.74 -1.59 10.39
N VAL A 82 4.73 -2.25 9.23
CA VAL A 82 4.20 -1.73 7.98
C VAL A 82 3.45 -2.87 7.26
N ILE A 83 2.63 -2.49 6.28
CA ILE A 83 1.94 -3.43 5.40
C ILE A 83 2.92 -3.81 4.27
N ASN A 84 3.06 -5.10 3.96
CA ASN A 84 4.00 -5.58 2.92
C ASN A 84 3.29 -6.58 2.03
N GLY A 85 3.62 -6.58 0.73
CA GLY A 85 2.96 -7.47 -0.23
C GLY A 85 3.58 -7.49 -1.62
N VAL A 86 2.89 -8.17 -2.56
CA VAL A 86 3.37 -8.36 -3.94
C VAL A 86 2.36 -7.76 -4.93
N LEU A 87 2.88 -7.05 -5.96
CA LEU A 87 2.04 -6.40 -6.98
C LEU A 87 1.44 -7.44 -7.93
N ILE A 88 0.14 -7.66 -7.83
CA ILE A 88 -0.63 -8.53 -8.73
C ILE A 88 -1.41 -7.69 -9.76
N ARG A 89 -2.15 -8.37 -10.66
CA ARG A 89 -3.03 -7.73 -11.65
C ARG A 89 -4.45 -8.33 -11.51
N GLU A 90 -5.02 -8.25 -10.28
CA GLU A 90 -6.38 -8.77 -9.97
C GLU A 90 -7.40 -8.05 -10.86
N LEU A 91 -7.41 -6.72 -10.72
CA LEU A 91 -8.14 -5.81 -11.60
C LEU A 91 -7.14 -5.22 -12.62
N GLU A 92 -7.41 -4.00 -13.11
CA GLU A 92 -6.42 -3.19 -13.83
C GLU A 92 -6.25 -1.84 -13.10
N HIS A 93 -5.03 -1.29 -13.19
CA HIS A 93 -4.73 0.09 -12.74
C HIS A 93 -4.89 1.05 -13.95
N HIS A 94 -5.80 0.67 -14.85
CA HIS A 94 -6.08 1.36 -16.11
C HIS A 94 -7.59 1.49 -16.24
N HIS A 95 -8.04 2.64 -16.75
CA HIS A 95 -9.48 2.97 -16.89
C HIS A 95 -10.20 1.97 -17.81
N HIS A 96 -11.35 1.47 -17.36
CA HIS A 96 -12.27 0.64 -18.18
C HIS A 96 -13.34 1.54 -18.78
N HIS A 97 -13.88 1.13 -19.94
CA HIS A 97 -15.01 1.84 -20.56
C HIS A 97 -16.30 1.53 -19.79
N HIS A 98 -16.64 2.41 -18.84
CA HIS A 98 -17.87 2.32 -18.04
C HIS A 98 -19.08 2.85 -18.85
N GLY A 1 -7.66 18.41 28.06
CA GLY A 1 -7.14 19.70 27.53
C GLY A 1 -8.08 20.32 26.50
N ASP A 2 -7.56 20.61 25.29
CA ASP A 2 -8.31 21.28 24.21
C ASP A 2 -7.65 21.01 22.85
N ARG A 3 -8.38 21.26 21.75
CA ARG A 3 -7.93 21.00 20.36
C ARG A 3 -6.82 21.99 19.91
N ARG A 4 -6.47 22.96 20.77
CA ARG A 4 -5.38 23.92 20.53
C ARG A 4 -4.02 23.19 20.33
N VAL A 5 -3.31 23.56 19.27
CA VAL A 5 -1.95 23.05 18.99
C VAL A 5 -0.96 24.20 19.16
N ARG A 6 -0.31 24.24 20.33
CA ARG A 6 0.74 25.22 20.62
C ARG A 6 2.07 24.70 20.05
N LEU A 7 2.29 25.04 18.77
CA LEU A 7 3.46 24.60 17.99
C LEU A 7 4.74 25.23 18.59
N ILE A 8 5.73 24.37 18.86
CA ILE A 8 7.03 24.75 19.43
C ILE A 8 8.11 23.90 18.73
N ARG A 9 9.33 24.47 18.56
CA ARG A 9 10.48 23.71 18.01
C ARG A 9 11.04 22.72 19.08
N THR A 10 10.24 21.66 19.31
CA THR A 10 10.52 20.65 20.33
C THR A 10 11.61 19.68 19.83
N ARG A 11 12.54 19.33 20.73
CA ARG A 11 13.72 18.52 20.40
C ARG A 11 13.45 17.05 20.69
N GLY A 12 12.87 16.38 19.69
CA GLY A 12 12.56 14.95 19.75
C GLY A 12 12.54 14.33 18.36
N GLY A 13 12.38 13.00 18.30
CA GLY A 13 12.38 12.27 17.04
C GLY A 13 11.09 12.45 16.23
N ASN A 14 11.00 13.57 15.51
CA ASN A 14 9.89 13.84 14.56
C ASN A 14 10.19 13.20 13.20
N THR A 15 11.45 12.80 13.00
CA THR A 15 11.93 12.11 11.79
C THR A 15 11.48 10.62 11.80
N LYS A 16 11.58 9.94 10.63
CA LYS A 16 11.07 8.55 10.44
C LYS A 16 9.54 8.53 10.68
N VAL A 17 8.84 9.37 9.91
CA VAL A 17 7.39 9.53 10.00
C VAL A 17 6.70 8.26 9.49
N ARG A 18 6.02 7.54 10.40
CA ARG A 18 5.14 6.40 10.07
C ARG A 18 3.94 6.85 9.19
N LEU A 19 3.04 5.93 8.83
CA LEU A 19 1.86 6.25 7.99
C LEU A 19 1.01 7.40 8.59
N ALA A 20 0.95 7.47 9.93
CA ALA A 20 0.35 8.60 10.70
C ALA A 20 -1.09 8.91 10.26
N SER A 21 -2.02 8.01 10.67
CA SER A 21 -3.48 8.08 10.35
C SER A 21 -3.81 7.68 8.88
N ASP A 22 -2.77 7.67 8.02
CA ASP A 22 -2.87 7.18 6.64
C ASP A 22 -2.54 5.67 6.63
N THR A 23 -2.48 5.04 5.45
CA THR A 23 -2.23 3.60 5.32
C THR A 23 -1.33 3.34 4.11
N ARG A 24 -0.10 2.84 4.37
CA ARG A 24 0.94 2.62 3.34
C ARG A 24 1.48 1.18 3.37
N ILE A 25 2.07 0.74 2.24
CA ILE A 25 2.49 -0.65 2.03
C ILE A 25 3.78 -0.70 1.18
N ASN A 26 4.61 -1.72 1.41
CA ASN A 26 5.80 -2.00 0.59
C ASN A 26 5.39 -2.92 -0.55
N VAL A 27 5.24 -2.35 -1.74
CA VAL A 27 4.80 -3.05 -2.95
C VAL A 27 6.02 -3.64 -3.67
N VAL A 28 6.14 -4.97 -3.64
CA VAL A 28 7.25 -5.69 -4.28
C VAL A 28 6.80 -6.25 -5.62
N ASP A 29 7.30 -5.69 -6.72
CA ASP A 29 7.12 -6.25 -8.06
C ASP A 29 7.70 -7.68 -8.11
N PRO A 30 6.85 -8.74 -8.26
CA PRO A 30 7.36 -10.14 -8.33
C PRO A 30 8.01 -10.45 -9.70
N GLU A 31 7.72 -9.59 -10.70
CA GLU A 31 8.28 -9.68 -12.06
C GLU A 31 9.54 -8.80 -12.22
N THR A 32 9.47 -7.55 -11.71
CA THR A 32 10.55 -6.54 -11.86
C THR A 32 11.58 -6.60 -10.70
N GLY A 33 11.16 -7.21 -9.56
CA GLY A 33 12.03 -7.37 -8.38
C GLY A 33 12.08 -6.15 -7.46
N LYS A 34 11.55 -5.02 -7.94
CA LYS A 34 11.63 -3.73 -7.24
C LYS A 34 10.65 -3.65 -6.04
N VAL A 35 11.03 -2.85 -5.03
CA VAL A 35 10.17 -2.58 -3.85
C VAL A 35 10.04 -1.05 -3.68
N GLU A 36 8.81 -0.56 -3.44
CA GLU A 36 8.54 0.87 -3.27
C GLU A 36 7.37 1.05 -2.29
N ILE A 37 7.46 2.07 -1.43
CA ILE A 37 6.41 2.39 -0.47
C ILE A 37 5.33 3.22 -1.19
N ALA A 38 4.09 2.71 -1.14
CA ALA A 38 2.93 3.26 -1.86
C ALA A 38 1.80 3.50 -0.88
N GLU A 39 0.83 4.34 -1.28
CA GLU A 39 -0.28 4.74 -0.41
C GLU A 39 -1.57 4.04 -0.85
N ILE A 40 -2.18 3.31 0.09
CA ILE A 40 -3.38 2.51 -0.18
C ILE A 40 -4.62 3.42 -0.28
N ARG A 41 -5.18 3.48 -1.49
CA ARG A 41 -6.35 4.31 -1.83
C ARG A 41 -7.64 3.67 -1.32
N ASN A 42 -7.83 2.40 -1.69
CA ASN A 42 -9.00 1.58 -1.28
C ASN A 42 -8.51 0.17 -0.99
N VAL A 43 -9.36 -0.64 -0.35
CA VAL A 43 -9.15 -2.10 -0.22
C VAL A 43 -10.24 -2.79 -1.05
N VAL A 44 -9.94 -2.98 -2.34
CA VAL A 44 -10.86 -3.57 -3.31
C VAL A 44 -10.10 -4.65 -4.12
N GLU A 45 -10.68 -5.86 -4.17
CA GLU A 45 -10.06 -7.01 -4.82
C GLU A 45 -10.43 -7.08 -6.31
N ASN A 46 -11.74 -7.11 -6.59
CA ASN A 46 -12.30 -7.26 -7.94
C ASN A 46 -13.61 -6.49 -8.02
N THR A 47 -14.05 -6.15 -9.24
CA THR A 47 -15.34 -5.48 -9.47
C THR A 47 -16.50 -6.49 -9.41
N ALA A 48 -16.22 -7.74 -9.83
CA ALA A 48 -17.20 -8.84 -9.81
C ALA A 48 -17.46 -9.27 -8.36
N ASN A 49 -18.39 -8.52 -7.71
CA ASN A 49 -18.75 -8.68 -6.30
C ASN A 49 -17.54 -8.46 -5.36
N PRO A 50 -17.19 -7.19 -5.00
CA PRO A 50 -16.10 -6.90 -4.06
C PRO A 50 -16.53 -7.29 -2.62
N HIS A 51 -16.05 -8.46 -2.13
CA HIS A 51 -16.43 -8.98 -0.80
C HIS A 51 -16.02 -7.99 0.32
N PHE A 52 -14.97 -7.18 0.05
CA PHE A 52 -14.65 -5.99 0.83
C PHE A 52 -15.69 -4.89 0.49
N VAL A 53 -16.83 -4.91 1.22
CA VAL A 53 -17.89 -3.88 1.09
C VAL A 53 -17.32 -2.54 1.54
N ARG A 54 -16.69 -2.58 2.72
CA ARG A 54 -15.86 -1.48 3.21
C ARG A 54 -14.48 -1.53 2.54
N ARG A 55 -13.92 -0.37 2.20
CA ARG A 55 -12.60 -0.26 1.56
C ARG A 55 -11.50 -0.04 2.61
N ASN A 56 -11.74 -0.58 3.83
CA ASN A 56 -10.82 -0.51 4.99
C ASN A 56 -10.67 -1.93 5.60
N ILE A 57 -9.87 -2.02 6.69
CA ILE A 57 -9.64 -3.26 7.47
C ILE A 57 -9.00 -4.34 6.57
N ILE A 58 -7.69 -4.23 6.42
CA ILE A 58 -6.87 -5.10 5.57
C ILE A 58 -6.52 -6.39 6.35
N THR A 59 -6.46 -7.51 5.64
CA THR A 59 -6.00 -8.80 6.18
C THR A 59 -4.84 -9.31 5.32
N ARG A 60 -4.13 -10.35 5.79
CA ARG A 60 -3.05 -10.98 5.01
C ARG A 60 -3.67 -11.84 3.89
N GLY A 61 -3.16 -11.65 2.68
CA GLY A 61 -3.69 -12.29 1.47
C GLY A 61 -4.83 -11.53 0.84
N ALA A 62 -5.08 -10.30 1.33
CA ALA A 62 -6.12 -9.40 0.78
C ALA A 62 -5.56 -8.66 -0.44
N VAL A 63 -6.43 -8.11 -1.29
CA VAL A 63 -6.01 -7.25 -2.39
C VAL A 63 -6.37 -5.80 -2.04
N VAL A 64 -5.34 -4.95 -2.00
CA VAL A 64 -5.49 -3.52 -1.78
C VAL A 64 -5.24 -2.78 -3.10
N GLU A 65 -5.73 -1.56 -3.17
CA GLU A 65 -5.48 -0.64 -4.28
C GLU A 65 -4.52 0.45 -3.79
N THR A 66 -3.45 0.70 -4.56
CA THR A 66 -2.39 1.65 -4.18
C THR A 66 -2.13 2.62 -5.33
N ASN A 67 -1.12 3.49 -5.16
CA ASN A 67 -0.66 4.42 -6.21
C ASN A 67 0.04 3.67 -7.35
N LEU A 68 0.49 2.42 -7.07
CA LEU A 68 1.22 1.56 -8.02
C LEU A 68 0.30 0.53 -8.68
N GLY A 69 -0.92 0.34 -8.12
CA GLY A 69 -1.90 -0.62 -8.62
C GLY A 69 -2.45 -1.54 -7.54
N ASN A 70 -3.09 -2.65 -7.95
CA ASN A 70 -3.63 -3.66 -7.01
C ASN A 70 -2.51 -4.59 -6.53
N VAL A 71 -2.42 -4.78 -5.20
CA VAL A 71 -1.34 -5.53 -4.53
C VAL A 71 -1.92 -6.66 -3.64
N ARG A 72 -1.27 -7.85 -3.66
CA ARG A 72 -1.55 -8.94 -2.70
C ARG A 72 -0.73 -8.71 -1.44
N VAL A 73 -1.40 -8.57 -0.30
CA VAL A 73 -0.74 -8.36 0.99
C VAL A 73 -0.07 -9.68 1.43
N THR A 74 1.26 -9.67 1.54
CA THR A 74 2.06 -10.89 1.80
C THR A 74 2.39 -11.03 3.29
N SER A 75 2.39 -9.90 4.00
CA SER A 75 2.66 -9.84 5.45
C SER A 75 1.36 -9.53 6.22
N ARG A 76 1.45 -9.48 7.56
CA ARG A 76 0.29 -9.25 8.44
C ARG A 76 0.12 -7.73 8.70
N PRO A 77 -0.91 -7.06 8.08
CA PRO A 77 -1.09 -5.58 8.18
C PRO A 77 -1.44 -5.13 9.62
N GLY A 78 -0.52 -4.36 10.22
CA GLY A 78 -0.70 -3.84 11.58
C GLY A 78 0.60 -3.84 12.37
N GLN A 79 1.50 -4.81 12.06
CA GLN A 79 2.82 -4.93 12.72
C GLN A 79 3.67 -3.65 12.48
N ASP A 80 3.88 -2.88 13.57
CA ASP A 80 4.68 -1.62 13.60
C ASP A 80 4.02 -0.43 12.86
N GLY A 81 3.01 -0.69 12.02
CA GLY A 81 2.46 0.32 11.12
C GLY A 81 3.05 0.18 9.72
N VAL A 82 3.73 -0.94 9.46
CA VAL A 82 4.26 -1.28 8.14
C VAL A 82 3.49 -2.48 7.56
N ILE A 83 2.83 -2.25 6.40
CA ILE A 83 2.19 -3.31 5.60
C ILE A 83 3.15 -3.69 4.46
N ASN A 84 3.13 -4.97 4.04
CA ASN A 84 4.00 -5.46 2.95
C ASN A 84 3.18 -6.34 1.99
N GLY A 85 3.57 -6.34 0.71
CA GLY A 85 2.84 -7.07 -0.33
C GLY A 85 3.60 -7.17 -1.65
N VAL A 86 2.95 -7.75 -2.69
CA VAL A 86 3.52 -7.90 -4.05
C VAL A 86 2.54 -7.37 -5.11
N LEU A 87 3.06 -6.64 -6.13
CA LEU A 87 2.22 -6.00 -7.15
C LEU A 87 1.63 -7.03 -8.13
N ILE A 88 0.30 -7.05 -8.22
CA ILE A 88 -0.44 -7.91 -9.17
C ILE A 88 -1.27 -7.03 -10.13
N ARG A 89 -2.00 -7.66 -11.05
CA ARG A 89 -2.79 -6.97 -12.08
C ARG A 89 -4.27 -7.41 -11.96
N GLU A 90 -5.03 -6.77 -11.04
CA GLU A 90 -6.48 -7.04 -10.91
C GLU A 90 -7.27 -6.06 -11.75
N LEU A 91 -7.47 -4.85 -11.21
CA LEU A 91 -8.29 -3.82 -11.85
C LEU A 91 -7.43 -3.07 -12.88
N GLU A 92 -7.55 -3.49 -14.16
CA GLU A 92 -6.89 -2.82 -15.29
C GLU A 92 -7.57 -1.46 -15.61
N HIS A 93 -8.71 -1.24 -14.97
CA HIS A 93 -9.49 0.02 -14.99
C HIS A 93 -9.89 0.36 -13.55
N HIS A 94 -9.88 1.65 -13.17
CA HIS A 94 -10.20 2.08 -11.80
C HIS A 94 -11.73 2.22 -11.64
N HIS A 95 -12.38 2.88 -12.63
CA HIS A 95 -13.84 3.04 -12.66
C HIS A 95 -14.47 1.87 -13.42
N HIS A 96 -15.41 1.16 -12.77
CA HIS A 96 -16.18 0.08 -13.39
C HIS A 96 -17.42 0.71 -14.08
N HIS A 97 -17.38 0.80 -15.42
CA HIS A 97 -18.38 1.57 -16.20
C HIS A 97 -18.34 1.14 -17.68
N HIS A 98 -19.52 0.87 -18.28
CA HIS A 98 -19.66 0.60 -19.73
C HIS A 98 -19.94 1.94 -20.46
N GLY A 1 35.18 -4.74 22.68
CA GLY A 1 34.14 -3.95 22.00
C GLY A 1 34.33 -2.45 22.23
N ASP A 2 34.85 -1.74 21.21
CA ASP A 2 35.04 -0.28 21.28
C ASP A 2 33.68 0.43 21.16
N ARG A 3 33.10 0.78 22.33
CA ARG A 3 31.78 1.45 22.40
C ARG A 3 31.96 2.97 22.22
N ARG A 4 32.31 3.35 20.97
CA ARG A 4 32.62 4.74 20.57
C ARG A 4 31.39 5.39 19.90
N VAL A 5 30.18 4.84 20.18
CA VAL A 5 28.90 5.17 19.50
C VAL A 5 28.70 6.68 19.17
N ARG A 6 29.05 7.02 17.90
CA ARG A 6 28.93 8.34 17.28
C ARG A 6 29.44 9.47 18.19
N LEU A 7 30.76 9.46 18.46
CA LEU A 7 31.40 10.42 19.38
C LEU A 7 31.26 11.87 18.87
N ILE A 8 31.36 12.04 17.54
CA ILE A 8 31.22 13.35 16.87
C ILE A 8 29.79 13.95 17.11
N ARG A 9 29.72 15.30 17.16
CA ARG A 9 28.49 16.08 17.45
C ARG A 9 27.32 15.72 16.52
N THR A 10 27.65 15.33 15.27
CA THR A 10 26.66 14.99 14.25
C THR A 10 25.84 13.74 14.64
N ARG A 11 24.69 13.99 15.30
CA ARG A 11 23.73 12.95 15.73
C ARG A 11 22.48 13.02 14.86
N GLY A 12 21.91 11.85 14.56
CA GLY A 12 20.72 11.76 13.73
C GLY A 12 20.18 10.34 13.70
N GLY A 13 19.29 10.03 14.65
CA GLY A 13 18.52 8.79 14.64
C GLY A 13 17.02 9.06 14.63
N ASN A 14 16.64 10.27 14.19
CA ASN A 14 15.24 10.71 14.09
C ASN A 14 15.02 11.38 12.73
N THR A 15 14.67 10.56 11.73
CA THR A 15 14.40 11.00 10.36
C THR A 15 13.33 10.09 9.73
N LYS A 16 12.82 10.50 8.54
CA LYS A 16 11.82 9.74 7.74
C LYS A 16 10.45 9.68 8.48
N VAL A 17 9.37 10.06 7.78
CA VAL A 17 8.01 9.91 8.32
C VAL A 17 7.36 8.65 7.69
N ARG A 18 6.77 7.81 8.55
CA ARG A 18 6.04 6.59 8.12
C ARG A 18 4.52 6.85 8.16
N LEU A 19 3.73 5.83 7.75
CA LEU A 19 2.25 5.91 7.77
C LEU A 19 1.74 6.26 9.17
N ALA A 20 0.98 7.36 9.26
CA ALA A 20 0.50 7.91 10.54
C ALA A 20 -1.03 7.95 10.52
N SER A 21 -1.59 9.04 9.97
CA SER A 21 -3.04 9.16 9.74
C SER A 21 -3.37 8.59 8.35
N ASP A 22 -2.35 8.65 7.49
CA ASP A 22 -2.31 7.96 6.18
C ASP A 22 -1.92 6.47 6.37
N THR A 23 -2.21 5.66 5.34
CA THR A 23 -1.90 4.21 5.35
C THR A 23 -1.10 3.85 4.10
N ARG A 24 0.13 3.37 4.31
CA ARG A 24 1.05 2.97 3.22
C ARG A 24 1.33 1.47 3.29
N ILE A 25 1.86 0.94 2.18
CA ILE A 25 2.28 -0.46 2.07
C ILE A 25 3.58 -0.52 1.23
N ASN A 26 4.57 -1.31 1.69
CA ASN A 26 5.82 -1.50 0.94
C ASN A 26 5.60 -2.62 -0.08
N VAL A 27 5.41 -2.23 -1.34
CA VAL A 27 5.00 -3.13 -2.42
C VAL A 27 6.23 -3.70 -3.12
N VAL A 28 6.24 -5.02 -3.34
CA VAL A 28 7.31 -5.73 -4.02
C VAL A 28 6.80 -6.19 -5.39
N ASP A 29 7.31 -5.59 -6.46
CA ASP A 29 6.95 -6.00 -7.82
C ASP A 29 7.51 -7.41 -8.06
N PRO A 30 6.64 -8.43 -8.34
CA PRO A 30 7.02 -9.87 -8.29
C PRO A 30 8.05 -10.26 -9.36
N GLU A 31 7.98 -9.63 -10.53
CA GLU A 31 8.77 -10.03 -11.72
C GLU A 31 10.06 -9.22 -11.86
N THR A 32 10.00 -7.89 -11.60
CA THR A 32 11.18 -7.01 -11.70
C THR A 32 11.95 -6.94 -10.36
N GLY A 33 11.27 -7.28 -9.26
CA GLY A 33 11.88 -7.27 -7.91
C GLY A 33 11.91 -5.87 -7.28
N LYS A 34 11.35 -4.87 -7.99
CA LYS A 34 11.36 -3.47 -7.54
C LYS A 34 10.46 -3.28 -6.30
N VAL A 35 11.10 -3.07 -5.14
CA VAL A 35 10.41 -2.77 -3.87
C VAL A 35 10.32 -1.24 -3.72
N GLU A 36 9.09 -0.73 -3.51
CA GLU A 36 8.82 0.70 -3.41
C GLU A 36 7.55 0.89 -2.56
N ILE A 37 7.52 2.01 -1.80
CA ILE A 37 6.39 2.32 -0.91
C ILE A 37 5.24 2.94 -1.72
N ALA A 38 4.01 2.50 -1.41
CA ALA A 38 2.80 2.97 -2.10
C ALA A 38 1.80 3.48 -1.07
N GLU A 39 0.86 4.30 -1.54
CA GLU A 39 -0.18 4.90 -0.69
C GLU A 39 -1.47 4.13 -0.96
N ILE A 40 -2.08 3.54 0.10
CA ILE A 40 -3.28 2.71 -0.06
C ILE A 40 -4.50 3.62 -0.27
N ARG A 41 -5.02 3.60 -1.50
CA ARG A 41 -6.20 4.37 -1.90
C ARG A 41 -7.48 3.76 -1.32
N ASN A 42 -7.67 2.45 -1.54
CA ASN A 42 -8.88 1.70 -1.12
C ASN A 42 -8.48 0.32 -0.60
N VAL A 43 -9.41 -0.35 0.11
CA VAL A 43 -9.22 -1.73 0.62
C VAL A 43 -10.46 -2.55 0.28
N VAL A 44 -10.36 -3.41 -0.75
CA VAL A 44 -11.48 -4.21 -1.25
C VAL A 44 -10.94 -5.39 -2.13
N GLU A 45 -10.81 -6.58 -1.51
CA GLU A 45 -10.16 -7.76 -2.13
C GLU A 45 -11.02 -8.40 -3.23
N ASN A 46 -12.34 -8.49 -2.98
CA ASN A 46 -13.29 -9.09 -3.94
C ASN A 46 -13.61 -8.11 -5.08
N THR A 47 -13.38 -6.80 -4.83
CA THR A 47 -13.75 -5.64 -5.68
C THR A 47 -15.29 -5.48 -5.80
N ALA A 48 -15.98 -6.53 -6.29
CA ALA A 48 -17.45 -6.57 -6.33
C ALA A 48 -18.04 -6.78 -4.91
N ASN A 49 -17.98 -5.69 -4.11
CA ASN A 49 -18.45 -5.65 -2.71
C ASN A 49 -18.36 -4.17 -2.24
N PRO A 50 -19.30 -3.29 -2.70
CA PRO A 50 -19.30 -1.85 -2.38
C PRO A 50 -20.07 -1.54 -1.07
N HIS A 51 -19.59 -2.16 0.03
CA HIS A 51 -20.23 -2.07 1.36
C HIS A 51 -20.17 -0.61 1.88
N PHE A 52 -21.35 0.00 2.14
CA PHE A 52 -21.50 1.44 2.47
C PHE A 52 -20.61 1.88 3.63
N VAL A 53 -20.47 1.02 4.66
CA VAL A 53 -19.65 1.32 5.84
C VAL A 53 -18.15 1.19 5.47
N ARG A 54 -17.46 2.34 5.43
CA ARG A 54 -16.04 2.43 5.07
C ARG A 54 -15.18 1.84 6.21
N ARG A 55 -14.83 0.55 6.08
CA ARG A 55 -13.95 -0.16 7.01
C ARG A 55 -12.77 -0.72 6.22
N ASN A 56 -11.60 -0.06 6.34
CA ASN A 56 -10.35 -0.47 5.66
C ASN A 56 -9.59 -1.52 6.51
N ILE A 57 -10.31 -2.62 6.84
CA ILE A 57 -9.76 -3.74 7.61
C ILE A 57 -8.87 -4.59 6.68
N ILE A 58 -7.57 -4.28 6.66
CA ILE A 58 -6.60 -4.94 5.77
C ILE A 58 -6.18 -6.29 6.37
N THR A 59 -6.28 -7.35 5.58
CA THR A 59 -5.94 -8.73 5.99
C THR A 59 -4.92 -9.31 5.01
N ARG A 60 -4.20 -10.37 5.45
CA ARG A 60 -3.18 -11.04 4.63
C ARG A 60 -3.86 -11.93 3.56
N GLY A 61 -3.43 -11.73 2.31
CA GLY A 61 -4.00 -12.42 1.15
C GLY A 61 -5.03 -11.57 0.41
N ALA A 62 -5.28 -10.35 0.93
CA ALA A 62 -6.28 -9.42 0.39
C ALA A 62 -5.66 -8.43 -0.61
N VAL A 63 -6.45 -8.02 -1.59
CA VAL A 63 -6.08 -6.96 -2.53
C VAL A 63 -6.42 -5.59 -1.91
N VAL A 64 -5.38 -4.78 -1.73
CA VAL A 64 -5.52 -3.34 -1.44
C VAL A 64 -5.24 -2.57 -2.73
N GLU A 65 -5.98 -1.48 -2.93
CA GLU A 65 -5.84 -0.62 -4.11
C GLU A 65 -4.88 0.50 -3.72
N THR A 66 -3.80 0.67 -4.48
CA THR A 66 -2.73 1.65 -4.17
C THR A 66 -2.54 2.61 -5.34
N ASN A 67 -1.51 3.47 -5.27
CA ASN A 67 -1.10 4.30 -6.43
C ASN A 67 -0.38 3.43 -7.49
N LEU A 68 0.26 2.32 -7.06
CA LEU A 68 1.04 1.44 -7.95
C LEU A 68 0.15 0.43 -8.68
N GLY A 69 -0.98 0.05 -8.05
CA GLY A 69 -1.93 -0.89 -8.64
C GLY A 69 -2.59 -1.75 -7.58
N ASN A 70 -2.96 -2.98 -7.94
CA ASN A 70 -3.52 -3.95 -6.99
C ASN A 70 -2.39 -4.68 -6.30
N VAL A 71 -2.43 -4.73 -4.97
CA VAL A 71 -1.39 -5.39 -4.17
C VAL A 71 -2.00 -6.48 -3.27
N ARG A 72 -1.42 -7.69 -3.34
CA ARG A 72 -1.76 -8.80 -2.43
C ARG A 72 -0.91 -8.64 -1.19
N VAL A 73 -1.55 -8.55 -0.02
CA VAL A 73 -0.84 -8.42 1.26
C VAL A 73 -0.17 -9.78 1.59
N THR A 74 1.13 -9.89 1.33
CA THR A 74 1.85 -11.18 1.37
C THR A 74 2.53 -11.37 2.72
N SER A 75 2.77 -10.25 3.41
CA SER A 75 3.21 -10.23 4.81
C SER A 75 1.97 -9.99 5.69
N ARG A 76 2.18 -9.90 7.01
CA ARG A 76 1.10 -9.53 7.94
C ARG A 76 0.82 -8.02 7.84
N PRO A 77 -0.47 -7.57 7.97
CA PRO A 77 -0.84 -6.14 8.00
C PRO A 77 -0.53 -5.45 9.37
N GLY A 78 0.71 -5.62 9.86
CA GLY A 78 1.15 -5.06 11.12
C GLY A 78 2.54 -5.56 11.53
N GLN A 79 3.55 -5.16 10.73
CA GLN A 79 4.98 -5.40 11.04
C GLN A 79 5.71 -4.05 11.07
N ASP A 80 6.22 -3.67 12.26
CA ASP A 80 6.89 -2.37 12.50
C ASP A 80 5.92 -1.18 12.28
N GLY A 81 4.60 -1.48 12.32
CA GLY A 81 3.54 -0.49 12.16
C GLY A 81 3.08 -0.36 10.72
N VAL A 82 3.77 -1.04 9.78
CA VAL A 82 3.49 -0.94 8.33
C VAL A 82 3.10 -2.31 7.74
N ILE A 83 2.51 -2.28 6.54
CA ILE A 83 2.03 -3.45 5.81
C ILE A 83 2.95 -3.69 4.59
N ASN A 84 3.16 -4.96 4.18
CA ASN A 84 3.93 -5.28 2.94
C ASN A 84 3.14 -6.27 2.06
N GLY A 85 3.44 -6.25 0.75
CA GLY A 85 2.75 -7.09 -0.23
C GLY A 85 3.45 -7.14 -1.60
N VAL A 86 2.78 -7.71 -2.63
CA VAL A 86 3.32 -7.80 -4.01
C VAL A 86 2.35 -7.19 -5.03
N LEU A 87 2.89 -6.58 -6.10
CA LEU A 87 2.09 -5.87 -7.11
C LEU A 87 1.56 -6.85 -8.19
N ILE A 88 0.26 -7.18 -8.11
CA ILE A 88 -0.41 -8.06 -9.09
C ILE A 88 -1.07 -7.24 -10.22
N ARG A 89 -1.61 -7.96 -11.22
CA ARG A 89 -2.10 -7.37 -12.48
C ARG A 89 -3.61 -7.66 -12.66
N GLU A 90 -4.33 -7.82 -11.53
CA GLU A 90 -5.74 -8.30 -11.50
C GLU A 90 -6.65 -7.40 -12.37
N LEU A 91 -6.72 -6.12 -12.00
CA LEU A 91 -7.26 -5.04 -12.81
C LEU A 91 -6.18 -3.93 -12.87
N GLU A 92 -5.56 -3.75 -14.04
CA GLU A 92 -4.51 -2.75 -14.25
C GLU A 92 -5.06 -1.32 -14.05
N HIS A 93 -4.32 -0.49 -13.26
CA HIS A 93 -4.74 0.88 -12.92
C HIS A 93 -4.81 1.77 -14.17
N HIS A 94 -3.92 1.46 -15.13
CA HIS A 94 -3.97 2.04 -16.47
C HIS A 94 -5.05 1.28 -17.27
N HIS A 95 -6.31 1.64 -17.02
CA HIS A 95 -7.48 0.94 -17.56
C HIS A 95 -8.16 1.79 -18.65
N HIS A 96 -7.49 1.87 -19.81
CA HIS A 96 -7.99 2.57 -21.01
C HIS A 96 -7.05 2.26 -22.19
N HIS A 97 -7.33 1.17 -22.91
CA HIS A 97 -6.57 0.78 -24.10
C HIS A 97 -7.01 1.67 -25.27
N HIS A 98 -6.27 2.78 -25.48
CA HIS A 98 -6.57 3.74 -26.55
C HIS A 98 -6.11 3.18 -27.93
N GLY A 1 -19.65 7.47 22.72
CA GLY A 1 -18.87 6.69 21.75
C GLY A 1 -17.43 7.17 21.67
N ASP A 2 -16.64 6.89 22.73
CA ASP A 2 -15.21 7.23 22.81
C ASP A 2 -14.43 6.46 21.73
N ARG A 3 -13.57 7.18 21.00
CA ARG A 3 -12.65 6.61 20.01
C ARG A 3 -11.25 7.18 20.27
N ARG A 4 -10.21 6.37 20.00
CA ARG A 4 -8.82 6.81 20.15
C ARG A 4 -8.44 7.79 19.02
N VAL A 5 -8.84 9.06 19.21
CA VAL A 5 -8.48 10.17 18.32
C VAL A 5 -6.99 10.48 18.55
N ARG A 6 -6.18 10.36 17.49
CA ARG A 6 -4.72 10.41 17.56
C ARG A 6 -4.25 11.75 18.15
N LEU A 7 -3.58 11.70 19.31
CA LEU A 7 -2.95 12.87 19.93
C LEU A 7 -1.67 13.21 19.16
N ILE A 8 -1.84 13.92 18.03
CA ILE A 8 -0.72 14.39 17.21
C ILE A 8 -0.15 15.65 17.88
N ARG A 9 0.64 15.42 18.94
CA ARG A 9 1.26 16.49 19.72
C ARG A 9 2.38 17.10 18.91
N THR A 10 2.22 18.38 18.55
CA THR A 10 3.13 19.10 17.65
C THR A 10 4.34 19.66 18.42
N ARG A 11 5.13 18.72 18.99
CA ARG A 11 6.40 18.98 19.68
C ARG A 11 7.50 18.22 18.94
N GLY A 12 8.41 18.98 18.30
CA GLY A 12 9.49 18.41 17.47
C GLY A 12 10.65 17.90 18.30
N GLY A 13 10.48 16.71 18.91
CA GLY A 13 11.51 16.09 19.74
C GLY A 13 11.74 14.63 19.43
N ASN A 14 11.32 14.20 18.22
CA ASN A 14 11.47 12.82 17.74
C ASN A 14 11.24 12.80 16.21
N THR A 15 12.34 12.83 15.44
CA THR A 15 12.31 12.81 13.97
C THR A 15 12.00 11.40 13.45
N LYS A 16 12.56 10.39 14.14
CA LYS A 16 12.42 8.97 13.78
C LYS A 16 11.02 8.46 14.16
N VAL A 17 10.06 8.68 13.27
CA VAL A 17 8.65 8.28 13.47
C VAL A 17 8.26 7.28 12.36
N ARG A 18 7.49 6.22 12.71
CA ARG A 18 6.89 5.31 11.72
C ARG A 18 5.87 6.09 10.86
N LEU A 19 5.73 5.68 9.60
CA LEU A 19 4.86 6.33 8.58
C LEU A 19 3.40 6.54 9.08
N ALA A 20 3.18 7.73 9.67
CA ALA A 20 1.89 8.13 10.28
C ALA A 20 1.20 9.22 9.46
N SER A 21 1.96 9.85 8.53
CA SER A 21 1.44 10.82 7.57
C SER A 21 0.32 10.18 6.72
N ASP A 22 0.60 8.96 6.25
CA ASP A 22 -0.39 8.07 5.64
C ASP A 22 0.05 6.62 5.88
N THR A 23 -0.91 5.67 6.04
CA THR A 23 -0.58 4.26 6.14
C THR A 23 -0.06 3.76 4.78
N ARG A 24 1.22 3.43 4.75
CA ARG A 24 1.89 2.97 3.53
C ARG A 24 1.96 1.44 3.51
N ILE A 25 2.26 0.93 2.31
CA ILE A 25 2.50 -0.49 2.07
C ILE A 25 3.72 -0.60 1.16
N ASN A 26 4.65 -1.51 1.50
CA ASN A 26 5.85 -1.73 0.70
C ASN A 26 5.50 -2.79 -0.35
N VAL A 27 5.25 -2.31 -1.57
CA VAL A 27 4.77 -3.11 -2.69
C VAL A 27 5.96 -3.71 -3.43
N VAL A 28 6.03 -5.05 -3.41
CA VAL A 28 7.13 -5.80 -4.03
C VAL A 28 6.69 -6.22 -5.42
N ASP A 29 7.14 -5.47 -6.43
CA ASP A 29 6.99 -5.85 -7.84
C ASP A 29 7.72 -7.21 -8.06
N PRO A 30 6.98 -8.32 -8.31
CA PRO A 30 7.59 -9.66 -8.42
C PRO A 30 8.18 -9.94 -9.81
N GLU A 31 8.00 -9.01 -10.78
CA GLU A 31 8.47 -9.20 -12.16
C GLU A 31 10.00 -8.98 -12.20
N THR A 32 10.41 -7.77 -11.77
CA THR A 32 11.81 -7.36 -11.68
C THR A 32 12.38 -7.56 -10.27
N GLY A 33 11.54 -7.40 -9.23
CA GLY A 33 11.97 -7.53 -7.83
C GLY A 33 12.05 -6.21 -7.08
N LYS A 34 11.46 -5.14 -7.67
CA LYS A 34 11.38 -3.80 -7.03
C LYS A 34 10.56 -3.85 -5.72
N VAL A 35 10.93 -2.98 -4.76
CA VAL A 35 10.12 -2.69 -3.57
C VAL A 35 9.95 -1.17 -3.48
N GLU A 36 8.70 -0.70 -3.51
CA GLU A 36 8.36 0.73 -3.51
C GLU A 36 7.30 1.02 -2.45
N ILE A 37 7.47 2.15 -1.76
CA ILE A 37 6.52 2.62 -0.73
C ILE A 37 5.31 3.27 -1.43
N ALA A 38 4.10 2.72 -1.19
CA ALA A 38 2.86 3.13 -1.87
C ALA A 38 1.83 3.63 -0.87
N GLU A 39 0.91 4.47 -1.38
CA GLU A 39 -0.24 4.98 -0.62
C GLU A 39 -1.48 4.13 -0.98
N ILE A 40 -2.16 3.60 0.03
CA ILE A 40 -3.31 2.68 -0.17
C ILE A 40 -4.58 3.48 -0.56
N ARG A 41 -5.03 3.32 -1.81
CA ARG A 41 -6.29 3.91 -2.32
C ARG A 41 -7.50 3.30 -1.62
N ASN A 42 -7.47 1.97 -1.49
CA ASN A 42 -8.60 1.15 -1.06
C ASN A 42 -8.11 0.04 -0.14
N VAL A 43 -8.71 -0.03 1.07
CA VAL A 43 -8.35 -1.02 2.11
C VAL A 43 -9.12 -2.34 1.95
N VAL A 44 -10.39 -2.25 1.49
CA VAL A 44 -11.27 -3.44 1.35
C VAL A 44 -10.90 -4.22 0.07
N GLU A 45 -10.80 -5.56 0.19
CA GLU A 45 -10.31 -6.44 -0.88
C GLU A 45 -11.18 -6.32 -2.16
N ASN A 46 -10.57 -5.76 -3.24
CA ASN A 46 -11.14 -5.68 -4.60
C ASN A 46 -12.42 -4.80 -4.69
N THR A 47 -12.79 -4.10 -3.56
CA THR A 47 -14.14 -3.54 -3.31
C THR A 47 -15.25 -4.61 -3.50
N ALA A 48 -14.88 -5.87 -3.26
CA ALA A 48 -15.79 -7.02 -3.31
C ALA A 48 -16.74 -7.03 -2.11
N ASN A 49 -16.17 -6.83 -0.90
CA ASN A 49 -16.94 -6.80 0.35
C ASN A 49 -17.68 -5.44 0.47
N PRO A 50 -19.05 -5.44 0.44
CA PRO A 50 -19.86 -4.19 0.44
C PRO A 50 -20.22 -3.71 1.86
N HIS A 51 -19.37 -4.05 2.85
CA HIS A 51 -19.58 -3.67 4.26
C HIS A 51 -18.99 -2.27 4.53
N PHE A 52 -19.63 -1.51 5.43
CA PHE A 52 -19.25 -0.11 5.74
C PHE A 52 -18.05 -0.03 6.73
N VAL A 53 -17.57 -1.20 7.21
CA VAL A 53 -16.41 -1.29 8.16
C VAL A 53 -15.06 -1.15 7.42
N ARG A 54 -14.95 -0.10 6.58
CA ARG A 54 -13.78 0.14 5.71
C ARG A 54 -12.74 1.02 6.41
N ARG A 55 -12.37 0.62 7.64
CA ARG A 55 -11.22 1.20 8.36
C ARG A 55 -9.93 0.58 7.79
N ASN A 56 -8.75 0.99 8.29
CA ASN A 56 -7.45 0.40 7.87
C ASN A 56 -7.21 -0.91 8.66
N ILE A 57 -8.17 -1.85 8.51
CA ILE A 57 -8.12 -3.19 9.07
C ILE A 57 -7.86 -4.15 7.90
N ILE A 58 -6.58 -4.25 7.55
CA ILE A 58 -6.10 -5.04 6.40
C ILE A 58 -5.51 -6.35 6.93
N THR A 59 -5.71 -7.43 6.16
CA THR A 59 -5.24 -8.78 6.50
C THR A 59 -4.63 -9.45 5.26
N ARG A 60 -3.89 -10.54 5.49
CA ARG A 60 -3.21 -11.33 4.44
C ARG A 60 -4.24 -11.95 3.48
N GLY A 61 -3.90 -11.96 2.18
CA GLY A 61 -4.74 -12.50 1.12
C GLY A 61 -5.60 -11.44 0.43
N ALA A 62 -5.88 -10.34 1.15
CA ALA A 62 -6.71 -9.24 0.63
C ALA A 62 -6.00 -8.50 -0.52
N VAL A 63 -6.75 -8.14 -1.56
CA VAL A 63 -6.23 -7.29 -2.64
C VAL A 63 -6.56 -5.83 -2.31
N VAL A 64 -5.54 -5.05 -1.99
CA VAL A 64 -5.69 -3.62 -1.72
C VAL A 64 -5.28 -2.85 -2.96
N GLU A 65 -5.99 -1.76 -3.26
CA GLU A 65 -5.69 -0.91 -4.40
C GLU A 65 -4.81 0.22 -3.89
N THR A 66 -3.76 0.54 -4.64
CA THR A 66 -2.81 1.59 -4.29
C THR A 66 -2.62 2.52 -5.49
N ASN A 67 -1.82 3.57 -5.28
CA ASN A 67 -1.41 4.51 -6.33
C ASN A 67 -0.58 3.81 -7.42
N LEU A 68 0.07 2.68 -7.05
CA LEU A 68 0.89 1.89 -7.98
C LEU A 68 0.04 0.86 -8.72
N GLY A 69 -0.98 0.31 -8.04
CA GLY A 69 -1.95 -0.58 -8.66
C GLY A 69 -2.52 -1.59 -7.69
N ASN A 70 -2.89 -2.77 -8.20
CA ASN A 70 -3.47 -3.87 -7.39
C ASN A 70 -2.34 -4.59 -6.66
N VAL A 71 -2.49 -4.78 -5.35
CA VAL A 71 -1.48 -5.47 -4.51
C VAL A 71 -2.13 -6.61 -3.70
N ARG A 72 -1.44 -7.77 -3.64
CA ARG A 72 -1.80 -8.88 -2.73
C ARG A 72 -1.04 -8.67 -1.42
N VAL A 73 -1.77 -8.50 -0.31
CA VAL A 73 -1.17 -8.32 1.02
C VAL A 73 -0.57 -9.66 1.48
N THR A 74 0.76 -9.74 1.50
CA THR A 74 1.49 -10.99 1.74
C THR A 74 1.91 -11.04 3.21
N SER A 75 2.55 -9.95 3.66
CA SER A 75 2.98 -9.77 5.05
C SER A 75 1.81 -9.25 5.89
N ARG A 76 1.83 -9.61 7.18
CA ARG A 76 0.84 -9.15 8.17
C ARG A 76 1.10 -7.66 8.50
N PRO A 77 0.06 -6.76 8.35
CA PRO A 77 0.06 -5.41 8.95
C PRO A 77 0.37 -5.46 10.46
N GLY A 78 1.63 -5.13 10.80
CA GLY A 78 2.12 -5.20 12.18
C GLY A 78 3.55 -5.72 12.23
N GLN A 79 3.89 -6.63 11.27
CA GLN A 79 5.27 -7.10 11.06
C GLN A 79 6.12 -5.93 10.57
N ASP A 80 7.10 -5.51 11.42
CA ASP A 80 7.93 -4.28 11.27
C ASP A 80 7.13 -3.00 11.65
N GLY A 81 5.79 -3.11 11.67
CA GLY A 81 4.89 -1.96 11.85
C GLY A 81 4.15 -1.65 10.56
N VAL A 82 4.90 -1.60 9.44
CA VAL A 82 4.36 -1.33 8.10
C VAL A 82 3.62 -2.57 7.54
N ILE A 83 2.84 -2.35 6.47
CA ILE A 83 2.23 -3.42 5.66
C ILE A 83 3.17 -3.73 4.48
N ASN A 84 3.20 -4.97 4.01
CA ASN A 84 3.97 -5.37 2.81
C ASN A 84 3.12 -6.31 1.95
N GLY A 85 3.31 -6.22 0.63
CA GLY A 85 2.56 -7.02 -0.33
C GLY A 85 3.35 -7.21 -1.61
N VAL A 86 2.73 -7.86 -2.62
CA VAL A 86 3.34 -8.01 -3.96
C VAL A 86 2.41 -7.39 -5.03
N LEU A 87 3.01 -6.67 -6.00
CA LEU A 87 2.28 -6.04 -7.11
C LEU A 87 1.70 -7.12 -8.04
N ILE A 88 0.40 -7.02 -8.35
CA ILE A 88 -0.32 -8.01 -9.18
C ILE A 88 -1.11 -7.30 -10.30
N ARG A 89 -1.79 -8.13 -11.11
CA ARG A 89 -2.76 -7.71 -12.13
C ARG A 89 -4.09 -8.41 -11.82
N GLU A 90 -5.15 -7.63 -11.57
CA GLU A 90 -6.47 -8.18 -11.22
C GLU A 90 -7.56 -7.21 -11.73
N LEU A 91 -7.64 -6.02 -11.12
CA LEU A 91 -8.66 -5.00 -11.44
C LEU A 91 -8.01 -3.64 -11.76
N GLU A 92 -7.49 -3.53 -12.99
CA GLU A 92 -6.93 -2.25 -13.51
C GLU A 92 -8.06 -1.27 -13.84
N HIS A 93 -9.30 -1.79 -13.82
CA HIS A 93 -10.52 -0.99 -13.89
C HIS A 93 -10.59 -0.08 -12.65
N HIS A 94 -10.10 1.16 -12.82
CA HIS A 94 -10.04 2.17 -11.74
C HIS A 94 -11.46 2.47 -11.25
N HIS A 95 -11.62 2.59 -9.91
CA HIS A 95 -12.92 2.78 -9.27
C HIS A 95 -13.46 4.21 -9.51
N HIS A 96 -14.17 4.36 -10.65
CA HIS A 96 -14.90 5.58 -11.02
C HIS A 96 -16.39 5.40 -10.64
N HIS A 97 -16.74 5.81 -9.41
CA HIS A 97 -18.09 5.65 -8.85
C HIS A 97 -18.97 6.86 -9.23
N HIS A 98 -20.07 6.62 -9.97
CA HIS A 98 -21.06 7.67 -10.28
C HIS A 98 -21.92 7.98 -9.02
N GLY A 1 27.58 27.19 -26.58
CA GLY A 1 26.49 26.54 -25.81
C GLY A 1 26.56 26.84 -24.33
N ASP A 2 25.52 26.44 -23.59
CA ASP A 2 25.44 26.62 -22.14
C ASP A 2 25.72 25.30 -21.43
N ARG A 3 26.71 25.31 -20.51
CA ARG A 3 27.02 24.15 -19.66
C ARG A 3 26.31 24.31 -18.31
N ARG A 4 25.33 23.43 -18.04
CA ARG A 4 24.52 23.51 -16.81
C ARG A 4 25.31 22.97 -15.61
N VAL A 5 26.12 23.85 -15.00
CA VAL A 5 26.87 23.55 -13.77
C VAL A 5 25.91 23.53 -12.56
N ARG A 6 24.80 24.28 -12.71
CA ARG A 6 23.75 24.42 -11.70
C ARG A 6 22.95 23.09 -11.58
N LEU A 7 23.47 22.17 -10.75
CA LEU A 7 22.85 20.87 -10.50
C LEU A 7 22.44 20.80 -9.02
N ILE A 8 21.22 21.25 -8.75
CA ILE A 8 20.60 21.15 -7.43
C ILE A 8 19.81 19.82 -7.34
N ARG A 9 19.98 19.11 -6.23
CA ARG A 9 19.32 17.82 -5.98
C ARG A 9 18.82 17.78 -4.54
N THR A 10 17.61 17.23 -4.35
CA THR A 10 16.95 17.17 -3.03
C THR A 10 17.72 16.24 -2.06
N ARG A 11 18.31 16.84 -1.00
CA ARG A 11 19.06 16.10 0.02
C ARG A 11 18.06 15.37 0.94
N GLY A 12 17.86 14.07 0.67
CA GLY A 12 16.99 13.22 1.50
C GLY A 12 17.72 12.63 2.70
N GLY A 13 17.04 11.73 3.41
CA GLY A 13 17.62 11.09 4.60
C GLY A 13 16.79 9.92 5.09
N ASN A 14 16.95 9.59 6.38
CA ASN A 14 16.19 8.51 7.05
C ASN A 14 14.86 9.03 7.65
N THR A 15 14.49 10.28 7.31
CA THR A 15 13.18 10.87 7.63
C THR A 15 12.05 10.26 6.75
N LYS A 16 10.81 10.82 6.90
CA LYS A 16 9.58 10.32 6.24
C LYS A 16 9.24 8.93 6.78
N VAL A 17 8.41 8.87 7.84
CA VAL A 17 8.02 7.60 8.49
C VAL A 17 7.19 6.73 7.52
N ARG A 18 7.09 5.42 7.83
CA ARG A 18 6.43 4.39 7.01
C ARG A 18 4.97 4.79 6.68
N LEU A 19 4.25 5.25 7.73
CA LEU A 19 2.90 5.83 7.63
C LEU A 19 2.62 6.66 8.90
N ALA A 20 1.68 7.63 8.81
CA ALA A 20 1.37 8.53 9.95
C ALA A 20 -0.14 8.83 10.01
N SER A 21 -0.63 9.63 9.05
CA SER A 21 -2.06 10.01 8.95
C SER A 21 -2.65 9.34 7.70
N ASP A 22 -2.15 8.14 7.43
CA ASP A 22 -2.39 7.40 6.17
C ASP A 22 -2.08 5.91 6.35
N THR A 23 -2.28 5.15 5.26
CA THR A 23 -1.97 3.71 5.20
C THR A 23 -1.07 3.47 3.99
N ARG A 24 0.17 3.05 4.23
CA ARG A 24 1.14 2.73 3.16
C ARG A 24 1.66 1.31 3.31
N ILE A 25 2.21 0.79 2.21
CA ILE A 25 2.59 -0.62 2.07
C ILE A 25 3.86 -0.73 1.21
N ASN A 26 4.76 -1.65 1.59
CA ASN A 26 5.98 -1.94 0.81
C ASN A 26 5.60 -2.94 -0.29
N VAL A 27 5.46 -2.41 -1.51
CA VAL A 27 4.95 -3.15 -2.65
C VAL A 27 6.13 -3.74 -3.43
N VAL A 28 6.19 -5.08 -3.47
CA VAL A 28 7.26 -5.83 -4.11
C VAL A 28 6.74 -6.41 -5.43
N ASP A 29 7.18 -5.84 -6.55
CA ASP A 29 6.83 -6.35 -7.89
C ASP A 29 7.53 -7.72 -8.10
N PRO A 30 6.77 -8.85 -8.14
CA PRO A 30 7.35 -10.20 -8.12
C PRO A 30 8.04 -10.61 -9.44
N GLU A 31 7.89 -9.77 -10.49
CA GLU A 31 8.44 -10.06 -11.82
C GLU A 31 9.82 -9.38 -12.02
N THR A 32 9.87 -8.06 -11.77
CA THR A 32 11.08 -7.23 -12.00
C THR A 32 11.83 -6.92 -10.69
N GLY A 33 11.10 -6.84 -9.57
CA GLY A 33 11.69 -6.60 -8.25
C GLY A 33 11.57 -5.15 -7.78
N LYS A 34 10.62 -4.38 -8.35
CA LYS A 34 10.34 -2.99 -7.91
C LYS A 34 9.74 -2.98 -6.49
N VAL A 35 10.54 -2.59 -5.50
CA VAL A 35 10.11 -2.48 -4.09
C VAL A 35 10.02 -0.98 -3.71
N GLU A 36 8.81 -0.50 -3.41
CA GLU A 36 8.55 0.93 -3.15
C GLU A 36 7.33 1.07 -2.24
N ILE A 37 7.33 2.11 -1.39
CA ILE A 37 6.26 2.37 -0.41
C ILE A 37 5.11 3.14 -1.12
N ALA A 38 4.07 2.40 -1.48
CA ALA A 38 2.88 2.96 -2.16
C ALA A 38 1.82 3.37 -1.14
N GLU A 39 0.91 4.25 -1.57
CA GLU A 39 -0.15 4.81 -0.71
C GLU A 39 -1.47 4.14 -1.08
N ILE A 40 -2.13 3.49 -0.10
CA ILE A 40 -3.32 2.68 -0.34
C ILE A 40 -4.53 3.60 -0.58
N ARG A 41 -5.03 3.60 -1.82
CA ARG A 41 -6.20 4.40 -2.22
C ARG A 41 -7.50 3.78 -1.67
N ASN A 42 -7.55 2.45 -1.71
CA ASN A 42 -8.74 1.67 -1.35
C ASN A 42 -8.29 0.37 -0.65
N VAL A 43 -8.92 0.07 0.52
CA VAL A 43 -8.54 -1.08 1.36
C VAL A 43 -9.18 -2.39 0.87
N VAL A 44 -10.10 -2.28 -0.11
CA VAL A 44 -10.76 -3.45 -0.73
C VAL A 44 -10.45 -3.48 -2.24
N GLU A 45 -10.76 -4.60 -2.90
CA GLU A 45 -10.70 -4.71 -4.37
C GLU A 45 -12.07 -4.31 -4.95
N ASN A 46 -13.14 -4.72 -4.27
CA ASN A 46 -14.53 -4.44 -4.68
C ASN A 46 -15.41 -4.40 -3.42
N THR A 47 -16.42 -3.52 -3.44
CA THR A 47 -17.38 -3.37 -2.33
C THR A 47 -18.81 -3.36 -2.89
N ALA A 48 -19.72 -4.11 -2.22
CA ALA A 48 -21.11 -4.31 -2.68
C ALA A 48 -22.10 -3.53 -1.81
N ASN A 49 -21.92 -3.62 -0.49
CA ASN A 49 -22.75 -2.90 0.51
C ASN A 49 -21.85 -2.53 1.71
N PRO A 50 -21.62 -1.20 1.99
CA PRO A 50 -20.63 -0.75 3.01
C PRO A 50 -21.13 -0.85 4.47
N HIS A 51 -22.06 -1.78 4.76
CA HIS A 51 -22.54 -2.04 6.14
C HIS A 51 -21.45 -2.74 6.99
N PHE A 52 -20.58 -3.52 6.31
CA PHE A 52 -19.33 -4.05 6.90
C PHE A 52 -18.13 -3.23 6.39
N VAL A 53 -16.92 -3.58 6.89
CA VAL A 53 -15.65 -2.88 6.61
C VAL A 53 -15.77 -1.38 6.99
N ARG A 54 -16.37 -1.13 8.16
CA ARG A 54 -16.47 0.22 8.73
C ARG A 54 -15.08 0.63 9.22
N ARG A 55 -14.47 -0.28 10.00
CA ARG A 55 -13.05 -0.25 10.33
C ARG A 55 -12.25 -0.62 9.08
N ASN A 56 -11.34 0.27 8.65
CA ASN A 56 -10.43 0.01 7.53
C ASN A 56 -9.35 -0.99 8.00
N ILE A 57 -9.71 -2.27 8.00
CA ILE A 57 -8.82 -3.37 8.38
C ILE A 57 -8.49 -4.18 7.14
N ILE A 58 -7.20 -4.46 6.97
CA ILE A 58 -6.66 -5.23 5.84
C ILE A 58 -6.08 -6.54 6.39
N THR A 59 -6.21 -7.64 5.62
CA THR A 59 -5.69 -8.96 6.00
C THR A 59 -4.71 -9.47 4.95
N ARG A 60 -3.99 -10.55 5.30
CA ARG A 60 -3.02 -11.20 4.39
C ARG A 60 -3.78 -11.97 3.28
N GLY A 61 -3.35 -11.75 2.03
CA GLY A 61 -3.98 -12.35 0.84
C GLY A 61 -5.11 -11.49 0.27
N ALA A 62 -5.40 -10.37 0.95
CA ALA A 62 -6.46 -9.43 0.53
C ALA A 62 -5.91 -8.44 -0.51
N VAL A 63 -6.66 -8.24 -1.62
CA VAL A 63 -6.27 -7.30 -2.68
C VAL A 63 -6.70 -5.87 -2.30
N VAL A 64 -5.70 -5.01 -2.07
CA VAL A 64 -5.89 -3.57 -1.91
C VAL A 64 -5.49 -2.87 -3.21
N GLU A 65 -5.84 -1.60 -3.34
CA GLU A 65 -5.44 -0.78 -4.50
C GLU A 65 -4.63 0.43 -4.00
N THR A 66 -3.51 0.71 -4.68
CA THR A 66 -2.52 1.71 -4.26
C THR A 66 -2.18 2.65 -5.43
N ASN A 67 -1.21 3.57 -5.18
CA ASN A 67 -0.70 4.48 -6.23
C ASN A 67 0.10 3.74 -7.30
N LEU A 68 0.66 2.55 -6.96
CA LEU A 68 1.38 1.71 -7.93
C LEU A 68 0.39 0.80 -8.69
N GLY A 69 -0.58 0.22 -7.95
CA GLY A 69 -1.61 -0.64 -8.54
C GLY A 69 -2.28 -1.55 -7.53
N ASN A 70 -2.90 -2.63 -8.00
CA ASN A 70 -3.53 -3.64 -7.10
C ASN A 70 -2.45 -4.52 -6.48
N VAL A 71 -2.42 -4.58 -5.14
CA VAL A 71 -1.41 -5.30 -4.36
C VAL A 71 -2.10 -6.32 -3.43
N ARG A 72 -1.46 -7.48 -3.21
CA ARG A 72 -1.88 -8.43 -2.15
C ARG A 72 -0.87 -8.40 -1.01
N VAL A 73 -1.40 -8.40 0.21
CA VAL A 73 -0.59 -8.37 1.42
C VAL A 73 0.04 -9.77 1.66
N THR A 74 1.38 -9.81 1.70
CA THR A 74 2.14 -11.07 1.92
C THR A 74 2.56 -11.18 3.38
N SER A 75 2.59 -10.03 4.07
CA SER A 75 2.87 -9.97 5.51
C SER A 75 1.55 -10.02 6.30
N ARG A 76 1.63 -9.83 7.62
CA ARG A 76 0.46 -9.70 8.49
C ARG A 76 0.51 -8.27 9.08
N PRO A 77 -0.35 -7.31 8.56
CA PRO A 77 -0.24 -5.85 8.86
C PRO A 77 -0.30 -5.51 10.36
N GLY A 78 0.35 -4.40 10.76
CA GLY A 78 0.30 -3.92 12.14
C GLY A 78 1.44 -4.43 13.01
N GLN A 79 1.87 -5.70 12.76
CA GLN A 79 2.96 -6.35 13.51
C GLN A 79 4.26 -5.56 13.32
N ASP A 80 4.67 -5.41 12.06
CA ASP A 80 5.87 -4.65 11.67
C ASP A 80 5.50 -3.19 11.36
N GLY A 81 4.48 -2.66 12.09
CA GLY A 81 3.94 -1.30 11.86
C GLY A 81 3.28 -1.15 10.50
N VAL A 82 4.13 -1.00 9.47
CA VAL A 82 3.72 -0.87 8.07
C VAL A 82 3.24 -2.23 7.51
N ILE A 83 2.55 -2.18 6.38
CA ILE A 83 2.10 -3.36 5.64
C ILE A 83 3.16 -3.71 4.57
N ASN A 84 3.33 -5.00 4.26
CA ASN A 84 4.17 -5.47 3.13
C ASN A 84 3.31 -6.35 2.21
N GLY A 85 3.61 -6.31 0.90
CA GLY A 85 2.83 -7.04 -0.10
C GLY A 85 3.54 -7.15 -1.45
N VAL A 86 2.85 -7.76 -2.44
CA VAL A 86 3.37 -7.92 -3.82
C VAL A 86 2.41 -7.28 -4.85
N LEU A 87 2.99 -6.60 -5.85
CA LEU A 87 2.23 -5.93 -6.91
C LEU A 87 1.67 -6.97 -7.89
N ILE A 88 0.34 -7.10 -7.91
CA ILE A 88 -0.38 -8.02 -8.82
C ILE A 88 -1.20 -7.21 -9.84
N ARG A 89 -1.95 -7.91 -10.69
CA ARG A 89 -2.76 -7.30 -11.76
C ARG A 89 -4.16 -7.95 -11.72
N GLU A 90 -5.14 -7.23 -11.12
CA GLU A 90 -6.54 -7.68 -11.05
C GLU A 90 -7.45 -6.68 -11.77
N LEU A 91 -7.50 -5.46 -11.21
CA LEU A 91 -8.40 -4.38 -11.66
C LEU A 91 -7.57 -3.14 -12.06
N GLU A 92 -6.32 -3.39 -12.47
CA GLU A 92 -5.30 -2.35 -12.76
C GLU A 92 -5.60 -1.59 -14.06
N HIS A 93 -4.68 -0.68 -14.47
CA HIS A 93 -4.73 -0.04 -15.80
C HIS A 93 -4.69 -1.16 -16.90
N HIS A 94 -5.82 -1.37 -17.58
CA HIS A 94 -6.04 -2.54 -18.45
C HIS A 94 -5.29 -2.39 -19.77
N HIS A 95 -4.55 -3.45 -20.16
CA HIS A 95 -3.66 -3.46 -21.33
C HIS A 95 -4.46 -3.80 -22.62
N HIS A 96 -5.24 -2.80 -23.09
CA HIS A 96 -6.00 -2.85 -24.36
C HIS A 96 -6.65 -1.48 -24.63
N HIS A 97 -6.76 -1.13 -25.92
CA HIS A 97 -7.42 0.11 -26.38
C HIS A 97 -8.91 0.10 -26.06
N HIS A 98 -9.64 -0.90 -26.60
CA HIS A 98 -11.08 -1.05 -26.39
C HIS A 98 -11.50 -2.50 -26.74
N GLY A 1 11.17 11.55 46.19
CA GLY A 1 11.19 11.15 44.76
C GLY A 1 12.57 11.18 44.15
N ASP A 2 12.63 11.09 42.82
CA ASP A 2 13.88 11.10 42.04
C ASP A 2 13.83 12.24 41.01
N ARG A 3 14.87 13.08 40.99
CA ARG A 3 15.11 14.02 39.89
C ARG A 3 16.11 13.36 38.92
N ARG A 4 15.63 12.26 38.33
CA ARG A 4 16.43 11.36 37.48
C ARG A 4 16.78 12.04 36.14
N VAL A 5 18.08 12.32 35.95
CA VAL A 5 18.61 12.92 34.72
C VAL A 5 19.45 11.87 33.97
N ARG A 6 18.82 11.10 33.07
CA ARG A 6 19.52 10.10 32.27
C ARG A 6 20.22 10.78 31.08
N LEU A 7 21.56 10.80 31.12
CA LEU A 7 22.38 11.34 30.03
C LEU A 7 22.49 10.29 28.91
N ILE A 8 21.51 10.28 28.00
CA ILE A 8 21.49 9.37 26.84
C ILE A 8 22.16 10.08 25.66
N ARG A 9 23.35 9.59 25.24
CA ARG A 9 24.16 10.24 24.18
C ARG A 9 23.89 9.61 22.79
N THR A 10 24.41 10.28 21.75
CA THR A 10 24.24 9.90 20.34
C THR A 10 25.45 9.06 19.87
N ARG A 11 25.20 7.80 19.49
CA ARG A 11 26.24 6.86 19.03
C ARG A 11 25.84 6.17 17.72
N GLY A 12 24.53 5.94 17.57
CA GLY A 12 23.97 5.18 16.47
C GLY A 12 22.68 4.50 16.91
N GLY A 13 21.53 5.07 16.54
CA GLY A 13 20.24 4.61 17.00
C GLY A 13 19.12 4.94 16.02
N ASN A 14 17.96 4.30 16.22
CA ASN A 14 16.81 4.41 15.30
C ASN A 14 15.49 4.43 16.10
N THR A 15 15.02 5.63 16.44
CA THR A 15 13.72 5.86 17.09
C THR A 15 12.82 6.69 16.16
N LYS A 16 12.08 6.00 15.29
CA LYS A 16 11.11 6.61 14.36
C LYS A 16 9.70 6.10 14.63
N VAL A 17 8.70 6.93 14.29
CA VAL A 17 7.29 6.50 14.25
C VAL A 17 7.02 5.84 12.87
N ARG A 18 6.15 4.84 12.86
CA ARG A 18 5.73 4.14 11.64
C ARG A 18 4.62 4.95 10.91
N LEU A 19 4.00 4.32 9.90
CA LEU A 19 2.92 4.93 9.08
C LEU A 19 1.60 5.09 9.89
N ALA A 20 1.59 6.08 10.80
CA ALA A 20 0.47 6.35 11.72
C ALA A 20 -0.56 7.30 11.10
N SER A 21 -0.08 8.20 10.23
CA SER A 21 -0.89 9.23 9.58
C SER A 21 -1.75 8.61 8.46
N ASP A 22 -1.12 7.75 7.64
CA ASP A 22 -1.78 7.02 6.53
C ASP A 22 -1.09 5.67 6.36
N THR A 23 -1.91 4.59 6.30
CA THR A 23 -1.42 3.23 6.11
C THR A 23 -0.81 3.05 4.70
N ARG A 24 0.47 2.71 4.67
CA ARG A 24 1.21 2.45 3.42
C ARG A 24 1.61 0.96 3.35
N ILE A 25 2.11 0.57 2.18
CA ILE A 25 2.53 -0.81 1.90
C ILE A 25 3.77 -0.80 1.01
N ASN A 26 4.73 -1.69 1.28
CA ASN A 26 5.94 -1.80 0.45
C ASN A 26 5.64 -2.79 -0.67
N VAL A 27 5.35 -2.24 -1.84
CA VAL A 27 4.93 -3.01 -3.02
C VAL A 27 6.17 -3.53 -3.74
N VAL A 28 6.37 -4.84 -3.68
CA VAL A 28 7.49 -5.53 -4.32
C VAL A 28 6.98 -6.18 -5.61
N ASP A 29 7.45 -5.70 -6.75
CA ASP A 29 7.09 -6.24 -8.06
C ASP A 29 7.58 -7.71 -8.15
N PRO A 30 6.67 -8.70 -8.37
CA PRO A 30 7.04 -10.14 -8.29
C PRO A 30 7.91 -10.61 -9.47
N GLU A 31 7.91 -9.83 -10.57
CA GLU A 31 8.60 -10.18 -11.82
C GLU A 31 10.03 -9.60 -11.84
N THR A 32 10.13 -8.28 -11.59
CA THR A 32 11.41 -7.54 -11.66
C THR A 32 12.06 -7.38 -10.26
N GLY A 33 11.23 -7.34 -9.20
CA GLY A 33 11.73 -7.27 -7.81
C GLY A 33 11.68 -5.88 -7.20
N LYS A 34 11.12 -4.90 -7.94
CA LYS A 34 11.11 -3.46 -7.54
C LYS A 34 10.33 -3.22 -6.24
N VAL A 35 11.05 -2.92 -5.13
CA VAL A 35 10.45 -2.60 -3.82
C VAL A 35 10.24 -1.07 -3.72
N GLU A 36 8.97 -0.63 -3.62
CA GLU A 36 8.61 0.80 -3.51
C GLU A 36 7.40 0.97 -2.58
N ILE A 37 7.42 2.01 -1.74
CA ILE A 37 6.35 2.30 -0.78
C ILE A 37 5.20 3.02 -1.52
N ALA A 38 3.95 2.58 -1.26
CA ALA A 38 2.75 3.12 -1.92
C ALA A 38 1.69 3.54 -0.91
N GLU A 39 0.79 4.42 -1.34
CA GLU A 39 -0.34 4.91 -0.53
C GLU A 39 -1.55 4.02 -0.80
N ILE A 40 -2.11 3.37 0.24
CA ILE A 40 -3.30 2.53 0.09
C ILE A 40 -4.55 3.43 -0.04
N ARG A 41 -5.14 3.40 -1.23
CA ARG A 41 -6.35 4.17 -1.55
C ARG A 41 -7.59 3.50 -0.94
N ASN A 42 -7.74 2.21 -1.21
CA ASN A 42 -8.86 1.37 -0.70
C ASN A 42 -8.34 -0.08 -0.60
N VAL A 43 -9.16 -0.99 -0.05
CA VAL A 43 -8.82 -2.41 0.07
C VAL A 43 -9.72 -3.26 -0.85
N VAL A 44 -10.17 -2.67 -1.97
CA VAL A 44 -11.09 -3.31 -2.92
C VAL A 44 -10.48 -4.56 -3.59
N GLU A 45 -11.07 -5.73 -3.29
CA GLU A 45 -10.61 -7.04 -3.79
C GLU A 45 -11.37 -7.43 -5.07
N ASN A 46 -11.53 -6.44 -5.98
CA ASN A 46 -12.30 -6.56 -7.24
C ASN A 46 -13.74 -7.05 -6.95
N THR A 47 -14.62 -6.10 -6.62
CA THR A 47 -16.02 -6.37 -6.25
C THR A 47 -16.94 -5.36 -6.95
N ALA A 48 -16.90 -4.10 -6.48
CA ALA A 48 -17.75 -3.00 -6.98
C ALA A 48 -17.34 -1.70 -6.26
N ASN A 49 -18.07 -0.61 -6.54
CA ASN A 49 -17.95 0.66 -5.79
C ASN A 49 -19.20 1.53 -6.09
N PRO A 50 -20.37 1.21 -5.45
CA PRO A 50 -21.61 2.01 -5.60
C PRO A 50 -21.54 3.33 -4.78
N HIS A 51 -21.08 3.21 -3.52
CA HIS A 51 -20.99 4.30 -2.56
C HIS A 51 -20.08 3.83 -1.42
N PHE A 52 -20.49 2.71 -0.81
CA PHE A 52 -19.65 1.94 0.13
C PHE A 52 -19.51 0.51 -0.43
N VAL A 53 -18.38 -0.14 -0.13
CA VAL A 53 -18.08 -1.49 -0.63
C VAL A 53 -17.07 -2.19 0.29
N ARG A 54 -16.06 -1.43 0.75
CA ARG A 54 -14.93 -1.95 1.55
C ARG A 54 -14.67 -1.05 2.76
N ARG A 55 -14.10 -1.64 3.81
CA ARG A 55 -13.72 -0.93 5.05
C ARG A 55 -12.21 -0.57 4.99
N ASN A 56 -11.63 -0.28 6.17
CA ASN A 56 -10.17 -0.10 6.34
C ASN A 56 -9.50 -1.47 6.64
N ILE A 57 -10.32 -2.54 6.74
CA ILE A 57 -9.84 -3.90 7.07
C ILE A 57 -8.87 -4.43 5.99
N ILE A 58 -7.60 -4.53 6.37
CA ILE A 58 -6.57 -5.14 5.56
C ILE A 58 -6.29 -6.54 6.11
N THR A 59 -6.72 -7.56 5.38
CA THR A 59 -6.45 -8.96 5.72
C THR A 59 -5.26 -9.46 4.88
N ARG A 60 -4.51 -10.45 5.41
CA ARG A 60 -3.40 -11.08 4.68
C ARG A 60 -3.97 -11.87 3.49
N GLY A 61 -3.42 -11.62 2.29
CA GLY A 61 -3.88 -12.24 1.05
C GLY A 61 -5.02 -11.47 0.40
N ALA A 62 -5.30 -10.25 0.89
CA ALA A 62 -6.33 -9.37 0.29
C ALA A 62 -5.72 -8.51 -0.81
N VAL A 63 -6.54 -8.20 -1.84
CA VAL A 63 -6.17 -7.23 -2.88
C VAL A 63 -6.49 -5.82 -2.37
N VAL A 64 -5.44 -5.01 -2.19
CA VAL A 64 -5.57 -3.59 -1.84
C VAL A 64 -5.29 -2.72 -3.08
N GLU A 65 -6.01 -1.61 -3.19
CA GLU A 65 -5.82 -0.61 -4.25
C GLU A 65 -4.83 0.44 -3.73
N THR A 66 -3.77 0.72 -4.49
CA THR A 66 -2.75 1.71 -4.11
C THR A 66 -2.54 2.68 -5.28
N ASN A 67 -1.63 3.65 -5.10
CA ASN A 67 -1.26 4.62 -6.16
C ASN A 67 -0.50 3.92 -7.30
N LEU A 68 0.06 2.73 -7.04
CA LEU A 68 0.81 1.94 -8.04
C LEU A 68 -0.17 0.99 -8.76
N GLY A 69 -1.00 0.30 -7.97
CA GLY A 69 -2.02 -0.59 -8.50
C GLY A 69 -2.54 -1.55 -7.43
N ASN A 70 -3.03 -2.71 -7.86
CA ASN A 70 -3.49 -3.77 -6.94
C ASN A 70 -2.30 -4.51 -6.34
N VAL A 71 -2.36 -4.79 -5.04
CA VAL A 71 -1.27 -5.49 -4.32
C VAL A 71 -1.86 -6.64 -3.46
N ARG A 72 -1.15 -7.77 -3.38
CA ARG A 72 -1.46 -8.87 -2.45
C ARG A 72 -0.72 -8.60 -1.16
N VAL A 73 -1.45 -8.52 -0.04
CA VAL A 73 -0.85 -8.26 1.28
C VAL A 73 -0.16 -9.54 1.79
N THR A 74 1.16 -9.64 1.57
CA THR A 74 1.96 -10.79 2.01
C THR A 74 2.31 -10.69 3.50
N SER A 75 2.66 -9.48 3.94
CA SER A 75 2.93 -9.17 5.35
C SER A 75 1.66 -8.71 6.05
N ARG A 76 1.20 -9.53 7.02
CA ARG A 76 0.04 -9.27 7.86
C ARG A 76 0.18 -7.89 8.57
N PRO A 77 -0.90 -7.03 8.61
CA PRO A 77 -0.85 -5.67 9.21
C PRO A 77 -0.50 -5.72 10.72
N GLY A 78 0.49 -4.92 11.13
CA GLY A 78 0.94 -4.84 12.53
C GLY A 78 2.36 -5.32 12.71
N GLN A 79 2.87 -6.10 11.72
CA GLN A 79 4.26 -6.61 11.73
C GLN A 79 5.24 -5.43 11.58
N ASP A 80 5.78 -4.97 12.73
CA ASP A 80 6.67 -3.78 12.87
C ASP A 80 5.87 -2.45 12.74
N GLY A 81 4.56 -2.54 12.48
CA GLY A 81 3.69 -1.36 12.30
C GLY A 81 3.65 -0.90 10.84
N VAL A 82 4.38 -1.61 9.98
CA VAL A 82 4.40 -1.38 8.52
C VAL A 82 3.83 -2.61 7.79
N ILE A 83 3.18 -2.39 6.63
CA ILE A 83 2.70 -3.48 5.75
C ILE A 83 3.62 -3.61 4.53
N ASN A 84 3.82 -4.85 4.06
CA ASN A 84 4.56 -5.16 2.84
C ASN A 84 3.70 -6.10 1.97
N GLY A 85 3.93 -6.10 0.65
CA GLY A 85 3.15 -6.92 -0.27
C GLY A 85 3.80 -7.06 -1.63
N VAL A 86 3.13 -7.76 -2.57
CA VAL A 86 3.63 -7.96 -3.96
C VAL A 86 2.63 -7.41 -4.98
N LEU A 87 3.14 -6.71 -6.00
CA LEU A 87 2.30 -6.07 -7.04
C LEU A 87 1.55 -7.11 -7.90
N ILE A 88 0.22 -7.00 -7.96
CA ILE A 88 -0.61 -7.75 -8.91
C ILE A 88 -1.37 -6.77 -9.82
N ARG A 89 -1.92 -7.31 -10.91
CA ARG A 89 -2.59 -6.53 -11.96
C ARG A 89 -3.94 -7.19 -12.25
N GLU A 90 -4.97 -6.79 -11.48
CA GLU A 90 -6.34 -7.31 -11.64
C GLU A 90 -7.18 -6.29 -12.41
N LEU A 91 -7.35 -5.11 -11.79
CA LEU A 91 -8.02 -3.97 -12.40
C LEU A 91 -7.13 -3.37 -13.50
N GLU A 92 -7.76 -2.91 -14.60
CA GLU A 92 -7.14 -2.31 -15.83
C GLU A 92 -6.42 -3.34 -16.72
N HIS A 93 -5.82 -4.41 -16.14
CA HIS A 93 -5.25 -5.54 -16.90
C HIS A 93 -6.41 -6.34 -17.49
N HIS A 94 -7.32 -6.79 -16.61
CA HIS A 94 -8.64 -7.31 -17.00
C HIS A 94 -9.57 -6.10 -17.20
N HIS A 95 -9.35 -5.42 -18.34
CA HIS A 95 -10.07 -4.19 -18.70
C HIS A 95 -11.43 -4.51 -19.35
N HIS A 96 -12.19 -3.45 -19.64
CA HIS A 96 -13.56 -3.57 -20.21
C HIS A 96 -13.50 -4.19 -21.63
N HIS A 97 -13.72 -5.51 -21.68
CA HIS A 97 -13.72 -6.28 -22.94
C HIS A 97 -14.77 -7.40 -22.84
N HIS A 98 -15.99 -7.10 -23.29
CA HIS A 98 -17.15 -8.03 -23.28
C HIS A 98 -17.76 -8.09 -24.69
N GLY A 1 14.14 49.87 12.99
CA GLY A 1 14.19 50.04 14.46
C GLY A 1 14.05 48.72 15.19
N ASP A 2 12.81 48.16 15.18
CA ASP A 2 12.47 46.90 15.89
C ASP A 2 13.15 45.69 15.21
N ARG A 3 14.41 45.46 15.58
CA ARG A 3 15.22 44.32 15.12
C ARG A 3 15.91 43.68 16.34
N ARG A 4 15.11 43.54 17.42
CA ARG A 4 15.57 42.99 18.71
C ARG A 4 15.81 41.46 18.58
N VAL A 5 17.06 41.10 18.22
CA VAL A 5 17.49 39.71 18.07
C VAL A 5 17.51 39.03 19.45
N ARG A 6 16.69 38.00 19.60
CA ARG A 6 16.52 37.25 20.86
C ARG A 6 17.79 36.44 21.20
N LEU A 7 18.54 36.04 20.15
CA LEU A 7 19.68 35.12 20.24
C LEU A 7 19.12 33.76 20.72
N ILE A 8 18.17 33.24 19.93
CA ILE A 8 17.51 31.95 20.18
C ILE A 8 18.37 30.81 19.59
N ARG A 9 18.65 29.78 20.41
CA ARG A 9 19.41 28.58 19.97
C ARG A 9 18.68 27.33 20.50
N THR A 10 17.84 26.75 19.64
CA THR A 10 17.04 25.56 19.97
C THR A 10 17.73 24.31 19.44
N ARG A 11 17.71 23.22 20.23
CA ARG A 11 18.33 21.94 19.87
C ARG A 11 17.36 20.81 20.26
N GLY A 12 16.78 20.14 19.25
CA GLY A 12 15.81 19.07 19.45
C GLY A 12 16.26 17.79 18.78
N GLY A 13 15.63 16.67 19.17
CA GLY A 13 15.96 15.35 18.63
C GLY A 13 15.09 14.95 17.46
N ASN A 14 14.98 13.63 17.23
CA ASN A 14 14.24 13.05 16.10
C ASN A 14 13.25 12.00 16.63
N THR A 15 11.97 12.38 16.70
CA THR A 15 10.87 11.48 17.11
C THR A 15 10.23 10.88 15.85
N LYS A 16 10.40 9.56 15.67
CA LYS A 16 9.96 8.84 14.46
C LYS A 16 8.43 8.70 14.42
N VAL A 17 7.88 8.66 13.18
CA VAL A 17 6.42 8.60 12.94
C VAL A 17 6.03 7.32 12.17
N ARG A 18 4.79 6.84 12.39
CA ARG A 18 4.21 5.68 11.69
C ARG A 18 3.20 6.15 10.65
N LEU A 19 3.39 5.69 9.38
CA LEU A 19 2.54 6.03 8.20
C LEU A 19 2.85 7.44 7.64
N ALA A 20 3.04 8.42 8.56
CA ALA A 20 3.49 9.80 8.28
C ALA A 20 2.39 10.64 7.59
N SER A 21 2.17 10.42 6.29
CA SER A 21 1.20 11.19 5.50
C SER A 21 -0.09 10.38 5.27
N ASP A 22 0.07 9.09 4.94
CA ASP A 22 -1.05 8.20 4.54
C ASP A 22 -0.72 6.71 4.86
N THR A 23 -1.68 5.80 4.60
CA THR A 23 -1.48 4.36 4.79
C THR A 23 -0.45 3.82 3.79
N ARG A 24 0.64 3.23 4.32
CA ARG A 24 1.82 2.84 3.54
C ARG A 24 2.03 1.33 3.57
N ILE A 25 2.58 0.84 2.45
CA ILE A 25 2.86 -0.58 2.21
C ILE A 25 4.10 -0.67 1.31
N ASN A 26 4.95 -1.67 1.56
CA ASN A 26 6.12 -1.94 0.72
C ASN A 26 5.70 -3.00 -0.29
N VAL A 27 5.42 -2.52 -1.50
CA VAL A 27 4.93 -3.33 -2.61
C VAL A 27 6.12 -3.81 -3.42
N VAL A 28 6.30 -5.13 -3.45
CA VAL A 28 7.38 -5.78 -4.18
C VAL A 28 6.82 -6.28 -5.52
N ASP A 29 7.24 -5.64 -6.60
CA ASP A 29 6.95 -6.09 -7.95
C ASP A 29 7.59 -7.47 -8.16
N PRO A 30 6.79 -8.55 -8.42
CA PRO A 30 7.29 -9.95 -8.41
C PRO A 30 8.31 -10.24 -9.54
N GLU A 31 8.14 -9.56 -10.69
CA GLU A 31 8.96 -9.79 -11.90
C GLU A 31 10.15 -8.81 -11.95
N THR A 32 9.87 -7.51 -11.70
CA THR A 32 10.86 -6.43 -11.85
C THR A 32 11.72 -6.29 -10.56
N GLY A 33 11.14 -6.64 -9.40
CA GLY A 33 11.82 -6.61 -8.11
C GLY A 33 11.72 -5.26 -7.39
N LYS A 34 10.92 -4.33 -7.96
CA LYS A 34 10.69 -3.00 -7.36
C LYS A 34 10.06 -3.12 -5.95
N VAL A 35 10.85 -2.87 -4.90
CA VAL A 35 10.33 -2.71 -3.53
C VAL A 35 10.13 -1.21 -3.32
N GLU A 36 8.86 -0.77 -3.30
CA GLU A 36 8.52 0.65 -3.28
C GLU A 36 7.39 0.92 -2.28
N ILE A 37 7.52 2.01 -1.49
CA ILE A 37 6.49 2.40 -0.52
C ILE A 37 5.31 3.02 -1.28
N ALA A 38 4.27 2.21 -1.50
CA ALA A 38 3.02 2.66 -2.13
C ALA A 38 2.01 3.18 -1.08
N GLU A 39 1.07 4.01 -1.54
CA GLU A 39 0.00 4.58 -0.71
C GLU A 39 -1.33 3.91 -1.06
N ILE A 40 -1.99 3.30 -0.05
CA ILE A 40 -3.18 2.45 -0.25
C ILE A 40 -4.44 3.31 -0.47
N ARG A 41 -5.00 3.19 -1.68
CA ARG A 41 -6.21 3.89 -2.10
C ARG A 41 -7.46 3.21 -1.51
N ASN A 42 -7.57 1.90 -1.77
CA ASN A 42 -8.74 1.07 -1.37
C ASN A 42 -8.26 -0.20 -0.69
N VAL A 43 -9.12 -0.74 0.18
CA VAL A 43 -8.88 -2.01 0.91
C VAL A 43 -9.93 -3.07 0.54
N VAL A 44 -10.78 -2.74 -0.45
CA VAL A 44 -11.87 -3.61 -0.90
C VAL A 44 -11.32 -4.88 -1.59
N GLU A 45 -11.44 -6.01 -0.87
CA GLU A 45 -11.10 -7.35 -1.40
C GLU A 45 -11.95 -7.68 -2.64
N ASN A 46 -11.33 -8.36 -3.62
CA ASN A 46 -12.02 -8.81 -4.84
C ASN A 46 -12.89 -10.03 -4.51
N THR A 47 -14.08 -9.74 -3.99
CA THR A 47 -15.09 -10.73 -3.58
C THR A 47 -16.35 -10.55 -4.45
N ALA A 48 -17.08 -11.66 -4.69
CA ALA A 48 -18.40 -11.62 -5.33
C ALA A 48 -19.40 -10.91 -4.39
N ASN A 49 -19.49 -9.56 -4.56
CA ASN A 49 -20.26 -8.67 -3.68
C ASN A 49 -19.70 -8.72 -2.22
N PRO A 50 -18.73 -7.84 -1.85
CA PRO A 50 -18.21 -7.75 -0.47
C PRO A 50 -19.25 -7.13 0.50
N HIS A 51 -20.21 -7.96 0.96
CA HIS A 51 -21.33 -7.53 1.83
C HIS A 51 -21.02 -7.85 3.30
N PHE A 52 -20.27 -6.94 3.95
CA PHE A 52 -19.87 -7.04 5.39
C PHE A 52 -19.12 -8.36 5.69
N VAL A 53 -18.51 -8.96 4.65
CA VAL A 53 -17.67 -10.17 4.79
C VAL A 53 -16.36 -9.78 5.50
N ARG A 54 -15.94 -8.54 5.24
CA ARG A 54 -14.89 -7.81 5.97
C ARG A 54 -15.33 -6.34 6.10
N ARG A 55 -14.76 -5.63 7.08
CA ARG A 55 -14.97 -4.17 7.22
C ARG A 55 -13.98 -3.42 6.30
N ASN A 56 -13.90 -2.08 6.42
CA ASN A 56 -12.93 -1.26 5.65
C ASN A 56 -11.56 -1.30 6.35
N ILE A 57 -10.98 -2.51 6.38
CA ILE A 57 -9.65 -2.81 6.95
C ILE A 57 -8.85 -3.68 5.97
N ILE A 58 -7.57 -3.85 6.28
CA ILE A 58 -6.61 -4.64 5.48
C ILE A 58 -6.39 -5.99 6.17
N THR A 59 -6.48 -7.07 5.39
CA THR A 59 -6.25 -8.44 5.87
C THR A 59 -5.17 -9.11 5.02
N ARG A 60 -4.49 -10.13 5.58
CA ARG A 60 -3.41 -10.84 4.90
C ARG A 60 -4.00 -11.79 3.82
N GLY A 61 -3.55 -11.59 2.58
CA GLY A 61 -4.10 -12.29 1.40
C GLY A 61 -5.21 -11.52 0.72
N ALA A 62 -5.50 -10.30 1.21
CA ALA A 62 -6.49 -9.41 0.58
C ALA A 62 -5.89 -8.65 -0.60
N VAL A 63 -6.76 -8.17 -1.49
CA VAL A 63 -6.35 -7.28 -2.57
C VAL A 63 -6.63 -5.82 -2.14
N VAL A 64 -5.56 -5.06 -1.92
CA VAL A 64 -5.63 -3.63 -1.63
C VAL A 64 -5.11 -2.87 -2.84
N GLU A 65 -5.79 -1.77 -3.21
CA GLU A 65 -5.36 -0.93 -4.33
C GLU A 65 -4.44 0.15 -3.78
N THR A 66 -3.40 0.49 -4.54
CA THR A 66 -2.42 1.51 -4.18
C THR A 66 -2.28 2.50 -5.33
N ASN A 67 -1.42 3.52 -5.15
CA ASN A 67 -1.05 4.49 -6.19
C ASN A 67 -0.43 3.78 -7.42
N LEU A 68 0.16 2.59 -7.19
CA LEU A 68 0.78 1.78 -8.24
C LEU A 68 -0.31 0.94 -8.94
N GLY A 69 -1.11 0.26 -8.12
CA GLY A 69 -2.16 -0.64 -8.59
C GLY A 69 -2.60 -1.61 -7.50
N ASN A 70 -3.31 -2.68 -7.89
CA ASN A 70 -3.79 -3.69 -6.93
C ASN A 70 -2.63 -4.58 -6.47
N VAL A 71 -2.63 -4.89 -5.18
CA VAL A 71 -1.54 -5.57 -4.47
C VAL A 71 -2.13 -6.68 -3.58
N ARG A 72 -1.39 -7.80 -3.46
CA ARG A 72 -1.72 -8.89 -2.51
C ARG A 72 -0.90 -8.70 -1.24
N VAL A 73 -1.60 -8.59 -0.10
CA VAL A 73 -0.97 -8.39 1.21
C VAL A 73 -0.27 -9.70 1.60
N THR A 74 1.08 -9.70 1.58
CA THR A 74 1.89 -10.93 1.75
C THR A 74 2.23 -11.16 3.23
N SER A 75 2.33 -10.06 3.98
CA SER A 75 2.67 -10.08 5.42
C SER A 75 1.46 -9.58 6.23
N ARG A 76 1.67 -9.35 7.53
CA ARG A 76 0.67 -8.78 8.43
C ARG A 76 0.42 -7.28 8.08
N PRO A 77 -0.84 -6.78 8.21
CA PRO A 77 -1.15 -5.33 8.03
C PRO A 77 -0.77 -4.50 9.28
N GLY A 78 -0.66 -3.18 9.07
CA GLY A 78 -0.22 -2.24 10.11
C GLY A 78 1.16 -2.57 10.68
N GLN A 79 1.13 -3.42 11.75
CA GLN A 79 2.29 -3.92 12.55
C GLN A 79 3.22 -2.80 13.10
N ASP A 80 3.92 -2.07 12.23
CA ASP A 80 4.82 -0.96 12.62
C ASP A 80 4.77 0.12 11.51
N GLY A 81 3.54 0.37 11.00
CA GLY A 81 3.32 1.25 9.84
C GLY A 81 3.94 0.72 8.55
N VAL A 82 4.28 -0.59 8.56
CA VAL A 82 4.99 -1.25 7.47
C VAL A 82 4.29 -2.57 7.10
N ILE A 83 3.34 -2.46 6.17
CA ILE A 83 2.68 -3.62 5.55
C ILE A 83 3.59 -4.09 4.40
N ASN A 84 3.60 -5.39 4.10
CA ASN A 84 4.31 -5.90 2.91
C ASN A 84 3.30 -6.54 1.97
N GLY A 85 3.55 -6.37 0.67
CA GLY A 85 2.71 -6.93 -0.38
C GLY A 85 3.48 -7.14 -1.67
N VAL A 86 2.80 -7.67 -2.71
CA VAL A 86 3.36 -7.83 -4.08
C VAL A 86 2.40 -7.24 -5.12
N LEU A 87 2.95 -6.51 -6.10
CA LEU A 87 2.15 -5.85 -7.15
C LEU A 87 1.56 -6.90 -8.11
N ILE A 88 0.26 -7.15 -7.97
CA ILE A 88 -0.46 -8.12 -8.80
C ILE A 88 -1.16 -7.41 -9.97
N ARG A 89 -1.63 -8.23 -10.91
CA ARG A 89 -2.36 -7.78 -12.10
C ARG A 89 -3.68 -8.58 -12.20
N GLU A 90 -4.17 -9.06 -11.02
CA GLU A 90 -5.50 -9.71 -10.90
C GLU A 90 -6.57 -8.71 -11.39
N LEU A 91 -6.64 -7.58 -10.67
CA LEU A 91 -7.21 -6.35 -11.20
C LEU A 91 -6.04 -5.42 -11.52
N GLU A 92 -5.86 -5.09 -12.80
CA GLU A 92 -4.91 -4.07 -13.22
C GLU A 92 -5.49 -2.68 -12.89
N HIS A 93 -4.63 -1.69 -12.62
CA HIS A 93 -5.07 -0.32 -12.24
C HIS A 93 -5.86 0.29 -13.41
N HIS A 94 -7.20 0.13 -13.35
CA HIS A 94 -8.13 0.34 -14.49
C HIS A 94 -8.12 1.79 -15.00
N HIS A 95 -7.64 1.99 -16.23
CA HIS A 95 -7.56 3.30 -16.89
C HIS A 95 -8.91 3.60 -17.56
N HIS A 96 -9.38 4.85 -17.39
CA HIS A 96 -10.64 5.34 -18.01
C HIS A 96 -11.86 4.46 -17.62
N HIS A 97 -12.05 4.32 -16.31
CA HIS A 97 -13.14 3.52 -15.72
C HIS A 97 -13.45 4.03 -14.30
N HIS A 98 -14.72 4.42 -14.07
CA HIS A 98 -15.19 5.01 -12.81
C HIS A 98 -14.47 6.37 -12.56
N GLY A 1 4.63 5.47 51.47
CA GLY A 1 4.18 5.78 50.09
C GLY A 1 4.80 7.07 49.59
N ASP A 2 5.82 6.94 48.72
CA ASP A 2 6.57 8.08 48.17
C ASP A 2 6.77 7.86 46.66
N ARG A 3 6.16 8.74 45.86
CA ARG A 3 6.38 8.80 44.40
C ARG A 3 7.15 10.10 44.10
N ARG A 4 8.48 9.99 44.08
CA ARG A 4 9.39 11.14 43.91
C ARG A 4 9.90 11.19 42.47
N VAL A 5 9.07 11.80 41.59
CA VAL A 5 9.34 11.88 40.14
C VAL A 5 9.23 13.34 39.67
N ARG A 6 10.16 13.75 38.81
CA ARG A 6 10.12 15.04 38.10
C ARG A 6 9.69 14.81 36.65
N LEU A 7 8.72 15.62 36.17
CA LEU A 7 8.18 15.51 34.82
C LEU A 7 9.20 16.09 33.81
N ILE A 8 9.85 15.21 33.04
CA ILE A 8 10.84 15.62 32.03
C ILE A 8 10.22 15.53 30.61
N ARG A 9 10.16 16.68 29.93
CA ARG A 9 9.64 16.79 28.56
C ARG A 9 10.66 16.18 27.58
N THR A 10 10.17 15.34 26.64
CA THR A 10 11.03 14.70 25.64
C THR A 10 11.58 15.75 24.65
N ARG A 11 12.86 16.13 24.87
CA ARG A 11 13.58 17.06 23.99
C ARG A 11 13.85 16.41 22.64
N GLY A 12 12.91 16.62 21.71
CA GLY A 12 12.98 16.01 20.39
C GLY A 12 12.23 16.84 19.35
N GLY A 13 12.72 16.78 18.10
CA GLY A 13 12.09 17.45 16.97
C GLY A 13 12.05 16.53 15.77
N ASN A 14 13.24 16.14 15.29
CA ASN A 14 13.39 15.17 14.19
C ASN A 14 13.21 13.75 14.75
N THR A 15 11.97 13.26 14.76
CA THR A 15 11.66 11.90 15.20
C THR A 15 11.11 11.11 14.00
N LYS A 16 11.97 10.26 13.40
CA LYS A 16 11.60 9.48 12.20
C LYS A 16 10.63 8.35 12.58
N VAL A 17 9.34 8.72 12.64
CA VAL A 17 8.23 7.77 12.87
C VAL A 17 7.88 7.10 11.53
N ARG A 18 7.48 5.81 11.60
CA ARG A 18 7.06 5.01 10.43
C ARG A 18 5.76 5.58 9.78
N LEU A 19 5.18 4.85 8.81
CA LEU A 19 4.01 5.31 8.00
C LEU A 19 2.66 5.24 8.79
N ALA A 20 2.64 5.93 9.94
CA ALA A 20 1.45 6.09 10.79
C ALA A 20 0.75 7.42 10.47
N SER A 21 1.52 8.35 9.87
CA SER A 21 1.01 9.65 9.39
C SER A 21 0.07 9.45 8.19
N ASP A 22 0.38 8.43 7.37
CA ASP A 22 -0.45 7.99 6.25
C ASP A 22 -0.22 6.49 6.06
N THR A 23 -1.32 5.70 6.05
CA THR A 23 -1.24 4.23 5.95
C THR A 23 -0.78 3.81 4.54
N ARG A 24 0.43 3.23 4.49
CA ARG A 24 1.09 2.81 3.24
C ARG A 24 1.58 1.34 3.33
N ILE A 25 2.10 0.84 2.20
CA ILE A 25 2.49 -0.56 2.04
C ILE A 25 3.74 -0.65 1.14
N ASN A 26 4.60 -1.65 1.37
CA ASN A 26 5.76 -1.90 0.52
C ASN A 26 5.36 -2.88 -0.59
N VAL A 27 5.15 -2.34 -1.79
CA VAL A 27 4.73 -3.10 -2.96
C VAL A 27 5.97 -3.64 -3.67
N VAL A 28 6.13 -4.96 -3.66
CA VAL A 28 7.24 -5.63 -4.35
C VAL A 28 6.75 -6.15 -5.70
N ASP A 29 7.13 -5.45 -6.77
CA ASP A 29 6.98 -5.93 -8.14
C ASP A 29 7.65 -7.32 -8.27
N PRO A 30 6.88 -8.44 -8.40
CA PRO A 30 7.46 -9.81 -8.40
C PRO A 30 8.30 -10.11 -9.66
N GLU A 31 8.01 -9.40 -10.75
CA GLU A 31 8.66 -9.60 -12.05
C GLU A 31 10.05 -8.91 -12.09
N THR A 32 10.09 -7.62 -11.72
CA THR A 32 11.32 -6.80 -11.72
C THR A 32 12.04 -6.78 -10.35
N GLY A 33 11.39 -7.32 -9.30
CA GLY A 33 11.97 -7.39 -7.94
C GLY A 33 11.90 -6.08 -7.16
N LYS A 34 11.39 -5.00 -7.81
CA LYS A 34 11.44 -3.62 -7.28
C LYS A 34 10.43 -3.37 -6.14
N VAL A 35 10.94 -2.89 -4.99
CA VAL A 35 10.12 -2.55 -3.82
C VAL A 35 9.97 -1.01 -3.71
N GLU A 36 8.75 -0.53 -3.45
CA GLU A 36 8.48 0.91 -3.19
C GLU A 36 7.33 1.03 -2.19
N ILE A 37 7.40 2.08 -1.35
CA ILE A 37 6.33 2.42 -0.42
C ILE A 37 5.20 3.13 -1.19
N ALA A 38 4.14 2.38 -1.51
CA ALA A 38 2.93 2.91 -2.18
C ALA A 38 1.88 3.34 -1.16
N GLU A 39 1.03 4.30 -1.57
CA GLU A 39 -0.02 4.87 -0.72
C GLU A 39 -1.32 4.10 -0.98
N ILE A 40 -1.92 3.52 0.07
CA ILE A 40 -3.11 2.68 -0.07
C ILE A 40 -4.36 3.56 -0.34
N ARG A 41 -4.90 3.43 -1.56
CA ARG A 41 -6.09 4.15 -2.01
C ARG A 41 -7.37 3.52 -1.43
N ASN A 42 -7.51 2.21 -1.66
CA ASN A 42 -8.74 1.45 -1.31
C ASN A 42 -8.38 0.14 -0.61
N VAL A 43 -9.22 -0.31 0.33
CA VAL A 43 -9.03 -1.58 1.07
C VAL A 43 -10.24 -2.51 0.92
N VAL A 44 -11.44 -1.93 0.59
CA VAL A 44 -12.70 -2.70 0.58
C VAL A 44 -12.73 -3.72 -0.60
N GLU A 45 -12.23 -4.91 -0.29
CA GLU A 45 -12.16 -6.05 -1.20
C GLU A 45 -13.47 -6.85 -1.07
N ASN A 46 -13.78 -7.74 -2.02
CA ASN A 46 -14.96 -8.63 -1.95
C ASN A 46 -14.74 -9.67 -0.82
N THR A 47 -15.09 -9.25 0.41
CA THR A 47 -15.05 -10.09 1.60
C THR A 47 -16.47 -10.16 2.19
N ALA A 48 -17.06 -11.38 2.16
CA ALA A 48 -18.46 -11.65 2.56
C ALA A 48 -19.47 -10.86 1.70
N ASN A 49 -19.02 -10.43 0.49
CA ASN A 49 -19.73 -9.48 -0.39
C ASN A 49 -20.03 -8.16 0.35
N PRO A 50 -19.15 -7.11 0.19
CA PRO A 50 -19.26 -5.84 0.96
C PRO A 50 -20.61 -5.11 0.74
N HIS A 51 -21.36 -4.91 1.84
CA HIS A 51 -22.68 -4.27 1.82
C HIS A 51 -22.83 -3.35 3.05
N PHE A 52 -22.72 -2.02 2.82
CA PHE A 52 -22.80 -0.99 3.88
C PHE A 52 -21.75 -1.24 5.00
N VAL A 53 -20.61 -1.85 4.61
CA VAL A 53 -19.55 -2.26 5.55
C VAL A 53 -18.65 -1.06 5.92
N ARG A 54 -18.71 -0.64 7.19
CA ARG A 54 -17.82 0.40 7.75
C ARG A 54 -16.73 -0.30 8.57
N ARG A 55 -15.68 -0.72 7.88
CA ARG A 55 -14.60 -1.52 8.47
C ARG A 55 -13.38 -1.49 7.53
N ASN A 56 -12.41 -0.62 7.84
CA ASN A 56 -11.17 -0.45 7.06
C ASN A 56 -10.12 -1.47 7.56
N ILE A 57 -10.50 -2.76 7.57
CA ILE A 57 -9.61 -3.82 8.02
C ILE A 57 -8.90 -4.42 6.81
N ILE A 58 -7.57 -4.37 6.85
CA ILE A 58 -6.71 -5.01 5.85
C ILE A 58 -6.34 -6.38 6.40
N THR A 59 -6.51 -7.43 5.59
CA THR A 59 -6.26 -8.83 6.02
C THR A 59 -5.13 -9.43 5.17
N ARG A 60 -4.50 -10.50 5.69
CA ARG A 60 -3.36 -11.14 5.03
C ARG A 60 -3.85 -11.97 3.82
N GLY A 61 -3.42 -11.55 2.63
CA GLY A 61 -3.82 -12.17 1.36
C GLY A 61 -4.89 -11.37 0.62
N ALA A 62 -5.22 -10.17 1.16
CA ALA A 62 -6.25 -9.28 0.58
C ALA A 62 -5.70 -8.52 -0.62
N VAL A 63 -6.61 -7.98 -1.45
CA VAL A 63 -6.24 -7.11 -2.58
C VAL A 63 -6.53 -5.66 -2.18
N VAL A 64 -5.47 -4.87 -2.00
CA VAL A 64 -5.57 -3.44 -1.70
C VAL A 64 -5.18 -2.65 -2.96
N GLU A 65 -5.86 -1.53 -3.19
CA GLU A 65 -5.55 -0.63 -4.31
C GLU A 65 -4.58 0.42 -3.80
N THR A 66 -3.53 0.70 -4.57
CA THR A 66 -2.52 1.71 -4.25
C THR A 66 -2.32 2.62 -5.47
N ASN A 67 -1.43 3.62 -5.35
CA ASN A 67 -1.07 4.49 -6.49
C ASN A 67 -0.13 3.77 -7.48
N LEU A 68 0.25 2.50 -7.18
CA LEU A 68 0.99 1.62 -8.09
C LEU A 68 0.06 0.51 -8.67
N GLY A 69 -1.17 0.40 -8.13
CA GLY A 69 -2.15 -0.61 -8.58
C GLY A 69 -2.59 -1.55 -7.47
N ASN A 70 -3.25 -2.67 -7.85
CA ASN A 70 -3.73 -3.67 -6.89
C ASN A 70 -2.57 -4.58 -6.41
N VAL A 71 -2.55 -4.87 -5.10
CA VAL A 71 -1.45 -5.56 -4.41
C VAL A 71 -2.00 -6.67 -3.48
N ARG A 72 -1.29 -7.84 -3.40
CA ARG A 72 -1.59 -8.90 -2.41
C ARG A 72 -0.88 -8.54 -1.11
N VAL A 73 -1.59 -8.62 0.01
CA VAL A 73 -0.99 -8.46 1.34
C VAL A 73 -0.25 -9.76 1.70
N THR A 74 1.09 -9.73 1.65
CA THR A 74 1.92 -10.96 1.78
C THR A 74 2.38 -11.14 3.23
N SER A 75 2.60 -9.99 3.89
CA SER A 75 2.96 -9.95 5.32
C SER A 75 1.67 -9.82 6.14
N ARG A 76 1.81 -9.88 7.47
CA ARG A 76 0.73 -9.58 8.40
C ARG A 76 0.52 -8.05 8.46
N PRO A 77 -0.65 -7.52 7.99
CA PRO A 77 -0.89 -6.07 7.83
C PRO A 77 -0.82 -5.29 9.16
N GLY A 78 0.21 -4.43 9.28
CA GLY A 78 0.44 -3.62 10.49
C GLY A 78 1.09 -4.43 11.59
N GLN A 79 2.01 -5.34 11.20
CA GLN A 79 2.76 -6.20 12.15
C GLN A 79 3.77 -5.35 12.94
N ASP A 80 4.56 -4.55 12.21
CA ASP A 80 5.53 -3.58 12.80
C ASP A 80 5.17 -2.18 12.30
N GLY A 81 3.91 -1.77 12.55
CA GLY A 81 3.36 -0.50 12.03
C GLY A 81 3.17 -0.44 10.51
N VAL A 82 3.83 -1.36 9.77
CA VAL A 82 3.91 -1.34 8.31
C VAL A 82 3.30 -2.61 7.71
N ILE A 83 2.77 -2.48 6.48
CA ILE A 83 2.26 -3.59 5.68
C ILE A 83 3.23 -3.85 4.51
N ASN A 84 3.42 -5.12 4.14
CA ASN A 84 4.20 -5.49 2.93
C ASN A 84 3.34 -6.37 2.01
N GLY A 85 3.65 -6.30 0.70
CA GLY A 85 2.85 -7.00 -0.31
C GLY A 85 3.59 -7.13 -1.65
N VAL A 86 2.90 -7.70 -2.66
CA VAL A 86 3.46 -7.85 -4.03
C VAL A 86 2.46 -7.33 -5.07
N LEU A 87 2.98 -6.72 -6.15
CA LEU A 87 2.15 -6.15 -7.22
C LEU A 87 1.50 -7.26 -8.06
N ILE A 88 0.17 -7.20 -8.21
CA ILE A 88 -0.63 -8.20 -8.95
C ILE A 88 -1.47 -7.50 -10.04
N ARG A 89 -2.11 -8.32 -10.90
CA ARG A 89 -2.94 -7.81 -12.01
C ARG A 89 -4.38 -8.35 -11.86
N GLU A 90 -5.11 -7.83 -10.85
CA GLU A 90 -6.50 -8.24 -10.57
C GLU A 90 -7.47 -7.30 -11.28
N LEU A 91 -7.67 -6.11 -10.67
CA LEU A 91 -8.71 -5.16 -11.07
C LEU A 91 -8.05 -4.00 -11.83
N GLU A 92 -8.71 -3.52 -12.89
CA GLU A 92 -8.27 -2.31 -13.62
C GLU A 92 -8.95 -1.10 -12.98
N HIS A 93 -8.15 -0.14 -12.47
CA HIS A 93 -8.67 1.16 -12.01
C HIS A 93 -9.11 1.97 -13.25
N HIS A 94 -10.33 1.67 -13.70
CA HIS A 94 -10.87 2.11 -14.99
C HIS A 94 -12.07 3.03 -14.78
N HIS A 95 -12.12 4.14 -15.54
CA HIS A 95 -13.30 5.02 -15.59
C HIS A 95 -14.49 4.23 -16.19
N HIS A 96 -15.44 3.84 -15.33
CA HIS A 96 -16.55 2.95 -15.71
C HIS A 96 -17.49 3.61 -16.73
N HIS A 97 -17.47 4.95 -16.76
CA HIS A 97 -18.23 5.75 -17.74
C HIS A 97 -17.29 6.30 -18.82
N HIS A 98 -17.85 6.82 -19.92
CA HIS A 98 -17.08 7.31 -21.07
C HIS A 98 -16.54 8.74 -20.76
N GLY A 1 -11.19 30.71 12.89
CA GLY A 1 -11.13 31.13 11.48
C GLY A 1 -10.74 29.98 10.55
N ASP A 2 -9.46 29.94 10.15
CA ASP A 2 -8.93 28.92 9.23
C ASP A 2 -7.44 28.68 9.52
N ARG A 3 -7.05 27.40 9.57
CA ARG A 3 -5.67 26.99 9.82
C ARG A 3 -4.93 26.86 8.47
N ARG A 4 -4.39 27.98 7.98
CA ARG A 4 -3.62 28.02 6.71
C ARG A 4 -2.19 27.45 6.91
N VAL A 5 -2.10 26.11 6.92
CA VAL A 5 -0.84 25.37 7.12
C VAL A 5 -0.83 24.11 6.22
N ARG A 6 -0.13 24.23 5.08
CA ARG A 6 0.05 23.13 4.10
C ARG A 6 1.13 22.14 4.60
N LEU A 7 2.04 22.63 5.49
CA LEU A 7 3.12 21.87 6.12
C LEU A 7 4.10 21.37 5.02
N ILE A 8 4.95 22.29 4.56
CA ILE A 8 5.86 22.06 3.43
C ILE A 8 7.28 21.69 3.93
N ARG A 9 7.63 20.40 3.83
CA ARG A 9 8.96 19.86 4.20
C ARG A 9 9.73 19.46 2.94
N THR A 10 11.02 19.07 3.14
CA THR A 10 11.96 18.74 2.06
C THR A 10 11.39 17.70 1.05
N ARG A 11 11.27 18.13 -0.22
CA ARG A 11 10.79 17.27 -1.32
C ARG A 11 11.86 16.20 -1.65
N GLY A 12 11.57 14.94 -1.29
CA GLY A 12 12.46 13.82 -1.59
C GLY A 12 12.10 12.55 -0.83
N GLY A 13 12.99 11.55 -0.90
CA GLY A 13 12.80 10.26 -0.23
C GLY A 13 13.27 10.29 1.22
N ASN A 14 12.62 11.15 2.03
CA ASN A 14 12.94 11.35 3.46
C ASN A 14 12.18 10.31 4.30
N THR A 15 12.47 9.02 4.02
CA THR A 15 11.77 7.89 4.64
C THR A 15 12.30 7.65 6.08
N LYS A 16 11.79 8.49 6.99
CA LYS A 16 12.12 8.44 8.44
C LYS A 16 10.83 8.08 9.19
N VAL A 17 9.74 8.74 8.80
CA VAL A 17 8.38 8.36 9.22
C VAL A 17 7.86 7.25 8.29
N ARG A 18 7.22 6.22 8.86
CA ARG A 18 6.69 5.08 8.08
C ARG A 18 5.37 5.52 7.42
N LEU A 19 4.32 5.62 8.22
CA LEU A 19 2.99 6.11 7.81
C LEU A 19 2.83 7.55 8.29
N ALA A 20 2.53 8.49 7.37
CA ALA A 20 2.34 9.91 7.71
C ALA A 20 0.85 10.22 7.82
N SER A 21 0.22 9.59 8.85
CA SER A 21 -1.24 9.66 9.13
C SER A 21 -2.08 9.04 8.00
N ASP A 22 -1.42 8.27 7.10
CA ASP A 22 -2.05 7.65 5.93
C ASP A 22 -1.45 6.25 5.72
N THR A 23 -2.26 5.34 5.17
CA THR A 23 -1.93 3.92 5.06
C THR A 23 -0.83 3.69 3.99
N ARG A 24 0.37 3.27 4.43
CA ARG A 24 1.54 3.04 3.56
C ARG A 24 1.91 1.56 3.50
N ILE A 25 2.39 1.12 2.32
CA ILE A 25 2.75 -0.29 2.06
C ILE A 25 4.04 -0.37 1.22
N ASN A 26 4.86 -1.40 1.48
CA ASN A 26 6.03 -1.73 0.66
C ASN A 26 5.60 -2.75 -0.40
N VAL A 27 5.41 -2.27 -1.62
CA VAL A 27 4.93 -3.06 -2.74
C VAL A 27 6.13 -3.69 -3.47
N VAL A 28 6.29 -5.00 -3.29
CA VAL A 28 7.38 -5.77 -3.92
C VAL A 28 6.85 -6.39 -5.20
N ASP A 29 7.17 -5.78 -6.34
CA ASP A 29 6.87 -6.36 -7.65
C ASP A 29 7.64 -7.68 -7.77
N PRO A 30 6.94 -8.86 -7.79
CA PRO A 30 7.60 -10.18 -7.60
C PRO A 30 8.47 -10.62 -8.80
N GLU A 31 8.18 -10.08 -10.00
CA GLU A 31 8.85 -10.48 -11.25
C GLU A 31 10.02 -9.53 -11.59
N THR A 32 9.82 -8.20 -11.47
CA THR A 32 10.86 -7.19 -11.80
C THR A 32 11.79 -6.91 -10.59
N GLY A 33 11.26 -7.14 -9.38
CA GLY A 33 12.01 -6.96 -8.13
C GLY A 33 11.93 -5.53 -7.56
N LYS A 34 11.09 -4.67 -8.17
CA LYS A 34 10.91 -3.28 -7.73
C LYS A 34 10.14 -3.21 -6.39
N VAL A 35 10.85 -2.89 -5.31
CA VAL A 35 10.26 -2.66 -3.99
C VAL A 35 10.07 -1.14 -3.79
N GLU A 36 8.81 -0.69 -3.81
CA GLU A 36 8.48 0.75 -3.82
C GLU A 36 7.34 1.03 -2.83
N ILE A 37 7.47 2.12 -2.07
CA ILE A 37 6.47 2.55 -1.08
C ILE A 37 5.28 3.20 -1.82
N ALA A 38 4.05 2.77 -1.47
CA ALA A 38 2.82 3.27 -2.08
C ALA A 38 1.80 3.66 -1.01
N GLU A 39 0.78 4.41 -1.44
CA GLU A 39 -0.31 4.91 -0.60
C GLU A 39 -1.55 4.06 -0.87
N ILE A 40 -2.05 3.33 0.16
CA ILE A 40 -3.24 2.48 0.02
C ILE A 40 -4.48 3.39 0.04
N ARG A 41 -5.14 3.49 -1.12
CA ARG A 41 -6.36 4.28 -1.29
C ARG A 41 -7.59 3.49 -0.84
N ASN A 42 -7.59 2.18 -1.15
CA ASN A 42 -8.70 1.27 -0.81
C ASN A 42 -8.15 0.04 -0.08
N VAL A 43 -8.77 -0.28 1.06
CA VAL A 43 -8.49 -1.50 1.83
C VAL A 43 -9.53 -2.58 1.49
N VAL A 44 -10.59 -2.17 0.78
CA VAL A 44 -11.63 -3.07 0.27
C VAL A 44 -11.04 -3.98 -0.84
N GLU A 45 -10.87 -5.26 -0.49
CA GLU A 45 -10.33 -6.31 -1.37
C GLU A 45 -11.28 -6.64 -2.53
N ASN A 46 -12.56 -6.63 -2.21
CA ASN A 46 -13.65 -6.89 -3.16
C ASN A 46 -14.88 -6.13 -2.64
N THR A 47 -15.53 -5.36 -3.53
CA THR A 47 -16.72 -4.56 -3.19
C THR A 47 -17.89 -5.48 -2.79
N ALA A 48 -17.99 -5.75 -1.48
CA ALA A 48 -18.98 -6.66 -0.89
C ALA A 48 -19.51 -6.05 0.41
N ASN A 49 -20.56 -5.20 0.27
CA ASN A 49 -21.23 -4.48 1.38
C ASN A 49 -20.20 -3.63 2.20
N PRO A 50 -19.37 -2.77 1.52
CA PRO A 50 -18.17 -2.13 2.14
C PRO A 50 -18.53 -1.03 3.16
N HIS A 51 -19.79 -0.55 3.14
CA HIS A 51 -20.28 0.45 4.12
C HIS A 51 -20.42 -0.20 5.51
N PHE A 52 -21.02 -1.40 5.53
CA PHE A 52 -21.17 -2.21 6.76
C PHE A 52 -19.78 -2.62 7.29
N VAL A 53 -18.86 -2.92 6.36
CA VAL A 53 -17.49 -3.30 6.70
C VAL A 53 -16.70 -2.08 7.22
N ARG A 54 -16.21 -1.22 6.28
CA ARG A 54 -15.45 0.03 6.60
C ARG A 54 -14.09 -0.27 7.29
N ARG A 55 -13.73 -1.56 7.37
CA ARG A 55 -12.58 -2.03 8.16
C ARG A 55 -11.26 -1.83 7.40
N ASN A 56 -10.30 -1.14 8.05
CA ASN A 56 -8.90 -1.04 7.58
C ASN A 56 -8.13 -2.32 7.99
N ILE A 57 -8.86 -3.30 8.60
CA ILE A 57 -8.37 -4.65 8.91
C ILE A 57 -7.97 -5.36 7.59
N ILE A 58 -6.71 -5.14 7.19
CA ILE A 58 -6.13 -5.77 5.99
C ILE A 58 -5.64 -7.18 6.37
N THR A 59 -5.95 -8.18 5.54
CA THR A 59 -5.61 -9.58 5.80
C THR A 59 -4.66 -10.14 4.73
N ARG A 60 -4.05 -11.30 5.01
CA ARG A 60 -3.20 -11.99 4.05
C ARG A 60 -4.06 -12.58 2.92
N GLY A 61 -3.68 -12.25 1.67
CA GLY A 61 -4.44 -12.63 0.48
C GLY A 61 -5.45 -11.57 0.05
N ALA A 62 -5.62 -10.52 0.87
CA ALA A 62 -6.52 -9.40 0.55
C ALA A 62 -5.86 -8.44 -0.47
N VAL A 63 -6.66 -7.97 -1.43
CA VAL A 63 -6.20 -7.03 -2.46
C VAL A 63 -6.40 -5.58 -1.98
N VAL A 64 -5.32 -4.81 -1.86
CA VAL A 64 -5.41 -3.38 -1.58
C VAL A 64 -5.14 -2.59 -2.86
N GLU A 65 -5.71 -1.39 -2.99
CA GLU A 65 -5.48 -0.51 -4.12
C GLU A 65 -4.52 0.59 -3.70
N THR A 66 -3.52 0.87 -4.55
CA THR A 66 -2.50 1.89 -4.31
C THR A 66 -2.34 2.76 -5.56
N ASN A 67 -1.38 3.70 -5.51
CA ASN A 67 -1.03 4.55 -6.66
C ASN A 67 -0.16 3.76 -7.67
N LEU A 68 0.27 2.54 -7.29
CA LEU A 68 1.01 1.62 -8.17
C LEU A 68 0.05 0.58 -8.80
N GLY A 69 -1.17 0.49 -8.24
CA GLY A 69 -2.17 -0.49 -8.67
C GLY A 69 -2.58 -1.41 -7.52
N ASN A 70 -3.09 -2.59 -7.87
CA ASN A 70 -3.52 -3.59 -6.87
C ASN A 70 -2.34 -4.39 -6.32
N VAL A 71 -2.33 -4.64 -5.01
CA VAL A 71 -1.28 -5.42 -4.31
C VAL A 71 -1.93 -6.58 -3.52
N ARG A 72 -1.34 -7.80 -3.62
CA ARG A 72 -1.68 -8.92 -2.72
C ARG A 72 -0.88 -8.72 -1.44
N VAL A 73 -1.55 -8.47 -0.33
CA VAL A 73 -0.85 -8.28 0.95
C VAL A 73 -0.48 -9.67 1.50
N THR A 74 0.75 -10.08 1.24
CA THR A 74 1.31 -11.35 1.70
C THR A 74 1.74 -11.27 3.18
N SER A 75 1.98 -10.03 3.63
CA SER A 75 2.31 -9.72 5.02
C SER A 75 1.05 -9.31 5.80
N ARG A 76 1.27 -8.78 7.02
CA ARG A 76 0.20 -8.21 7.85
C ARG A 76 0.35 -6.67 7.89
N PRO A 77 -0.77 -5.90 8.17
CA PRO A 77 -0.70 -4.43 8.26
C PRO A 77 0.04 -3.97 9.54
N GLY A 78 0.98 -3.02 9.37
CA GLY A 78 1.69 -2.39 10.49
C GLY A 78 2.72 -3.30 11.17
N GLN A 79 3.04 -4.44 10.53
CA GLN A 79 4.05 -5.37 11.07
C GLN A 79 5.44 -4.77 10.85
N ASP A 80 6.29 -4.81 11.90
CA ASP A 80 7.67 -4.26 11.88
C ASP A 80 7.66 -2.70 11.78
N GLY A 81 6.46 -2.09 11.66
CA GLY A 81 6.28 -0.65 11.56
C GLY A 81 5.55 -0.21 10.30
N VAL A 82 5.40 -1.11 9.30
CA VAL A 82 4.72 -0.76 8.02
C VAL A 82 3.99 -1.99 7.42
N ILE A 83 3.08 -1.75 6.46
CA ILE A 83 2.37 -2.80 5.72
C ILE A 83 3.27 -3.25 4.55
N ASN A 84 3.18 -4.52 4.14
CA ASN A 84 4.02 -5.08 3.04
C ASN A 84 3.19 -6.02 2.15
N GLY A 85 3.57 -6.16 0.87
CA GLY A 85 2.86 -7.03 -0.07
C GLY A 85 3.60 -7.20 -1.40
N VAL A 86 2.93 -7.83 -2.40
CA VAL A 86 3.48 -8.06 -3.76
C VAL A 86 2.53 -7.51 -4.85
N LEU A 87 3.08 -6.82 -5.88
CA LEU A 87 2.27 -6.14 -6.91
C LEU A 87 1.59 -7.16 -7.87
N ILE A 88 0.26 -7.02 -8.01
CA ILE A 88 -0.58 -7.85 -8.91
C ILE A 88 -1.26 -6.93 -9.95
N ARG A 89 -1.90 -7.55 -10.98
CA ARG A 89 -2.40 -6.82 -12.17
C ARG A 89 -3.94 -6.96 -12.28
N GLU A 90 -4.61 -7.31 -11.15
CA GLU A 90 -6.02 -7.80 -11.11
C GLU A 90 -7.01 -6.91 -11.88
N LEU A 91 -7.37 -5.76 -11.29
CA LEU A 91 -8.31 -4.83 -11.91
C LEU A 91 -7.59 -4.04 -12.99
N GLU A 92 -7.69 -4.53 -14.24
CA GLU A 92 -7.12 -3.86 -15.42
C GLU A 92 -7.77 -2.48 -15.57
N HIS A 93 -7.07 -1.44 -15.10
CA HIS A 93 -7.56 -0.06 -15.15
C HIS A 93 -7.44 0.46 -16.58
N HIS A 94 -8.42 0.09 -17.42
CA HIS A 94 -8.50 0.53 -18.81
C HIS A 94 -9.01 1.98 -18.83
N HIS A 95 -8.09 2.94 -18.97
CA HIS A 95 -8.42 4.37 -18.92
C HIS A 95 -8.63 4.90 -20.36
N HIS A 96 -9.72 4.42 -20.98
CA HIS A 96 -10.12 4.74 -22.37
C HIS A 96 -9.02 4.35 -23.39
N HIS A 97 -8.95 3.04 -23.68
CA HIS A 97 -8.01 2.46 -24.68
C HIS A 97 -8.75 1.40 -25.51
N HIS A 98 -8.13 0.97 -26.64
CA HIS A 98 -8.68 -0.08 -27.54
C HIS A 98 -10.08 0.33 -28.10
N GLY A 1 9.05 8.41 47.03
CA GLY A 1 8.74 7.65 45.79
C GLY A 1 8.46 8.61 44.63
N ASP A 2 9.42 9.51 44.36
CA ASP A 2 9.26 10.58 43.35
C ASP A 2 9.33 10.00 41.92
N ARG A 3 8.15 9.76 41.34
CA ARG A 3 8.02 9.25 39.95
C ARG A 3 7.93 10.47 39.01
N ARG A 4 9.10 10.84 38.45
CA ARG A 4 9.24 12.00 37.56
C ARG A 4 10.38 11.74 36.57
N VAL A 5 10.04 11.21 35.39
CA VAL A 5 11.01 11.04 34.29
C VAL A 5 11.12 12.36 33.49
N ARG A 6 11.99 13.26 33.99
CA ARG A 6 12.17 14.62 33.43
C ARG A 6 12.98 14.56 32.13
N LEU A 7 12.28 14.74 31.00
CA LEU A 7 12.86 14.71 29.66
C LEU A 7 12.46 15.99 28.89
N ILE A 8 13.46 16.79 28.51
CA ILE A 8 13.24 18.00 27.69
C ILE A 8 12.99 17.58 26.22
N ARG A 9 11.70 17.44 25.86
CA ARG A 9 11.27 16.94 24.52
C ARG A 9 11.46 18.03 23.45
N THR A 10 12.71 18.21 23.03
CA THR A 10 13.11 19.15 21.98
C THR A 10 13.66 18.36 20.79
N ARG A 11 13.52 18.93 19.58
CA ARG A 11 13.87 18.27 18.31
C ARG A 11 15.38 17.94 18.26
N GLY A 12 15.71 16.68 18.60
CA GLY A 12 17.10 16.17 18.60
C GLY A 12 17.19 14.81 17.95
N GLY A 13 16.27 14.55 17.01
CA GLY A 13 16.19 13.29 16.28
C GLY A 13 15.14 13.35 15.18
N ASN A 14 15.11 12.32 14.32
CA ASN A 14 14.11 12.21 13.24
C ASN A 14 12.93 11.36 13.75
N THR A 15 11.70 11.84 13.49
CA THR A 15 10.47 11.16 13.91
C THR A 15 10.29 9.86 13.11
N LYS A 16 10.77 8.75 13.68
CA LYS A 16 10.62 7.40 13.11
C LYS A 16 9.21 6.84 13.45
N VAL A 17 8.22 7.44 12.79
CA VAL A 17 6.80 7.10 12.97
C VAL A 17 6.38 6.04 11.92
N ARG A 18 5.53 5.10 12.34
CA ARG A 18 4.93 4.09 11.43
C ARG A 18 3.56 4.60 10.92
N LEU A 19 2.68 3.69 10.42
CA LEU A 19 1.34 4.05 9.90
C LEU A 19 0.33 4.36 11.05
N ALA A 20 0.62 5.43 11.81
CA ALA A 20 -0.17 5.83 13.00
C ALA A 20 -1.41 6.64 12.58
N SER A 21 -1.29 7.40 11.48
CA SER A 21 -2.37 8.26 10.93
C SER A 21 -2.65 7.91 9.46
N ASP A 22 -1.67 7.29 8.79
CA ASP A 22 -1.75 6.93 7.36
C ASP A 22 -1.87 5.42 7.22
N THR A 23 -2.12 4.93 5.99
CA THR A 23 -1.99 3.50 5.65
C THR A 23 -0.85 3.35 4.62
N ARG A 24 0.26 2.76 5.09
CA ARG A 24 1.49 2.62 4.30
C ARG A 24 1.77 1.12 4.00
N ILE A 25 2.15 0.82 2.74
CA ILE A 25 2.51 -0.56 2.31
C ILE A 25 3.81 -0.55 1.49
N ASN A 26 4.63 -1.60 1.65
CA ASN A 26 5.82 -1.82 0.81
C ASN A 26 5.42 -2.75 -0.35
N VAL A 27 5.34 -2.18 -1.54
CA VAL A 27 4.94 -2.91 -2.75
C VAL A 27 6.19 -3.47 -3.44
N VAL A 28 6.36 -4.79 -3.36
CA VAL A 28 7.47 -5.50 -3.99
C VAL A 28 6.94 -6.28 -5.21
N ASP A 29 7.11 -5.72 -6.41
CA ASP A 29 6.77 -6.38 -7.67
C ASP A 29 7.57 -7.70 -7.78
N PRO A 30 6.90 -8.89 -7.81
CA PRO A 30 7.59 -10.19 -7.74
C PRO A 30 8.32 -10.58 -9.04
N GLU A 31 7.90 -10.02 -10.21
CA GLU A 31 8.48 -10.39 -11.51
C GLU A 31 9.66 -9.46 -11.89
N THR A 32 9.47 -8.14 -11.81
CA THR A 32 10.49 -7.14 -12.22
C THR A 32 11.39 -6.75 -11.04
N GLY A 33 10.81 -6.72 -9.82
CA GLY A 33 11.57 -6.42 -8.61
C GLY A 33 11.49 -4.96 -8.17
N LYS A 34 10.43 -4.23 -8.62
CA LYS A 34 10.10 -2.89 -8.08
C LYS A 34 9.89 -2.99 -6.56
N VAL A 35 10.84 -2.50 -5.77
CA VAL A 35 10.70 -2.38 -4.32
C VAL A 35 10.55 -0.90 -3.98
N GLU A 36 9.29 -0.46 -3.80
CA GLU A 36 8.96 0.94 -3.54
C GLU A 36 7.79 1.00 -2.56
N ILE A 37 7.82 2.02 -1.69
CA ILE A 37 6.79 2.23 -0.68
C ILE A 37 5.62 3.04 -1.31
N ALA A 38 4.40 2.57 -1.06
CA ALA A 38 3.15 3.12 -1.60
C ALA A 38 2.15 3.34 -0.46
N GLU A 39 1.01 3.96 -0.80
CA GLU A 39 -0.11 4.15 0.15
C GLU A 39 -1.37 3.52 -0.46
N ILE A 40 -2.19 2.88 0.39
CA ILE A 40 -3.40 2.17 -0.04
C ILE A 40 -4.57 3.16 -0.17
N ARG A 41 -5.03 3.34 -1.42
CA ARG A 41 -6.16 4.23 -1.76
C ARG A 41 -7.49 3.57 -1.37
N ASN A 42 -7.67 2.32 -1.79
CA ASN A 42 -8.89 1.52 -1.53
C ASN A 42 -8.50 0.06 -1.29
N VAL A 43 -9.42 -0.76 -0.77
CA VAL A 43 -9.24 -2.22 -0.68
C VAL A 43 -10.51 -2.92 -1.20
N VAL A 44 -10.36 -3.68 -2.30
CA VAL A 44 -11.47 -4.36 -3.00
C VAL A 44 -11.04 -5.79 -3.38
N GLU A 45 -11.14 -6.69 -2.40
CA GLU A 45 -10.95 -8.14 -2.57
C GLU A 45 -12.31 -8.87 -2.52
N ASN A 46 -13.34 -8.10 -2.11
CA ASN A 46 -14.75 -8.52 -2.10
C ASN A 46 -15.00 -9.70 -1.13
N THR A 47 -14.73 -9.45 0.16
CA THR A 47 -15.22 -10.32 1.24
C THR A 47 -16.76 -10.14 1.37
N ALA A 48 -17.19 -8.88 1.18
CA ALA A 48 -18.60 -8.45 1.27
C ALA A 48 -18.65 -6.93 0.96
N ASN A 49 -19.86 -6.34 1.07
CA ASN A 49 -20.04 -4.87 1.01
C ASN A 49 -19.30 -4.25 2.23
N PRO A 50 -18.21 -3.44 2.03
CA PRO A 50 -17.39 -2.90 3.13
C PRO A 50 -18.15 -1.88 4.01
N HIS A 51 -18.96 -2.39 4.95
CA HIS A 51 -19.69 -1.59 5.93
C HIS A 51 -18.83 -1.54 7.21
N PHE A 52 -17.83 -0.65 7.20
CA PHE A 52 -16.87 -0.50 8.32
C PHE A 52 -16.80 0.97 8.76
N VAL A 53 -17.76 1.79 8.27
CA VAL A 53 -17.77 3.26 8.46
C VAL A 53 -16.49 3.87 7.86
N ARG A 54 -16.44 3.78 6.51
CA ARG A 54 -15.36 4.27 5.60
C ARG A 54 -13.94 3.71 5.92
N ARG A 55 -13.85 2.71 6.83
CA ARG A 55 -12.56 2.11 7.23
C ARG A 55 -12.16 0.97 6.29
N ASN A 56 -10.85 0.91 6.01
CA ASN A 56 -10.24 -0.11 5.14
C ASN A 56 -9.70 -1.27 6.00
N ILE A 57 -10.51 -2.33 6.17
CA ILE A 57 -10.09 -3.56 6.88
C ILE A 57 -9.21 -4.40 5.95
N ILE A 58 -7.90 -4.30 6.20
CA ILE A 58 -6.85 -4.95 5.40
C ILE A 58 -6.39 -6.22 6.14
N THR A 59 -6.49 -7.36 5.45
CA THR A 59 -6.10 -8.67 5.97
C THR A 59 -5.03 -9.28 5.05
N ARG A 60 -4.37 -10.37 5.50
CA ARG A 60 -3.40 -11.09 4.68
C ARG A 60 -4.14 -11.91 3.59
N GLY A 61 -3.67 -11.75 2.33
CA GLY A 61 -4.34 -12.33 1.15
C GLY A 61 -5.32 -11.37 0.49
N ALA A 62 -5.45 -10.15 1.05
CA ALA A 62 -6.35 -9.12 0.51
C ALA A 62 -5.74 -8.44 -0.73
N VAL A 63 -6.62 -8.00 -1.64
CA VAL A 63 -6.23 -7.22 -2.82
C VAL A 63 -6.49 -5.75 -2.50
N VAL A 64 -5.40 -4.99 -2.35
CA VAL A 64 -5.47 -3.56 -2.03
C VAL A 64 -5.13 -2.76 -3.28
N GLU A 65 -5.82 -1.65 -3.45
CA GLU A 65 -5.69 -0.75 -4.60
C GLU A 65 -4.84 0.44 -4.13
N THR A 66 -3.69 0.66 -4.79
CA THR A 66 -2.70 1.69 -4.37
C THR A 66 -2.42 2.63 -5.55
N ASN A 67 -1.54 3.63 -5.33
CA ASN A 67 -1.13 4.59 -6.39
C ASN A 67 -0.27 3.90 -7.46
N LEU A 68 0.23 2.69 -7.15
CA LEU A 68 0.98 1.86 -8.10
C LEU A 68 0.03 0.88 -8.82
N GLY A 69 -0.83 0.23 -8.02
CA GLY A 69 -1.86 -0.66 -8.54
C GLY A 69 -2.36 -1.64 -7.49
N ASN A 70 -2.88 -2.79 -7.94
CA ASN A 70 -3.36 -3.85 -7.05
C ASN A 70 -2.18 -4.64 -6.47
N VAL A 71 -2.18 -4.83 -5.14
CA VAL A 71 -1.12 -5.52 -4.39
C VAL A 71 -1.76 -6.61 -3.49
N ARG A 72 -1.12 -7.79 -3.39
CA ARG A 72 -1.51 -8.82 -2.39
C ARG A 72 -0.81 -8.49 -1.08
N VAL A 73 -1.55 -8.48 0.02
CA VAL A 73 -0.97 -8.33 1.36
C VAL A 73 -0.32 -9.67 1.76
N THR A 74 1.01 -9.70 1.81
CA THR A 74 1.77 -10.95 2.06
C THR A 74 2.22 -11.00 3.52
N SER A 75 2.70 -9.86 4.01
CA SER A 75 3.04 -9.66 5.42
C SER A 75 1.83 -9.04 6.13
N ARG A 76 1.53 -9.54 7.35
CA ARG A 76 0.40 -9.08 8.15
C ARG A 76 0.53 -7.57 8.48
N PRO A 77 -0.57 -6.77 8.28
CA PRO A 77 -0.57 -5.30 8.49
C PRO A 77 -0.05 -4.84 9.88
N GLY A 78 1.06 -4.08 9.87
CA GLY A 78 1.53 -3.34 11.03
C GLY A 78 2.24 -4.16 12.10
N GLN A 79 2.76 -5.35 11.74
CA GLN A 79 3.51 -6.19 12.70
C GLN A 79 4.91 -5.59 12.96
N ASP A 80 5.61 -5.22 11.88
CA ASP A 80 6.88 -4.45 11.94
C ASP A 80 6.59 -2.93 12.00
N GLY A 81 5.31 -2.57 11.91
CA GLY A 81 4.87 -1.17 11.91
C GLY A 81 4.31 -0.75 10.57
N VAL A 82 4.46 -1.60 9.55
CA VAL A 82 4.02 -1.31 8.17
C VAL A 82 3.41 -2.58 7.54
N ILE A 83 2.67 -2.41 6.44
CA ILE A 83 2.16 -3.52 5.63
C ILE A 83 3.19 -3.81 4.51
N ASN A 84 3.34 -5.08 4.09
CA ASN A 84 4.18 -5.43 2.91
C ASN A 84 3.36 -6.35 1.99
N GLY A 85 3.75 -6.38 0.70
CA GLY A 85 3.02 -7.17 -0.29
C GLY A 85 3.72 -7.28 -1.63
N VAL A 86 3.03 -7.87 -2.62
CA VAL A 86 3.56 -8.07 -4.00
C VAL A 86 2.63 -7.44 -5.05
N LEU A 87 3.22 -6.73 -6.05
CA LEU A 87 2.42 -6.07 -7.11
C LEU A 87 1.87 -7.12 -8.09
N ILE A 88 0.54 -7.23 -8.17
CA ILE A 88 -0.17 -8.31 -8.87
C ILE A 88 -1.00 -7.77 -10.06
N ARG A 89 -1.49 -8.69 -10.90
CA ARG A 89 -2.28 -8.36 -12.11
C ARG A 89 -3.72 -8.85 -11.90
N GLU A 90 -4.61 -7.99 -11.37
CA GLU A 90 -6.00 -8.36 -10.99
C GLU A 90 -7.03 -7.52 -11.75
N LEU A 91 -7.19 -6.26 -11.32
CA LEU A 91 -8.29 -5.39 -11.75
C LEU A 91 -7.76 -4.28 -12.67
N GLU A 92 -8.58 -3.91 -13.66
CA GLU A 92 -8.33 -2.74 -14.52
C GLU A 92 -8.88 -1.48 -13.82
N HIS A 93 -8.57 -0.28 -14.35
CA HIS A 93 -9.13 0.99 -13.84
C HIS A 93 -10.66 0.99 -14.03
N HIS A 94 -11.39 0.63 -12.96
CA HIS A 94 -12.85 0.56 -12.96
C HIS A 94 -13.46 1.96 -12.83
N HIS A 95 -14.67 2.13 -13.39
CA HIS A 95 -15.48 3.36 -13.23
C HIS A 95 -16.25 3.29 -11.90
N HIS A 96 -16.57 2.04 -11.49
CA HIS A 96 -17.18 1.68 -10.19
C HIS A 96 -18.45 2.50 -9.88
N HIS A 97 -19.60 2.02 -10.40
CA HIS A 97 -20.92 2.61 -10.15
C HIS A 97 -21.89 1.50 -9.69
N HIS A 98 -21.53 0.86 -8.55
CA HIS A 98 -22.28 -0.26 -7.91
C HIS A 98 -22.75 -1.35 -8.93
N GLY A 1 54.19 20.75 -16.34
CA GLY A 1 52.99 21.62 -16.40
C GLY A 1 52.23 21.69 -15.08
N ASP A 2 51.01 22.26 -15.12
CA ASP A 2 50.13 22.36 -13.95
C ASP A 2 49.01 21.33 -14.06
N ARG A 3 49.05 20.30 -13.19
CA ARG A 3 47.98 19.31 -13.08
C ARG A 3 46.84 19.89 -12.23
N ARG A 4 45.87 20.54 -12.91
CA ARG A 4 44.71 21.18 -12.28
C ARG A 4 43.83 20.11 -11.59
N VAL A 5 44.11 19.87 -10.30
CA VAL A 5 43.45 18.82 -9.51
C VAL A 5 42.08 19.29 -9.02
N ARG A 6 41.06 18.41 -9.17
CA ARG A 6 39.75 18.61 -8.56
C ARG A 6 39.57 17.55 -7.44
N LEU A 7 39.96 17.93 -6.22
CA LEU A 7 39.89 17.06 -5.05
C LEU A 7 38.48 17.15 -4.46
N ILE A 8 37.57 16.32 -5.00
CA ILE A 8 36.18 16.24 -4.58
C ILE A 8 35.66 14.81 -4.79
N ARG A 9 35.07 14.24 -3.75
CA ARG A 9 34.45 12.91 -3.78
C ARG A 9 33.27 12.90 -2.81
N THR A 10 32.10 13.25 -3.35
CA THR A 10 30.84 13.33 -2.61
C THR A 10 30.23 11.92 -2.43
N ARG A 11 30.68 11.21 -1.39
CA ARG A 11 30.19 9.87 -1.02
C ARG A 11 28.90 10.03 -0.20
N GLY A 12 29.03 10.72 0.95
CA GLY A 12 27.89 11.01 1.84
C GLY A 12 27.30 9.77 2.49
N GLY A 13 26.06 9.44 2.09
CA GLY A 13 25.30 8.32 2.67
C GLY A 13 23.79 8.55 2.54
N ASN A 14 23.02 7.46 2.56
CA ASN A 14 21.55 7.51 2.39
C ASN A 14 20.88 6.44 3.28
N THR A 15 19.90 6.89 4.07
CA THR A 15 19.11 6.03 4.96
C THR A 15 17.63 6.42 4.87
N LYS A 16 16.75 5.40 4.88
CA LYS A 16 15.29 5.60 4.90
C LYS A 16 14.75 5.48 6.35
N VAL A 17 13.43 5.64 6.46
CA VAL A 17 12.68 5.51 7.72
C VAL A 17 11.27 4.97 7.40
N ARG A 18 10.61 4.33 8.38
CA ARG A 18 9.23 3.81 8.21
C ARG A 18 8.21 4.98 8.12
N LEU A 19 6.92 4.63 7.96
CA LEU A 19 5.83 5.62 7.83
C LEU A 19 5.76 6.56 9.06
N ALA A 20 5.64 7.86 8.81
CA ALA A 20 5.39 8.88 9.86
C ALA A 20 4.01 9.52 9.65
N SER A 21 3.38 9.20 8.52
CA SER A 21 2.04 9.68 8.13
C SER A 21 1.01 8.55 8.33
N ASP A 22 0.06 8.36 7.38
CA ASP A 22 -1.02 7.36 7.48
C ASP A 22 -0.51 5.96 7.03
N THR A 23 -1.42 4.96 7.06
CA THR A 23 -1.10 3.55 6.74
C THR A 23 -0.65 3.41 5.27
N ARG A 24 0.61 3.04 5.10
CA ARG A 24 1.24 2.89 3.79
C ARG A 24 1.72 1.44 3.60
N ILE A 25 2.12 1.10 2.36
CA ILE A 25 2.52 -0.27 2.01
C ILE A 25 3.80 -0.29 1.16
N ASN A 26 4.66 -1.26 1.43
CA ASN A 26 5.88 -1.51 0.67
C ASN A 26 5.53 -2.53 -0.42
N VAL A 27 5.32 -2.03 -1.63
CA VAL A 27 4.84 -2.82 -2.77
C VAL A 27 6.03 -3.35 -3.57
N VAL A 28 6.19 -4.67 -3.56
CA VAL A 28 7.30 -5.35 -4.23
C VAL A 28 6.77 -5.99 -5.52
N ASP A 29 7.34 -5.61 -6.67
CA ASP A 29 7.12 -6.32 -7.93
C ASP A 29 7.57 -7.78 -7.79
N PRO A 30 6.65 -8.79 -7.93
CA PRO A 30 7.05 -10.21 -8.00
C PRO A 30 7.74 -10.53 -9.36
N GLU A 31 7.54 -9.64 -10.36
CA GLU A 31 8.11 -9.80 -11.70
C GLU A 31 9.61 -9.40 -11.76
N THR A 32 9.94 -8.17 -11.30
CA THR A 32 11.31 -7.62 -11.35
C THR A 32 12.04 -7.71 -10.00
N GLY A 33 11.27 -7.72 -8.89
CA GLY A 33 11.85 -7.77 -7.54
C GLY A 33 12.09 -6.38 -6.95
N LYS A 34 11.60 -5.34 -7.65
CA LYS A 34 11.72 -3.93 -7.21
C LYS A 34 10.75 -3.64 -6.05
N VAL A 35 11.18 -2.81 -5.08
CA VAL A 35 10.35 -2.43 -3.91
C VAL A 35 10.15 -0.91 -3.91
N GLU A 36 8.88 -0.47 -3.94
CA GLU A 36 8.51 0.95 -3.90
C GLU A 36 7.35 1.14 -2.90
N ILE A 37 7.44 2.19 -2.09
CA ILE A 37 6.43 2.51 -1.08
C ILE A 37 5.22 3.21 -1.76
N ALA A 38 4.14 2.44 -2.01
CA ALA A 38 2.86 2.99 -2.51
C ALA A 38 1.91 3.23 -1.34
N GLU A 39 0.88 4.03 -1.57
CA GLU A 39 -0.07 4.44 -0.52
C GLU A 39 -1.37 3.63 -0.66
N ILE A 40 -1.94 3.14 0.48
CA ILE A 40 -3.21 2.40 0.45
C ILE A 40 -4.38 3.41 0.37
N ARG A 41 -5.02 3.42 -0.78
CA ARG A 41 -6.17 4.28 -1.07
C ARG A 41 -7.43 3.69 -0.44
N ASN A 42 -7.71 2.41 -0.75
CA ASN A 42 -8.94 1.72 -0.30
C ASN A 42 -8.66 0.22 -0.11
N VAL A 43 -9.57 -0.50 0.58
CA VAL A 43 -9.45 -1.94 0.86
C VAL A 43 -10.35 -2.78 -0.07
N VAL A 44 -10.89 -2.13 -1.13
CA VAL A 44 -11.74 -2.80 -2.13
C VAL A 44 -10.90 -3.82 -2.94
N GLU A 45 -10.92 -5.06 -2.44
CA GLU A 45 -10.32 -6.23 -3.11
C GLU A 45 -11.00 -6.48 -4.47
N ASN A 46 -12.33 -6.35 -4.45
CA ASN A 46 -13.23 -6.53 -5.58
C ASN A 46 -14.66 -6.22 -5.08
N THR A 47 -15.70 -6.68 -5.81
CA THR A 47 -17.11 -6.46 -5.43
C THR A 47 -17.45 -7.16 -4.07
N ALA A 48 -16.61 -8.12 -3.64
CA ALA A 48 -16.75 -8.87 -2.37
C ALA A 48 -16.79 -7.94 -1.14
N ASN A 49 -15.99 -6.86 -1.16
CA ASN A 49 -16.04 -5.81 -0.12
C ASN A 49 -16.01 -4.41 -0.78
N PRO A 50 -17.20 -3.81 -1.05
CA PRO A 50 -17.31 -2.39 -1.49
C PRO A 50 -17.62 -1.43 -0.30
N HIS A 51 -17.58 -1.96 0.94
CA HIS A 51 -18.00 -1.22 2.15
C HIS A 51 -16.84 -0.36 2.69
N PHE A 52 -16.94 0.96 2.50
CA PHE A 52 -16.01 1.93 3.08
C PHE A 52 -16.79 2.84 4.05
N VAL A 53 -17.11 2.28 5.22
CA VAL A 53 -17.80 2.98 6.32
C VAL A 53 -17.55 2.19 7.64
N ARG A 54 -16.51 1.36 7.60
CA ARG A 54 -16.21 0.34 8.63
C ARG A 54 -14.74 0.41 9.05
N ARG A 55 -14.36 -0.45 10.02
CA ARG A 55 -12.95 -0.73 10.32
C ARG A 55 -12.34 -1.44 9.11
N ASN A 56 -11.42 -0.76 8.42
CA ASN A 56 -10.73 -1.30 7.25
C ASN A 56 -9.83 -2.48 7.65
N ILE A 57 -10.41 -3.69 7.63
CA ILE A 57 -9.72 -4.92 8.00
C ILE A 57 -9.12 -5.53 6.73
N ILE A 58 -7.84 -5.24 6.52
CA ILE A 58 -7.03 -5.86 5.48
C ILE A 58 -6.53 -7.21 6.00
N THR A 59 -6.46 -8.23 5.14
CA THR A 59 -5.94 -9.57 5.49
C THR A 59 -4.72 -9.91 4.63
N ARG A 60 -3.97 -10.96 5.01
CA ARG A 60 -2.89 -11.50 4.19
C ARG A 60 -3.51 -12.24 2.98
N GLY A 61 -3.24 -11.71 1.78
CA GLY A 61 -3.83 -12.21 0.54
C GLY A 61 -4.99 -11.34 0.06
N ALA A 62 -5.26 -10.24 0.78
CA ALA A 62 -6.29 -9.26 0.40
C ALA A 62 -5.71 -8.24 -0.59
N VAL A 63 -6.44 -7.99 -1.69
CA VAL A 63 -6.06 -6.98 -2.65
C VAL A 63 -6.47 -5.59 -2.13
N VAL A 64 -5.49 -4.68 -2.08
CA VAL A 64 -5.71 -3.28 -1.68
C VAL A 64 -5.38 -2.37 -2.87
N GLU A 65 -6.10 -1.24 -2.96
CA GLU A 65 -5.92 -0.26 -4.03
C GLU A 65 -4.77 0.65 -3.64
N THR A 66 -3.73 0.73 -4.49
CA THR A 66 -2.54 1.55 -4.21
C THR A 66 -2.24 2.45 -5.40
N ASN A 67 -1.20 3.30 -5.24
CA ASN A 67 -0.71 4.22 -6.28
C ASN A 67 -0.13 3.44 -7.47
N LEU A 68 0.31 2.19 -7.25
CA LEU A 68 0.90 1.34 -8.28
C LEU A 68 -0.16 0.44 -8.95
N GLY A 69 -1.10 -0.08 -8.14
CA GLY A 69 -2.24 -0.84 -8.69
C GLY A 69 -2.79 -1.87 -7.71
N ASN A 70 -3.29 -3.00 -8.27
CA ASN A 70 -3.79 -4.14 -7.48
C ASN A 70 -2.63 -4.82 -6.74
N VAL A 71 -2.58 -4.68 -5.40
CA VAL A 71 -1.49 -5.28 -4.59
C VAL A 71 -2.07 -6.25 -3.56
N ARG A 72 -1.42 -7.42 -3.38
CA ARG A 72 -1.81 -8.41 -2.34
C ARG A 72 -0.83 -8.37 -1.18
N VAL A 73 -1.39 -8.25 0.03
CA VAL A 73 -0.61 -8.17 1.26
C VAL A 73 0.03 -9.54 1.59
N THR A 74 1.36 -9.54 1.72
CA THR A 74 2.16 -10.76 1.92
C THR A 74 2.55 -10.92 3.40
N SER A 75 2.54 -9.80 4.13
CA SER A 75 2.90 -9.76 5.56
C SER A 75 1.64 -9.62 6.43
N ARG A 76 1.83 -9.44 7.75
CA ARG A 76 0.75 -9.04 8.67
C ARG A 76 0.42 -7.56 8.44
N PRO A 77 -0.86 -7.22 8.06
CA PRO A 77 -1.30 -5.81 7.84
C PRO A 77 -1.03 -4.90 9.07
N GLY A 78 0.05 -4.10 8.96
CA GLY A 78 0.45 -3.16 9.99
C GLY A 78 1.28 -3.83 11.08
N GLN A 79 2.29 -4.62 10.67
CA GLN A 79 3.20 -5.34 11.59
C GLN A 79 4.02 -4.34 12.42
N ASP A 80 4.78 -3.48 11.72
CA ASP A 80 5.57 -2.39 12.33
C ASP A 80 4.79 -1.06 12.23
N GLY A 81 3.48 -1.17 11.95
CA GLY A 81 2.62 0.00 11.67
C GLY A 81 2.42 0.16 10.18
N VAL A 82 3.33 -0.44 9.39
CA VAL A 82 3.34 -0.39 7.92
C VAL A 82 3.01 -1.79 7.38
N ILE A 83 2.53 -1.86 6.14
CA ILE A 83 2.11 -3.11 5.48
C ILE A 83 3.11 -3.47 4.36
N ASN A 84 3.27 -4.77 4.05
CA ASN A 84 4.06 -5.23 2.88
C ASN A 84 3.15 -6.02 1.92
N GLY A 85 3.44 -5.94 0.61
CA GLY A 85 2.64 -6.62 -0.41
C GLY A 85 3.36 -6.78 -1.74
N VAL A 86 2.70 -7.41 -2.74
CA VAL A 86 3.26 -7.63 -4.08
C VAL A 86 2.35 -7.04 -5.19
N LEU A 87 2.98 -6.37 -6.18
CA LEU A 87 2.27 -5.70 -7.28
C LEU A 87 1.81 -6.71 -8.34
N ILE A 88 0.52 -6.99 -8.36
CA ILE A 88 -0.11 -7.93 -9.29
C ILE A 88 -1.22 -7.21 -10.06
N ARG A 89 -2.00 -7.98 -10.85
CA ARG A 89 -3.09 -7.45 -11.68
C ARG A 89 -4.31 -8.35 -11.45
N GLU A 90 -5.35 -7.83 -10.78
CA GLU A 90 -6.58 -8.60 -10.47
C GLU A 90 -7.78 -8.00 -11.20
N LEU A 91 -8.09 -6.74 -10.88
CA LEU A 91 -9.22 -6.01 -11.51
C LEU A 91 -8.86 -5.65 -12.96
N GLU A 92 -7.55 -5.48 -13.23
CA GLU A 92 -7.00 -5.28 -14.59
C GLU A 92 -6.04 -6.44 -14.95
N HIS A 93 -6.49 -7.68 -14.64
CA HIS A 93 -5.75 -8.94 -14.94
C HIS A 93 -5.85 -9.33 -16.43
N HIS A 94 -6.83 -8.72 -17.13
CA HIS A 94 -7.37 -9.17 -18.43
C HIS A 94 -8.23 -10.42 -18.21
N HIS A 95 -9.47 -10.39 -18.73
CA HIS A 95 -10.44 -11.49 -18.59
C HIS A 95 -9.95 -12.76 -19.29
N HIS A 96 -10.61 -13.88 -19.00
CA HIS A 96 -10.16 -15.23 -19.44
C HIS A 96 -10.60 -15.57 -20.86
N HIS A 97 -11.00 -14.53 -21.64
CA HIS A 97 -11.46 -14.63 -23.05
C HIS A 97 -12.89 -15.21 -23.11
N HIS A 98 -13.09 -16.38 -22.48
CA HIS A 98 -14.43 -16.93 -22.21
C HIS A 98 -14.61 -17.08 -20.68
N GLY A 1 14.05 31.10 21.19
CA GLY A 1 14.70 31.61 19.97
C GLY A 1 13.96 31.20 18.72
N ASP A 2 13.50 29.92 18.68
CA ASP A 2 12.76 29.36 17.55
C ASP A 2 11.31 29.87 17.58
N ARG A 3 10.97 30.75 16.61
CA ARG A 3 9.60 31.24 16.41
C ARG A 3 9.29 31.28 14.90
N ARG A 4 8.05 30.93 14.54
CA ARG A 4 7.57 30.97 13.14
C ARG A 4 6.71 32.23 12.99
N VAL A 5 7.39 33.38 12.86
CA VAL A 5 6.73 34.70 12.75
C VAL A 5 6.07 34.87 11.36
N ARG A 6 6.79 34.45 10.30
CA ARG A 6 6.34 34.56 8.91
C ARG A 6 5.75 33.22 8.45
N LEU A 7 4.74 33.28 7.56
CA LEU A 7 4.13 32.08 6.96
C LEU A 7 5.10 31.52 5.89
N ILE A 8 5.98 30.62 6.34
CA ILE A 8 6.78 29.77 5.46
C ILE A 8 6.09 28.40 5.44
N ARG A 9 5.72 27.92 4.23
CA ARG A 9 4.92 26.69 4.09
C ARG A 9 5.63 25.48 4.71
N THR A 10 4.82 24.50 5.20
CA THR A 10 5.27 23.37 6.04
C THR A 10 6.48 22.60 5.46
N ARG A 11 7.67 23.02 5.88
CA ARG A 11 8.96 22.44 5.47
C ARG A 11 9.91 22.48 6.68
N GLY A 12 10.79 21.46 6.80
CA GLY A 12 11.68 21.33 7.95
C GLY A 12 11.03 20.59 9.12
N GLY A 13 9.72 20.32 8.99
CA GLY A 13 8.96 19.58 9.99
C GLY A 13 9.23 18.09 9.86
N ASN A 14 10.31 17.63 10.50
CA ASN A 14 10.68 16.21 10.53
C ASN A 14 9.63 15.42 11.35
N THR A 15 8.66 14.85 10.64
CA THR A 15 7.56 14.07 11.22
C THR A 15 7.97 12.60 11.42
N LYS A 16 7.10 11.83 12.06
CA LYS A 16 7.29 10.37 12.31
C LYS A 16 5.97 9.63 12.10
N VAL A 17 5.24 10.06 11.05
CA VAL A 17 3.95 9.49 10.68
C VAL A 17 4.13 8.14 9.94
N ARG A 18 3.64 7.06 10.56
CA ARG A 18 3.55 5.75 9.90
C ARG A 18 2.22 5.72 9.11
N LEU A 19 1.10 5.66 9.85
CA LEU A 19 -0.26 5.64 9.26
C LEU A 19 -0.93 7.03 9.44
N ALA A 20 -1.50 7.28 10.66
CA ALA A 20 -2.30 8.47 11.00
C ALA A 20 -3.35 8.77 9.92
N SER A 21 -4.47 8.00 9.97
CA SER A 21 -5.60 8.05 9.00
C SER A 21 -5.22 7.37 7.66
N ASP A 22 -4.08 7.77 7.06
CA ASP A 22 -3.53 7.19 5.82
C ASP A 22 -3.00 5.77 6.05
N THR A 23 -2.54 5.14 4.96
CA THR A 23 -2.14 3.73 4.99
C THR A 23 -0.94 3.51 4.06
N ARG A 24 0.18 3.05 4.65
CA ARG A 24 1.45 2.83 3.92
C ARG A 24 1.60 1.35 3.63
N ILE A 25 2.25 1.02 2.50
CA ILE A 25 2.52 -0.36 2.09
C ILE A 25 3.86 -0.44 1.34
N ASN A 26 4.53 -1.59 1.42
CA ASN A 26 5.68 -1.91 0.57
C ASN A 26 5.19 -2.82 -0.55
N VAL A 27 5.01 -2.24 -1.74
CA VAL A 27 4.58 -2.95 -2.94
C VAL A 27 5.80 -3.53 -3.65
N VAL A 28 5.95 -4.85 -3.63
CA VAL A 28 7.07 -5.56 -4.25
C VAL A 28 6.61 -6.12 -5.59
N ASP A 29 6.94 -5.43 -6.69
CA ASP A 29 6.70 -5.93 -8.05
C ASP A 29 7.47 -7.25 -8.24
N PRO A 30 6.77 -8.42 -8.41
CA PRO A 30 7.41 -9.75 -8.46
C PRO A 30 8.13 -10.03 -9.80
N GLU A 31 7.94 -9.14 -10.78
CA GLU A 31 8.40 -9.34 -12.15
C GLU A 31 9.87 -8.90 -12.27
N THR A 32 10.13 -7.66 -11.85
CA THR A 32 11.48 -7.05 -11.84
C THR A 32 12.10 -7.10 -10.43
N GLY A 33 11.26 -6.99 -9.39
CA GLY A 33 11.71 -6.96 -7.98
C GLY A 33 11.69 -5.55 -7.38
N LYS A 34 11.06 -4.59 -8.11
CA LYS A 34 10.94 -3.18 -7.68
C LYS A 34 10.08 -3.05 -6.42
N VAL A 35 10.69 -2.63 -5.29
CA VAL A 35 9.98 -2.37 -4.03
C VAL A 35 9.85 -0.85 -3.81
N GLU A 36 8.63 -0.38 -3.60
CA GLU A 36 8.33 1.05 -3.35
C GLU A 36 7.34 1.17 -2.18
N ILE A 37 7.56 2.18 -1.31
CA ILE A 37 6.58 2.55 -0.28
C ILE A 37 5.50 3.41 -0.96
N ALA A 38 4.27 2.92 -0.93
CA ALA A 38 3.13 3.53 -1.61
C ALA A 38 2.03 3.82 -0.58
N GLU A 39 1.02 4.56 -1.01
CA GLU A 39 -0.19 4.83 -0.24
C GLU A 39 -1.30 3.95 -0.79
N ILE A 40 -2.00 3.21 0.10
CA ILE A 40 -3.13 2.41 -0.30
C ILE A 40 -4.32 3.35 -0.55
N ARG A 41 -4.69 3.47 -1.83
CA ARG A 41 -5.72 4.39 -2.32
C ARG A 41 -7.11 3.90 -1.89
N ASN A 42 -7.29 2.59 -1.93
CA ASN A 42 -8.58 1.93 -1.69
C ASN A 42 -8.33 0.46 -1.35
N VAL A 43 -9.19 -0.11 -0.52
CA VAL A 43 -9.11 -1.53 -0.11
C VAL A 43 -10.27 -2.26 -0.78
N VAL A 44 -10.01 -2.75 -2.01
CA VAL A 44 -11.00 -3.45 -2.81
C VAL A 44 -10.31 -4.62 -3.54
N GLU A 45 -10.97 -5.78 -3.53
CA GLU A 45 -10.42 -7.01 -4.12
C GLU A 45 -11.01 -7.24 -5.51
N ASN A 46 -12.36 -7.25 -5.55
CA ASN A 46 -13.16 -7.62 -6.73
C ASN A 46 -12.83 -9.06 -7.17
N THR A 47 -12.50 -9.88 -6.16
CA THR A 47 -12.23 -11.31 -6.31
C THR A 47 -13.52 -12.11 -6.08
N ALA A 48 -14.11 -11.96 -4.88
CA ALA A 48 -15.39 -12.57 -4.51
C ALA A 48 -16.04 -11.76 -3.37
N ASN A 49 -16.61 -10.59 -3.76
CA ASN A 49 -17.32 -9.67 -2.85
C ASN A 49 -16.37 -9.08 -1.77
N PRO A 50 -15.79 -7.85 -2.01
CA PRO A 50 -14.84 -7.20 -1.07
C PRO A 50 -15.53 -6.64 0.18
N HIS A 51 -16.83 -6.30 0.05
CA HIS A 51 -17.61 -5.66 1.10
C HIS A 51 -18.34 -6.74 1.94
N PHE A 52 -17.60 -7.32 2.89
CA PHE A 52 -18.13 -8.28 3.89
C PHE A 52 -18.01 -7.70 5.31
N VAL A 53 -17.56 -6.43 5.38
CA VAL A 53 -17.34 -5.68 6.63
C VAL A 53 -17.45 -4.18 6.35
N ARG A 54 -17.91 -3.39 7.35
CA ARG A 54 -18.05 -1.93 7.23
C ARG A 54 -16.67 -1.27 7.02
N ARG A 55 -15.79 -1.38 8.03
CA ARG A 55 -14.42 -0.88 7.94
C ARG A 55 -13.56 -1.92 7.22
N ASN A 56 -12.80 -1.48 6.21
CA ASN A 56 -11.98 -2.36 5.37
C ASN A 56 -10.67 -2.71 6.08
N ILE A 57 -10.79 -3.55 7.14
CA ILE A 57 -9.65 -4.15 7.83
C ILE A 57 -8.78 -4.93 6.83
N ILE A 58 -7.61 -4.35 6.53
CA ILE A 58 -6.62 -4.96 5.64
C ILE A 58 -6.07 -6.22 6.31
N THR A 59 -6.18 -7.35 5.62
CA THR A 59 -5.77 -8.67 6.11
C THR A 59 -4.80 -9.30 5.11
N ARG A 60 -4.05 -10.31 5.58
CA ARG A 60 -3.12 -11.09 4.74
C ARG A 60 -3.96 -11.98 3.77
N GLY A 61 -3.65 -11.89 2.47
CA GLY A 61 -4.44 -12.56 1.42
C GLY A 61 -5.43 -11.62 0.72
N ALA A 62 -5.69 -10.45 1.34
CA ALA A 62 -6.61 -9.45 0.78
C ALA A 62 -5.91 -8.62 -0.31
N VAL A 63 -6.70 -8.10 -1.25
CA VAL A 63 -6.21 -7.22 -2.31
C VAL A 63 -6.46 -5.76 -1.92
N VAL A 64 -5.39 -4.97 -1.92
CA VAL A 64 -5.44 -3.53 -1.69
C VAL A 64 -4.88 -2.80 -2.94
N GLU A 65 -5.53 -1.71 -3.34
CA GLU A 65 -5.13 -0.93 -4.52
C GLU A 65 -4.35 0.31 -4.05
N THR A 66 -3.26 0.62 -4.75
CA THR A 66 -2.29 1.63 -4.32
C THR A 66 -2.01 2.61 -5.48
N ASN A 67 -1.03 3.50 -5.27
CA ASN A 67 -0.54 4.43 -6.31
C ASN A 67 0.21 3.68 -7.43
N LEU A 68 0.49 2.37 -7.22
CA LEU A 68 1.21 1.52 -8.20
C LEU A 68 0.22 0.54 -8.87
N GLY A 69 -0.62 -0.11 -8.05
CA GLY A 69 -1.68 -1.00 -8.56
C GLY A 69 -2.29 -1.85 -7.47
N ASN A 70 -3.02 -2.90 -7.86
CA ASN A 70 -3.61 -3.88 -6.93
C ASN A 70 -2.50 -4.78 -6.36
N VAL A 71 -2.57 -5.09 -5.06
CA VAL A 71 -1.49 -5.77 -4.31
C VAL A 71 -2.07 -6.90 -3.43
N ARG A 72 -1.34 -8.04 -3.32
CA ARG A 72 -1.68 -9.12 -2.37
C ARG A 72 -0.87 -8.88 -1.10
N VAL A 73 -1.54 -8.79 0.05
CA VAL A 73 -0.86 -8.62 1.33
C VAL A 73 -0.24 -9.98 1.74
N THR A 74 1.05 -10.14 1.46
CA THR A 74 1.79 -11.39 1.72
C THR A 74 2.22 -11.50 3.20
N SER A 75 2.63 -10.36 3.77
CA SER A 75 3.07 -10.26 5.17
C SER A 75 1.88 -9.94 6.09
N ARG A 76 2.16 -9.76 7.39
CA ARG A 76 1.15 -9.38 8.38
C ARG A 76 0.95 -7.85 8.35
N PRO A 77 -0.25 -7.36 7.92
CA PRO A 77 -0.51 -5.93 7.65
C PRO A 77 -0.50 -5.07 8.93
N GLY A 78 0.08 -3.85 8.80
CA GLY A 78 0.13 -2.88 9.91
C GLY A 78 1.28 -3.13 10.87
N GLN A 79 2.29 -3.89 10.40
CA GLN A 79 3.51 -4.18 11.19
C GLN A 79 4.36 -2.89 11.30
N ASP A 80 4.29 -2.25 12.49
CA ASP A 80 4.93 -0.94 12.78
C ASP A 80 4.33 0.17 11.90
N GLY A 81 3.00 0.12 11.75
CA GLY A 81 2.27 1.02 10.89
C GLY A 81 2.64 0.96 9.41
N VAL A 82 3.00 -0.24 8.91
CA VAL A 82 3.13 -0.47 7.47
C VAL A 82 2.66 -1.88 7.08
N ILE A 83 2.00 -1.96 5.94
CA ILE A 83 1.56 -3.21 5.31
C ILE A 83 2.66 -3.64 4.32
N ASN A 84 2.88 -4.95 4.12
CA ASN A 84 3.83 -5.44 3.09
C ASN A 84 3.12 -6.44 2.18
N GLY A 85 3.39 -6.33 0.86
CA GLY A 85 2.71 -7.15 -0.13
C GLY A 85 3.42 -7.16 -1.49
N VAL A 86 2.81 -7.80 -2.50
CA VAL A 86 3.40 -7.94 -3.85
C VAL A 86 2.40 -7.46 -4.93
N LEU A 87 2.92 -6.80 -5.99
CA LEU A 87 2.09 -6.26 -7.08
C LEU A 87 1.46 -7.41 -7.91
N ILE A 88 0.14 -7.32 -8.14
CA ILE A 88 -0.66 -8.35 -8.83
C ILE A 88 -1.56 -7.71 -9.90
N ARG A 89 -2.19 -8.56 -10.74
CA ARG A 89 -3.15 -8.11 -11.77
C ARG A 89 -4.56 -8.60 -11.37
N GLU A 90 -5.34 -7.73 -10.69
CA GLU A 90 -6.78 -7.99 -10.42
C GLU A 90 -7.62 -7.11 -11.33
N LEU A 91 -7.44 -5.80 -11.14
CA LEU A 91 -8.05 -4.78 -11.99
C LEU A 91 -7.02 -4.30 -12.99
N GLU A 92 -7.36 -4.33 -14.28
CA GLU A 92 -6.47 -3.82 -15.34
C GLU A 92 -6.47 -2.26 -15.31
N HIS A 93 -5.42 -1.70 -14.70
CA HIS A 93 -5.25 -0.23 -14.61
C HIS A 93 -5.04 0.36 -16.00
N HIS A 94 -5.62 1.54 -16.25
CA HIS A 94 -5.62 2.18 -17.57
C HIS A 94 -4.84 3.50 -17.52
N HIS A 95 -3.55 3.46 -17.94
CA HIS A 95 -2.73 4.66 -18.18
C HIS A 95 -2.08 4.58 -19.60
N HIS A 96 -2.24 3.42 -20.27
CA HIS A 96 -1.80 3.23 -21.68
C HIS A 96 -2.69 4.08 -22.61
N HIS A 97 -3.93 4.33 -22.14
CA HIS A 97 -4.95 5.13 -22.84
C HIS A 97 -4.47 6.57 -23.04
N HIS A 98 -3.94 7.18 -21.96
CA HIS A 98 -3.48 8.59 -21.97
C HIS A 98 -2.41 8.78 -20.87
#